data_5UDT
#
_entry.id   5UDT
#
_cell.length_a   166.299
_cell.length_b   166.299
_cell.length_c   124.925
_cell.angle_alpha   90.000
_cell.angle_beta   90.000
_cell.angle_gamma   120.000
#
_symmetry.space_group_name_H-M   'P 31 2 1'
#
loop_
_entity.id
_entity.type
_entity.pdbx_description
1 polymer 'Lactate racemization operon protein LarE'
2 non-polymer 'ADENOSINE MONOPHOSPHATE'
3 non-polymer 'PHOSPHATE ION'
#
_entity_poly.entity_id   1
_entity_poly.type   'polypeptide(L)'
_entity_poly.pdbx_seq_one_letter_code
;MATLATKKATLVAALKDLQRVTVAFSGGIDSTLVLKMALDVLGRDNVTAVVANSELFTDEEFDKAMSLAEELGANVQGTT
LDYLSDDHIKNNTPDSWYYAKKMFYSRLNDIAANNGSAAVLDGMIKNDENDYRPGLKARSEAGARSLLQEADFFKTDVRA
LAQELGLTNWNKVASCSVSSRFPYGTTLTHDNIAQVMAAEKYLRSLGFPTVRVRFHNDIARIELPEARIGDFLVFNDRVN
RQLQSLGFRYVTLDLGGFRSGRMNDTLTKAQLATFAASWSHPQFEK
;
_entity_poly.pdbx_strand_id   A,B,C,D,E,F
#
# COMPACT_ATOMS: atom_id res chain seq x y z
N THR A 3 32.82 -3.87 35.34
CA THR A 3 33.85 -4.06 34.32
C THR A 3 33.65 -3.08 33.18
N LEU A 4 32.56 -2.31 33.23
CA LEU A 4 32.39 -1.24 32.25
C LEU A 4 33.53 -0.24 32.37
N ALA A 5 33.96 0.06 33.59
CA ALA A 5 35.10 0.93 33.81
C ALA A 5 36.42 0.19 33.72
N THR A 6 36.41 -1.15 33.84
CA THR A 6 37.61 -1.93 33.54
C THR A 6 37.91 -1.95 32.04
N LYS A 7 36.92 -1.66 31.18
CA LYS A 7 37.12 -1.45 29.75
C LYS A 7 37.33 0.03 29.40
N LYS A 8 37.01 0.94 30.32
CA LYS A 8 37.30 2.35 30.10
C LYS A 8 38.75 2.68 30.41
N ALA A 9 39.27 2.19 31.55
CA ALA A 9 40.65 2.44 31.90
C ALA A 9 41.60 1.87 30.87
N THR A 10 41.31 0.66 30.35
CA THR A 10 42.13 0.09 29.27
C THR A 10 42.11 0.99 28.04
N LEU A 11 41.02 1.72 27.83
CA LEU A 11 40.94 2.65 26.70
C LEU A 11 41.79 3.90 26.97
N VAL A 12 41.73 4.44 28.19
CA VAL A 12 42.44 5.67 28.51
C VAL A 12 43.95 5.45 28.62
N ALA A 13 44.36 4.30 29.17
CA ALA A 13 45.78 4.05 29.41
C ALA A 13 46.60 3.99 28.13
N ALA A 14 46.02 3.47 27.04
CA ALA A 14 46.76 3.38 25.79
C ALA A 14 47.07 4.75 25.20
N LEU A 15 46.22 5.73 25.49
CA LEU A 15 46.41 7.07 24.94
C LEU A 15 47.63 7.76 25.52
N LYS A 16 47.83 7.64 26.84
CA LYS A 16 48.97 8.30 27.47
C LYS A 16 50.30 7.80 26.90
N ASP A 17 50.39 6.50 26.61
CA ASP A 17 51.62 5.94 26.04
C ASP A 17 51.89 6.53 24.66
N LEU A 18 50.82 6.84 23.90
CA LEU A 18 50.96 7.45 22.58
C LEU A 18 51.24 8.95 22.65
N GLN A 19 50.81 9.62 23.73
CA GLN A 19 51.05 11.04 23.96
C GLN A 19 50.39 11.92 22.89
N ARG A 20 50.56 11.59 21.59
CA ARG A 20 49.96 12.38 20.50
C ARG A 20 49.37 11.48 19.42
N VAL A 21 48.25 11.93 18.82
CA VAL A 21 47.45 11.12 17.91
C VAL A 21 46.69 12.03 16.95
N THR A 22 46.18 11.44 15.88
CA THR A 22 45.37 12.16 14.89
C THR A 22 44.18 11.27 14.52
N VAL A 23 42.97 11.65 14.93
CA VAL A 23 41.82 10.75 14.94
C VAL A 23 40.94 11.02 13.73
N ALA A 24 40.58 9.96 13.01
CA ALA A 24 39.72 10.05 11.83
C ALA A 24 38.27 10.01 12.26
N PHE A 25 37.61 11.16 12.22
CA PHE A 25 36.25 11.31 12.73
C PHE A 25 35.27 11.29 11.55
N SER A 26 34.21 10.48 11.70
CA SER A 26 33.22 10.28 10.67
C SER A 26 31.83 10.76 11.09
N GLY A 27 31.70 11.23 12.33
CA GLY A 27 30.44 11.67 12.89
C GLY A 27 29.65 10.63 13.64
N GLY A 28 29.92 9.35 13.42
CA GLY A 28 29.19 8.32 14.12
C GLY A 28 29.48 8.30 15.61
N ILE A 29 28.62 7.59 16.35
CA ILE A 29 28.80 7.48 17.80
C ILE A 29 30.18 6.93 18.11
N ASP A 30 30.62 5.93 17.33
CA ASP A 30 31.90 5.25 17.55
C ASP A 30 33.09 6.17 17.31
N SER A 31 33.13 6.83 16.15
CA SER A 31 34.21 7.77 15.87
C SER A 31 34.21 8.94 16.85
N THR A 32 33.04 9.31 17.37
CA THR A 32 32.93 10.46 18.28
C THR A 32 33.49 10.16 19.67
N LEU A 33 33.11 9.01 20.27
CA LEU A 33 33.67 8.66 21.57
C LEU A 33 35.19 8.57 21.51
N VAL A 34 35.75 8.23 20.34
CA VAL A 34 37.20 8.23 20.20
C VAL A 34 37.75 9.66 20.32
N LEU A 35 37.13 10.61 19.63
CA LEU A 35 37.64 11.97 19.66
C LEU A 35 37.49 12.60 21.04
N LYS A 36 36.33 12.41 21.68
CA LYS A 36 36.12 13.00 23.00
C LYS A 36 37.08 12.45 24.04
N MET A 37 37.33 11.14 24.01
CA MET A 37 38.24 10.53 24.99
C MET A 37 39.68 10.95 24.75
N ALA A 38 40.08 11.07 23.48
CA ALA A 38 41.43 11.54 23.18
C ALA A 38 41.61 13.00 23.55
N LEU A 39 40.56 13.81 23.35
CA LEU A 39 40.62 15.20 23.81
C LEU A 39 40.72 15.28 25.32
N ASP A 40 39.95 14.45 26.02
CA ASP A 40 39.97 14.44 27.48
C ASP A 40 41.23 13.79 28.06
N VAL A 41 41.94 13.01 27.26
CA VAL A 41 43.13 12.28 27.72
C VAL A 41 44.41 12.95 27.24
N LEU A 42 44.48 13.31 25.96
CA LEU A 42 45.71 13.85 25.36
C LEU A 42 45.69 15.36 25.22
N GLY A 43 44.54 16.01 25.39
CA GLY A 43 44.46 17.45 25.33
C GLY A 43 44.10 17.97 23.94
N ARG A 44 43.60 19.21 23.92
CA ARG A 44 43.15 19.82 22.68
C ARG A 44 44.29 20.03 21.69
N ASP A 45 45.52 20.16 22.19
CA ASP A 45 46.66 20.43 21.33
C ASP A 45 47.33 19.19 20.76
N ASN A 46 47.08 18.01 21.31
CA ASN A 46 47.75 16.79 20.88
C ASN A 46 46.89 15.86 20.02
N VAL A 47 45.69 16.29 19.61
CA VAL A 47 44.81 15.46 18.79
C VAL A 47 44.33 16.28 17.60
N THR A 48 44.44 15.73 16.39
CA THR A 48 44.06 16.40 15.16
C THR A 48 42.97 15.59 14.49
N ALA A 49 41.84 16.23 14.19
CA ALA A 49 40.67 15.56 13.63
C ALA A 49 40.63 15.71 12.11
N VAL A 50 40.39 14.59 11.42
CA VAL A 50 40.36 14.55 9.97
C VAL A 50 39.04 13.96 9.53
N VAL A 51 38.33 14.65 8.64
CA VAL A 51 37.13 14.14 7.99
C VAL A 51 37.39 14.18 6.49
N ALA A 52 37.09 13.07 5.80
CA ALA A 52 37.35 12.95 4.38
C ALA A 52 36.08 13.15 3.55
N ASN A 53 36.15 14.05 2.58
CA ASN A 53 35.12 14.15 1.57
C ASN A 53 35.60 13.47 0.30
N SER A 54 34.67 13.07 -0.54
CA SER A 54 35.00 12.35 -1.76
C SER A 54 33.81 12.38 -2.70
N GLU A 55 34.02 11.83 -3.89
CA GLU A 55 32.92 11.75 -4.85
C GLU A 55 31.95 10.65 -4.47
N LEU A 56 32.37 9.72 -3.61
CA LEU A 56 31.56 8.56 -3.26
C LEU A 56 30.62 8.82 -2.11
N PHE A 57 30.74 9.97 -1.45
CA PHE A 57 29.91 10.28 -0.31
C PHE A 57 29.33 11.66 -0.54
N THR A 58 28.06 11.82 -0.15
CA THR A 58 27.41 13.12 -0.24
C THR A 58 28.12 14.13 0.64
N ASP A 59 28.16 15.37 0.16
CA ASP A 59 28.75 16.44 0.98
C ASP A 59 27.92 16.69 2.23
N GLU A 60 26.62 16.39 2.18
CA GLU A 60 25.78 16.46 3.38
C GLU A 60 26.38 15.64 4.51
N GLU A 61 26.83 14.42 4.23
CA GLU A 61 27.49 13.62 5.26
C GLU A 61 28.83 14.24 5.63
N PHE A 62 29.58 14.71 4.63
CA PHE A 62 30.86 15.34 4.91
C PHE A 62 30.68 16.60 5.76
N ASP A 63 29.78 17.49 5.34
CA ASP A 63 29.63 18.75 6.06
C ASP A 63 29.07 18.51 7.45
N LYS A 64 28.22 17.49 7.63
CA LYS A 64 27.67 17.19 8.95
C LYS A 64 28.73 16.65 9.91
N ALA A 65 29.76 15.99 9.38
CA ALA A 65 30.84 15.50 10.24
C ALA A 65 31.74 16.65 10.70
N MET A 66 32.00 17.60 9.81
CA MET A 66 32.81 18.75 10.19
C MET A 66 32.13 19.57 11.27
N SER A 67 30.80 19.69 11.20
CA SER A 67 30.07 20.40 12.25
C SER A 67 30.15 19.63 13.56
N LEU A 68 30.03 18.29 13.50
CA LEU A 68 30.09 17.48 14.71
C LEU A 68 31.47 17.57 15.38
N ALA A 69 32.50 17.85 14.59
CA ALA A 69 33.83 18.04 15.14
C ALA A 69 34.01 19.41 15.79
N GLU A 70 33.49 20.46 15.14
CA GLU A 70 33.58 21.80 15.70
C GLU A 70 32.79 21.92 17.01
N GLU A 71 31.64 21.24 17.08
CA GLU A 71 30.87 21.25 18.32
C GLU A 71 31.61 20.50 19.42
N LEU A 72 32.32 19.42 19.07
CA LEU A 72 33.12 18.71 20.06
C LEU A 72 34.35 19.51 20.51
N GLY A 73 34.82 20.43 19.68
CA GLY A 73 35.93 21.31 20.04
C GLY A 73 37.33 20.94 19.56
N ALA A 74 37.46 20.07 18.56
CA ALA A 74 38.79 19.70 18.09
C ALA A 74 39.18 20.56 16.90
N ASN A 75 40.49 20.69 16.69
CA ASN A 75 40.96 21.28 15.45
C ASN A 75 40.73 20.25 14.35
N VAL A 76 39.66 20.45 13.58
CA VAL A 76 39.22 19.48 12.59
C VAL A 76 39.64 19.98 11.22
N GLN A 77 39.97 19.04 10.35
CA GLN A 77 40.50 19.37 9.04
C GLN A 77 40.00 18.36 8.03
N GLY A 78 39.51 18.86 6.89
CA GLY A 78 39.06 17.99 5.82
C GLY A 78 40.14 17.70 4.81
N THR A 79 40.01 16.55 4.15
CA THR A 79 40.90 16.15 3.07
C THR A 79 40.05 15.52 1.99
N THR A 80 40.46 15.72 0.74
CA THR A 80 39.68 15.29 -0.41
C THR A 80 40.43 14.19 -1.14
N LEU A 81 39.79 13.05 -1.29
CA LEU A 81 40.40 11.90 -1.92
C LEU A 81 39.86 11.78 -3.33
N ASP A 82 40.77 11.69 -4.31
CA ASP A 82 40.37 11.45 -5.70
C ASP A 82 40.29 9.95 -5.89
N TYR A 83 39.19 9.39 -5.41
CA TYR A 83 39.04 7.95 -5.43
C TYR A 83 39.08 7.41 -6.85
N LEU A 84 38.58 8.17 -7.82
CA LEU A 84 38.57 7.71 -9.21
C LEU A 84 39.94 7.73 -9.90
N SER A 85 41.00 8.26 -9.26
CA SER A 85 42.32 8.15 -9.86
C SER A 85 42.81 6.70 -9.89
N ASP A 86 42.54 5.94 -8.82
CA ASP A 86 42.83 4.51 -8.81
C ASP A 86 41.89 3.80 -9.77
N ASP A 87 42.46 3.09 -10.73
CA ASP A 87 41.63 2.47 -11.76
C ASP A 87 40.79 1.34 -11.19
N HIS A 88 41.16 0.82 -10.02
CA HIS A 88 40.36 -0.23 -9.39
C HIS A 88 39.00 0.32 -9.00
N ILE A 89 38.99 1.43 -8.27
CA ILE A 89 37.73 2.03 -7.88
C ILE A 89 36.96 2.51 -9.10
N LYS A 90 37.65 3.11 -10.08
CA LYS A 90 36.94 3.69 -11.23
C LYS A 90 36.18 2.62 -11.99
N ASN A 91 36.80 1.46 -12.19
CA ASN A 91 36.18 0.35 -12.92
C ASN A 91 35.36 -0.60 -12.04
N ASN A 92 35.32 -0.39 -10.72
CA ASN A 92 34.48 -1.17 -9.80
C ASN A 92 34.79 -2.68 -9.91
N THR A 93 36.04 -3.02 -9.62
CA THR A 93 36.38 -4.40 -9.37
C THR A 93 35.69 -4.82 -8.10
N PRO A 94 35.41 -6.11 -7.93
CA PRO A 94 34.77 -6.52 -6.68
C PRO A 94 35.59 -6.24 -5.43
N ASP A 95 36.91 -6.21 -5.49
CA ASP A 95 37.67 -5.83 -4.31
C ASP A 95 37.88 -4.33 -4.18
N SER A 96 37.25 -3.51 -5.02
CA SER A 96 37.49 -2.06 -5.02
C SER A 96 37.18 -1.42 -3.67
N TRP A 97 36.38 -2.06 -2.84
CA TRP A 97 36.15 -1.54 -1.49
C TRP A 97 37.43 -1.51 -0.68
N TYR A 98 38.35 -2.45 -0.93
CA TYR A 98 39.63 -2.45 -0.22
C TYR A 98 40.53 -1.35 -0.75
N TYR A 99 40.77 -1.33 -2.07
CA TYR A 99 41.72 -0.38 -2.65
C TYR A 99 41.34 1.06 -2.36
N ALA A 100 40.05 1.32 -2.16
CA ALA A 100 39.65 2.66 -1.76
C ALA A 100 40.00 2.92 -0.29
N LYS A 101 39.72 1.96 0.60
CA LYS A 101 40.03 2.20 2.00
C LYS A 101 41.53 2.35 2.21
N LYS A 102 42.35 1.65 1.42
CA LYS A 102 43.80 1.83 1.55
C LYS A 102 44.22 3.27 1.24
N MET A 103 43.68 3.85 0.17
CA MET A 103 44.03 5.23 -0.16
C MET A 103 43.60 6.16 0.95
N PHE A 104 42.54 5.81 1.64
CA PHE A 104 42.07 6.61 2.76
C PHE A 104 43.06 6.58 3.91
N TYR A 105 43.43 5.38 4.36
CA TYR A 105 44.40 5.29 5.43
C TYR A 105 45.78 5.74 4.95
N SER A 106 46.03 5.73 3.64
CA SER A 106 47.29 6.26 3.12
C SER A 106 47.41 7.75 3.42
N ARG A 107 46.40 8.52 3.03
CA ARG A 107 46.38 9.94 3.33
C ARG A 107 46.35 10.19 4.82
N LEU A 108 45.66 9.32 5.58
CA LEU A 108 45.58 9.49 7.02
C LEU A 108 46.95 9.35 7.65
N ASN A 109 47.74 8.38 7.20
CA ASN A 109 49.10 8.27 7.70
C ASN A 109 49.95 9.45 7.27
N ASP A 110 49.59 10.12 6.18
CA ASP A 110 50.37 11.26 5.71
C ASP A 110 50.07 12.54 6.48
N ILE A 111 48.80 12.82 6.76
CA ILE A 111 48.49 14.02 7.52
C ILE A 111 49.00 13.90 8.95
N ALA A 112 48.96 12.69 9.52
CA ALA A 112 49.40 12.52 10.90
C ALA A 112 50.92 12.54 11.02
N ALA A 113 51.62 11.97 10.03
CA ALA A 113 53.08 11.99 10.05
C ALA A 113 53.59 13.42 9.95
N ASN A 114 52.91 14.27 9.17
CA ASN A 114 53.27 15.68 9.12
C ASN A 114 52.91 16.36 10.43
N ASN A 115 51.85 15.87 11.10
CA ASN A 115 51.43 16.37 12.40
C ASN A 115 52.30 15.76 13.49
N GLY A 116 52.08 16.21 14.73
CA GLY A 116 52.79 15.63 15.84
C GLY A 116 52.33 14.22 16.20
N SER A 117 51.25 13.75 15.59
CA SER A 117 50.69 12.45 15.94
C SER A 117 51.68 11.33 15.65
N ALA A 118 51.60 10.27 16.47
CA ALA A 118 52.41 9.06 16.28
C ALA A 118 51.71 8.08 15.33
N ALA A 119 50.44 7.81 15.57
CA ALA A 119 49.63 6.96 14.71
C ALA A 119 48.23 7.55 14.58
N VAL A 120 47.45 6.97 13.67
CA VAL A 120 46.08 7.37 13.39
C VAL A 120 45.12 6.39 14.04
N LEU A 121 44.11 6.91 14.73
CA LEU A 121 43.09 6.12 15.42
C LEU A 121 41.77 6.17 14.65
N ASP A 122 41.11 5.01 14.50
CA ASP A 122 39.75 4.93 13.95
C ASP A 122 38.75 4.40 14.99
N GLY A 123 37.46 4.49 14.64
CA GLY A 123 36.40 4.11 15.55
C GLY A 123 35.68 2.78 15.29
N MET A 124 36.41 1.74 14.87
CA MET A 124 35.83 0.41 14.73
C MET A 124 35.76 -0.26 16.10
N ILE A 125 34.76 -1.10 16.28
CA ILE A 125 34.44 -1.80 17.51
C ILE A 125 34.46 -3.32 17.38
N LYS A 126 34.53 -4.00 18.51
CA LYS A 126 34.69 -5.46 18.59
C LYS A 126 33.61 -6.08 17.80
N ASN A 127 32.53 -5.36 17.68
CA ASN A 127 31.43 -5.91 16.86
C ASN A 127 31.84 -6.04 15.40
N ASP A 128 32.52 -4.99 14.89
CA ASP A 128 33.12 -4.99 13.56
C ASP A 128 34.42 -5.79 13.51
N GLU A 129 34.55 -6.76 14.42
CA GLU A 129 35.67 -7.67 14.54
C GLU A 129 35.49 -8.88 13.63
N ASN A 130 34.94 -8.64 12.44
CA ASN A 130 34.75 -9.72 11.48
C ASN A 130 35.92 -9.77 10.53
N ASP A 131 36.25 -10.98 10.08
CA ASP A 131 37.32 -11.12 9.13
C ASP A 131 36.89 -10.65 7.75
N TYR A 132 35.58 -10.57 7.52
CA TYR A 132 35.01 -10.15 6.27
C TYR A 132 34.64 -8.68 6.26
N ARG A 133 34.78 -7.99 7.39
CA ARG A 133 34.67 -6.54 7.39
C ARG A 133 35.83 -5.95 6.60
N PRO A 134 35.56 -5.03 5.65
CA PRO A 134 36.57 -4.70 4.62
C PRO A 134 37.70 -3.79 5.08
N GLY A 135 37.32 -2.77 5.87
CA GLY A 135 38.24 -1.70 6.21
C GLY A 135 39.32 -2.08 7.20
N LEU A 136 39.14 -3.18 7.94
CA LEU A 136 40.16 -3.61 8.87
C LEU A 136 41.46 -3.94 8.14
N LYS A 137 41.36 -4.65 7.02
CA LYS A 137 42.55 -5.08 6.28
C LYS A 137 43.47 -3.89 6.05
N ALA A 138 43.00 -2.90 5.29
CA ALA A 138 43.81 -1.72 5.01
C ALA A 138 44.29 -1.06 6.29
N ARG A 139 43.47 -1.06 7.34
CA ARG A 139 43.86 -0.42 8.59
C ARG A 139 45.07 -1.11 9.20
N SER A 140 45.04 -2.44 9.33
CA SER A 140 46.18 -3.13 9.91
C SER A 140 47.38 -3.13 8.99
N GLU A 141 47.20 -2.72 7.74
CA GLU A 141 48.29 -2.58 6.78
C GLU A 141 48.89 -1.19 6.93
N ALA A 142 48.02 -0.17 6.97
CA ALA A 142 48.48 1.20 7.14
C ALA A 142 48.91 1.49 8.57
N GLY A 143 48.89 0.48 9.44
CA GLY A 143 49.34 0.65 10.80
C GLY A 143 48.53 1.59 11.65
N ALA A 144 47.22 1.66 11.41
CA ALA A 144 46.31 2.43 12.25
C ALA A 144 45.80 1.52 13.37
N ARG A 145 44.92 2.04 14.22
CA ARG A 145 44.46 1.25 15.35
C ARG A 145 43.01 1.55 15.68
N SER A 146 42.24 0.49 15.93
CA SER A 146 40.85 0.59 16.38
C SER A 146 40.88 0.34 17.89
N LEU A 147 41.01 1.44 18.64
CA LEU A 147 41.34 1.36 20.06
C LEU A 147 40.18 0.87 20.90
N LEU A 148 38.95 1.25 20.53
CA LEU A 148 37.78 0.75 21.26
C LEU A 148 37.64 -0.76 21.09
N GLN A 149 37.95 -1.27 19.91
CA GLN A 149 37.94 -2.70 19.67
C GLN A 149 38.99 -3.42 20.51
N GLU A 150 40.10 -2.75 20.79
CA GLU A 150 41.17 -3.33 21.60
C GLU A 150 40.87 -3.25 23.10
N ALA A 151 40.20 -2.18 23.54
CA ALA A 151 39.84 -2.00 24.95
C ALA A 151 38.56 -2.73 25.33
N ASP A 152 38.03 -3.55 24.43
CA ASP A 152 36.88 -4.43 24.67
C ASP A 152 35.52 -3.74 24.80
N PHE A 153 35.14 -2.95 23.79
CA PHE A 153 33.80 -2.38 23.73
C PHE A 153 32.94 -3.13 22.72
N PHE A 154 31.73 -3.52 23.13
CA PHE A 154 30.71 -4.04 22.22
C PHE A 154 29.73 -2.91 21.85
N LYS A 155 28.71 -3.25 21.06
CA LYS A 155 27.80 -2.23 20.56
C LYS A 155 26.97 -1.57 21.67
N THR A 156 26.54 -2.33 22.68
CA THR A 156 25.80 -1.71 23.78
C THR A 156 26.76 -1.15 24.82
N ASP A 157 27.94 -1.74 24.95
CA ASP A 157 28.98 -1.24 25.84
C ASP A 157 29.48 0.14 25.42
N VAL A 158 29.29 0.54 24.15
CA VAL A 158 29.67 1.90 23.73
C VAL A 158 28.60 2.92 24.12
N ARG A 159 27.32 2.53 24.06
CA ARG A 159 26.27 3.45 24.49
C ARG A 159 26.43 3.83 25.95
N ALA A 160 26.88 2.88 26.78
CA ALA A 160 26.98 3.13 28.22
C ALA A 160 28.10 4.12 28.54
N LEU A 161 29.19 4.11 27.76
CA LEU A 161 30.18 5.16 27.92
C LEU A 161 29.72 6.45 27.27
N ALA A 162 28.99 6.36 26.15
CA ALA A 162 28.42 7.55 25.54
C ALA A 162 27.37 8.16 26.44
N GLN A 163 26.45 7.34 26.96
CA GLN A 163 25.42 7.81 27.86
C GLN A 163 26.00 8.28 29.19
N GLU A 164 27.28 7.99 29.45
CA GLU A 164 27.95 8.45 30.66
C GLU A 164 28.89 9.63 30.47
N LEU A 165 29.24 9.98 29.23
CA LEU A 165 29.94 11.23 28.98
C LEU A 165 29.00 12.33 28.53
N GLY A 166 27.68 12.10 28.65
CA GLY A 166 26.67 13.04 28.20
C GLY A 166 26.71 13.22 26.70
N LEU A 167 27.40 12.29 26.04
CA LEU A 167 27.57 12.35 24.60
C LEU A 167 26.29 11.99 23.87
N THR A 168 26.08 12.80 22.86
CA THR A 168 24.99 12.76 21.92
C THR A 168 25.35 13.63 20.76
N ASN A 169 24.36 13.97 19.97
CA ASN A 169 24.57 14.78 18.79
C ASN A 169 25.62 14.19 17.89
N TRP A 170 25.39 12.95 17.51
CA TRP A 170 26.22 12.21 16.59
C TRP A 170 25.36 11.85 15.41
N ASN A 171 25.97 11.58 14.28
CA ASN A 171 25.25 11.19 13.07
C ASN A 171 24.63 9.80 13.25
N LYS A 172 23.31 9.74 13.11
CA LYS A 172 22.52 8.52 13.21
C LYS A 172 22.23 7.88 11.87
N VAL A 173 22.00 8.67 10.82
CA VAL A 173 21.72 8.15 9.47
C VAL A 173 23.00 7.60 8.80
N ALA A 174 23.05 6.29 8.55
CA ALA A 174 24.25 5.61 8.03
C ALA A 174 24.40 5.70 6.51
N SER A 175 25.66 5.58 6.05
CA SER A 175 26.08 5.81 4.67
C SER A 175 26.69 4.56 4.01
N CYS A 176 26.70 4.58 2.65
CA CYS A 176 27.45 3.64 1.80
C CYS A 176 28.24 4.36 0.72
N SER A 177 29.35 3.75 0.33
CA SER A 177 30.03 4.23 -0.86
C SER A 177 29.05 4.10 -2.02
N VAL A 178 28.92 5.16 -2.80
CA VAL A 178 27.99 5.16 -3.90
C VAL A 178 28.33 4.12 -4.96
N SER A 179 29.51 3.51 -4.88
CA SER A 179 29.86 2.47 -5.84
C SER A 179 28.94 1.26 -5.74
N SER A 180 28.20 1.10 -4.65
CA SER A 180 27.29 -0.01 -4.54
C SER A 180 26.14 0.05 -5.52
N ARG A 181 25.92 1.19 -6.15
CA ARG A 181 24.86 1.36 -7.13
C ARG A 181 25.30 0.93 -8.50
N PHE A 182 26.57 0.65 -8.66
CA PHE A 182 27.05 0.25 -9.94
C PHE A 182 27.43 -1.21 -9.92
N PRO A 183 26.94 -1.95 -10.90
CA PRO A 183 27.37 -3.33 -11.06
C PRO A 183 28.88 -3.45 -11.27
N TYR A 184 29.40 -4.62 -10.93
CA TYR A 184 30.83 -4.88 -11.09
C TYR A 184 31.21 -4.81 -12.56
N GLY A 185 32.16 -3.92 -12.89
CA GLY A 185 32.63 -3.75 -14.24
C GLY A 185 32.29 -2.40 -14.85
N THR A 186 31.16 -1.82 -14.46
CA THR A 186 30.79 -0.50 -14.94
C THR A 186 31.79 0.55 -14.46
N THR A 187 32.21 1.45 -15.37
CA THR A 187 33.17 2.48 -15.01
C THR A 187 32.45 3.69 -14.41
N LEU A 188 32.98 4.17 -13.28
CA LEU A 188 32.40 5.28 -12.55
C LEU A 188 32.98 6.60 -13.04
N THR A 189 32.12 7.48 -13.54
CA THR A 189 32.49 8.84 -13.88
C THR A 189 31.79 9.82 -12.94
N HIS A 190 32.34 11.02 -12.88
CA HIS A 190 31.68 12.08 -12.15
C HIS A 190 30.25 12.22 -12.64
N ASP A 191 30.04 12.10 -13.96
CA ASP A 191 28.71 12.30 -14.53
C ASP A 191 27.73 11.28 -13.99
N ASN A 192 28.02 9.99 -14.15
CA ASN A 192 26.99 9.04 -13.75
C ASN A 192 26.88 8.99 -12.23
N ILE A 193 27.97 9.24 -11.50
CA ILE A 193 27.88 9.32 -10.05
C ILE A 193 26.93 10.45 -9.66
N ALA A 194 27.08 11.58 -10.33
CA ALA A 194 26.17 12.68 -10.07
C ALA A 194 24.76 12.28 -10.41
N GLN A 195 24.59 11.58 -11.51
CA GLN A 195 23.26 11.16 -11.93
C GLN A 195 22.63 10.23 -10.91
N VAL A 196 23.41 9.33 -10.32
CA VAL A 196 22.82 8.40 -9.36
C VAL A 196 22.41 9.14 -8.11
N MET A 197 23.31 9.99 -7.59
CA MET A 197 23.06 10.72 -6.34
C MET A 197 21.93 11.75 -6.49
N ALA A 198 21.74 12.31 -7.69
CA ALA A 198 20.62 13.19 -7.94
C ALA A 198 19.31 12.41 -7.92
N ALA A 199 19.26 11.30 -8.65
CA ALA A 199 18.05 10.49 -8.67
C ALA A 199 17.65 10.06 -7.27
N GLU A 200 18.61 9.68 -6.42
CA GLU A 200 18.26 9.23 -5.08
C GLU A 200 17.79 10.38 -4.18
N LYS A 201 18.42 11.55 -4.27
CA LYS A 201 17.95 12.67 -3.44
C LYS A 201 16.51 13.00 -3.77
N TYR A 202 16.15 12.96 -5.04
CA TYR A 202 14.77 13.20 -5.42
C TYR A 202 13.86 12.16 -4.80
N LEU A 203 14.23 10.88 -4.86
CA LEU A 203 13.39 9.85 -4.25
C LEU A 203 13.20 10.05 -2.75
N ARG A 204 14.28 10.40 -2.03
CA ARG A 204 14.13 10.61 -0.59
C ARG A 204 13.22 11.79 -0.29
N SER A 205 13.34 12.87 -1.06
CA SER A 205 12.57 14.05 -0.78
C SER A 205 11.09 13.83 -1.00
N LEU A 206 10.71 12.74 -1.66
CA LEU A 206 9.30 12.36 -1.76
C LEU A 206 8.86 11.58 -0.53
N GLY A 207 9.75 11.39 0.43
CA GLY A 207 9.45 10.66 1.65
C GLY A 207 9.91 9.22 1.68
N PHE A 208 11.01 8.89 1.04
CA PHE A 208 11.50 7.52 1.06
C PHE A 208 12.98 7.57 1.44
N PRO A 209 13.30 7.55 2.73
CA PRO A 209 14.71 7.64 3.13
C PRO A 209 15.54 6.44 2.75
N THR A 210 14.97 5.25 2.75
CA THR A 210 15.70 4.06 2.36
C THR A 210 15.36 3.77 0.91
N VAL A 211 16.33 3.99 0.03
CA VAL A 211 16.08 3.83 -1.39
C VAL A 211 17.43 3.71 -2.07
N ARG A 212 17.47 2.93 -3.15
CA ARG A 212 18.64 2.79 -4.01
C ARG A 212 18.19 2.92 -5.45
N VAL A 213 18.91 3.76 -6.19
CA VAL A 213 18.80 3.84 -7.64
C VAL A 213 20.02 3.13 -8.16
N ARG A 214 19.80 1.93 -8.68
CA ARG A 214 20.88 1.10 -9.20
C ARG A 214 21.06 1.45 -10.66
N PHE A 215 22.32 1.59 -11.07
CA PHE A 215 22.68 2.12 -12.37
C PHE A 215 22.91 0.96 -13.34
N HIS A 216 22.20 0.99 -14.48
CA HIS A 216 22.34 0.02 -15.55
C HIS A 216 22.35 0.74 -16.90
N ASN A 217 23.36 1.58 -17.12
CA ASN A 217 23.43 2.41 -18.32
C ASN A 217 22.14 3.22 -18.50
N ASP A 218 21.28 2.79 -19.41
CA ASP A 218 20.06 3.52 -19.73
C ASP A 218 18.89 3.19 -18.80
N ILE A 219 18.97 2.12 -18.01
CA ILE A 219 17.88 1.67 -17.17
C ILE A 219 18.22 2.01 -15.73
N ALA A 220 17.30 2.71 -15.07
CA ALA A 220 17.36 2.91 -13.64
C ALA A 220 16.52 1.86 -12.93
N ARG A 221 17.09 1.23 -11.93
CA ARG A 221 16.38 0.17 -11.23
C ARG A 221 16.28 0.61 -9.79
N ILE A 222 15.06 0.87 -9.34
CA ILE A 222 14.81 1.47 -8.02
C ILE A 222 14.52 0.37 -7.01
N GLU A 223 15.27 0.36 -5.90
CA GLU A 223 15.01 -0.53 -4.78
C GLU A 223 14.38 0.26 -3.64
N LEU A 224 13.10 -0.04 -3.34
CA LEU A 224 12.38 0.52 -2.22
C LEU A 224 12.08 -0.58 -1.21
N PRO A 225 11.91 -0.27 0.08
CA PRO A 225 11.43 -1.31 1.00
C PRO A 225 10.02 -1.72 0.61
N GLU A 226 9.80 -3.03 0.47
CA GLU A 226 8.57 -3.50 -0.16
C GLU A 226 7.30 -2.93 0.45
N ALA A 227 7.25 -2.75 1.77
CA ALA A 227 6.06 -2.17 2.40
C ALA A 227 5.69 -0.78 1.85
N ARG A 228 6.62 -0.08 1.19
CA ARG A 228 6.35 1.27 0.70
C ARG A 228 5.95 1.30 -0.76
N ILE A 229 6.08 0.18 -1.47
CA ILE A 229 5.76 0.17 -2.89
C ILE A 229 4.28 0.47 -3.09
N GLY A 230 3.45 0.19 -2.09
CA GLY A 230 2.06 0.60 -2.19
C GLY A 230 1.90 2.10 -2.19
N ASP A 231 2.63 2.75 -1.29
CA ASP A 231 2.58 4.19 -1.13
C ASP A 231 3.31 4.91 -2.25
N PHE A 232 3.95 4.18 -3.13
CA PHE A 232 4.81 4.77 -4.13
C PHE A 232 4.08 5.12 -5.43
N LEU A 233 2.95 4.46 -5.72
CA LEU A 233 2.32 4.59 -7.04
C LEU A 233 1.97 6.02 -7.38
N VAL A 234 1.60 6.80 -6.38
CA VAL A 234 1.15 8.15 -6.60
C VAL A 234 2.25 9.00 -7.21
N PHE A 235 3.50 8.53 -7.13
CA PHE A 235 4.67 9.22 -7.65
C PHE A 235 5.27 8.61 -8.92
N ASN A 236 4.71 7.50 -9.44
CA ASN A 236 5.29 6.80 -10.59
C ASN A 236 5.68 7.76 -11.70
N ASP A 237 4.68 8.40 -12.31
CA ASP A 237 4.93 9.21 -13.50
C ASP A 237 5.94 10.32 -13.22
N ARG A 238 5.83 10.99 -12.08
CA ARG A 238 6.80 12.04 -11.77
C ARG A 238 8.21 11.49 -11.63
N VAL A 239 8.36 10.40 -10.89
CA VAL A 239 9.68 9.77 -10.78
C VAL A 239 10.17 9.29 -12.13
N ASN A 240 9.25 8.82 -12.97
CA ASN A 240 9.65 8.38 -14.29
C ASN A 240 10.30 9.53 -15.06
N ARG A 241 9.60 10.63 -15.19
CA ARG A 241 10.12 11.77 -15.95
C ARG A 241 11.29 12.42 -15.23
N GLN A 242 11.27 12.47 -13.90
CA GLN A 242 12.37 13.15 -13.21
C GLN A 242 13.69 12.39 -13.32
N LEU A 243 13.67 11.05 -13.22
CA LEU A 243 14.93 10.32 -13.41
C LEU A 243 15.31 10.26 -14.88
N GLN A 244 14.33 10.35 -15.78
CA GLN A 244 14.63 10.38 -17.20
C GLN A 244 15.38 11.63 -17.56
N SER A 245 15.09 12.71 -16.87
CA SER A 245 15.81 13.94 -17.12
C SER A 245 17.22 13.88 -16.58
N LEU A 246 17.50 12.97 -15.67
CA LEU A 246 18.85 12.86 -15.17
C LEU A 246 19.71 11.99 -16.07
N GLY A 247 19.12 11.40 -17.11
CA GLY A 247 19.86 10.63 -18.08
C GLY A 247 19.35 9.23 -18.33
N PHE A 248 18.50 8.70 -17.47
CA PHE A 248 18.02 7.33 -17.64
C PHE A 248 16.97 7.25 -18.74
N ARG A 249 17.09 6.24 -19.57
CA ARG A 249 16.12 5.99 -20.62
C ARG A 249 14.92 5.19 -20.12
N TYR A 250 15.15 4.29 -19.19
CA TYR A 250 14.12 3.45 -18.61
C TYR A 250 14.19 3.59 -17.10
N VAL A 251 13.06 3.89 -16.49
CA VAL A 251 13.03 3.97 -15.04
C VAL A 251 12.23 2.77 -14.56
N THR A 252 12.84 1.92 -13.77
CA THR A 252 12.13 0.71 -13.39
C THR A 252 12.16 0.58 -11.88
N LEU A 253 11.25 -0.22 -11.37
CA LEU A 253 11.09 -0.46 -9.95
C LEU A 253 11.31 -1.94 -9.73
N ASP A 254 12.27 -2.29 -8.89
CA ASP A 254 12.59 -3.69 -8.67
C ASP A 254 11.44 -4.39 -7.97
N LEU A 255 10.87 -5.40 -8.62
CA LEU A 255 9.81 -6.14 -7.97
C LEU A 255 10.30 -6.86 -6.73
N GLY A 256 11.60 -6.91 -6.53
CA GLY A 256 12.16 -7.39 -5.30
C GLY A 256 12.22 -6.25 -4.29
N GLY A 257 12.89 -6.52 -3.19
CA GLY A 257 12.84 -5.52 -2.16
C GLY A 257 14.06 -4.63 -2.09
N PHE A 258 14.60 -4.59 -0.89
CA PHE A 258 15.82 -3.90 -0.57
C PHE A 258 16.84 -4.85 0.10
N ALA B 2 29.70 29.36 15.36
CA ALA B 2 30.50 28.53 16.25
C ALA B 2 29.76 27.27 16.74
N THR B 3 30.30 26.66 17.79
CA THR B 3 29.83 25.36 18.27
C THR B 3 28.40 25.48 18.82
N LEU B 4 27.78 24.33 19.08
CA LEU B 4 26.54 24.39 19.84
C LEU B 4 26.77 24.99 21.22
N ALA B 5 27.87 24.62 21.86
CA ALA B 5 28.15 25.14 23.20
C ALA B 5 28.28 26.66 23.21
N THR B 6 28.83 27.27 22.16
CA THR B 6 28.91 28.73 22.10
C THR B 6 27.55 29.36 21.84
N LYS B 7 26.78 28.81 20.90
CA LYS B 7 25.41 29.27 20.74
C LYS B 7 24.64 29.24 22.05
N LYS B 8 25.06 28.39 23.00
CA LYS B 8 24.39 28.24 24.28
C LYS B 8 24.87 29.24 25.33
N ALA B 9 26.18 29.50 25.38
CA ALA B 9 26.65 30.52 26.31
C ALA B 9 25.95 31.84 26.03
N THR B 10 25.72 32.16 24.75
CA THR B 10 24.95 33.33 24.37
C THR B 10 23.52 33.27 24.88
N LEU B 11 22.94 32.07 24.93
CA LEU B 11 21.58 31.95 25.45
C LEU B 11 21.56 32.09 26.97
N VAL B 12 22.50 31.45 27.67
CA VAL B 12 22.51 31.53 29.12
C VAL B 12 22.89 32.94 29.56
N ALA B 13 23.81 33.58 28.84
CA ALA B 13 24.17 34.95 29.18
C ALA B 13 23.00 35.89 28.97
N ALA B 14 22.18 35.63 27.96
CA ALA B 14 21.04 36.49 27.73
C ALA B 14 19.98 36.33 28.82
N LEU B 15 19.83 35.12 29.37
CA LEU B 15 18.81 34.94 30.40
C LEU B 15 19.21 35.61 31.71
N LYS B 16 20.47 35.52 32.11
CA LYS B 16 20.89 36.10 33.38
C LYS B 16 20.65 37.61 33.43
N ASP B 17 20.82 38.31 32.30
CA ASP B 17 20.56 39.75 32.31
C ASP B 17 19.08 40.07 32.48
N LEU B 18 18.19 39.23 31.92
CA LEU B 18 16.76 39.50 32.03
C LEU B 18 16.22 39.16 33.41
N GLN B 19 16.88 38.24 34.12
CA GLN B 19 16.59 37.86 35.50
C GLN B 19 15.19 37.30 35.67
N ARG B 20 14.21 37.81 34.93
CA ARG B 20 12.82 37.44 35.14
C ARG B 20 12.09 37.56 33.82
N VAL B 21 11.51 36.45 33.33
CA VAL B 21 10.95 36.41 31.98
C VAL B 21 9.56 35.83 31.99
N THR B 22 8.83 36.14 30.93
CA THR B 22 7.55 35.50 30.62
C THR B 22 7.73 34.78 29.28
N VAL B 23 7.49 33.46 29.29
CA VAL B 23 7.74 32.63 28.12
C VAL B 23 6.42 32.31 27.44
N ALA B 24 6.33 32.59 26.14
CA ALA B 24 5.14 32.18 25.42
C ALA B 24 5.41 30.74 24.96
N PHE B 25 4.82 29.82 25.68
CA PHE B 25 5.10 28.40 25.56
C PHE B 25 4.00 27.69 24.79
N SER B 26 4.39 26.91 23.79
CA SER B 26 3.43 26.26 22.92
C SER B 26 3.47 24.76 22.97
N GLY B 27 4.46 24.16 23.63
CA GLY B 27 4.61 22.73 23.59
C GLY B 27 5.53 22.22 22.50
N GLY B 28 5.80 23.02 21.46
CA GLY B 28 6.70 22.60 20.42
C GLY B 28 8.12 22.43 20.92
N ILE B 29 8.92 21.70 20.13
CA ILE B 29 10.31 21.45 20.52
C ILE B 29 11.03 22.76 20.75
N ASP B 30 10.82 23.73 19.86
CA ASP B 30 11.53 24.98 19.95
C ASP B 30 11.13 25.72 21.20
N SER B 31 9.83 25.87 21.41
CA SER B 31 9.31 26.54 22.57
C SER B 31 9.69 25.82 23.87
N THR B 32 9.86 24.50 23.81
CA THR B 32 10.20 23.74 25.03
C THR B 32 11.63 24.01 25.46
N LEU B 33 12.56 24.02 24.51
CA LEU B 33 13.96 24.24 24.87
C LEU B 33 14.16 25.61 25.52
N VAL B 34 13.39 26.63 25.11
CA VAL B 34 13.48 27.95 25.74
C VAL B 34 12.98 27.91 27.18
N LEU B 35 11.88 27.21 27.43
CA LEU B 35 11.36 27.18 28.79
C LEU B 35 12.29 26.44 29.73
N LYS B 36 12.81 25.28 29.32
CA LYS B 36 13.72 24.51 30.20
C LYS B 36 15.00 25.29 30.46
N MET B 37 15.50 25.99 29.45
CA MET B 37 16.73 26.74 29.64
C MET B 37 16.51 27.87 30.62
N ALA B 38 15.38 28.58 30.50
CA ALA B 38 15.09 29.64 31.44
C ALA B 38 14.82 29.08 32.83
N LEU B 39 14.17 27.93 32.93
CA LEU B 39 14.00 27.30 34.24
C LEU B 39 15.34 26.96 34.86
N ASP B 40 16.28 26.49 34.04
CA ASP B 40 17.58 26.10 34.56
C ASP B 40 18.44 27.29 34.94
N VAL B 41 18.12 28.49 34.48
CA VAL B 41 18.98 29.64 34.71
C VAL B 41 18.46 30.54 35.81
N LEU B 42 17.20 30.95 35.72
CA LEU B 42 16.68 31.96 36.63
C LEU B 42 15.81 31.36 37.73
N GLY B 43 15.37 30.13 37.58
CA GLY B 43 14.58 29.50 38.62
C GLY B 43 13.09 29.68 38.41
N ARG B 44 12.33 28.79 39.06
CA ARG B 44 10.90 28.76 38.87
C ARG B 44 10.24 30.06 39.29
N ASP B 45 10.86 30.83 40.18
CA ASP B 45 10.21 32.03 40.71
C ASP B 45 10.34 33.22 39.78
N ASN B 46 11.28 33.18 38.84
CA ASN B 46 11.49 34.27 37.91
C ASN B 46 10.98 33.96 36.51
N VAL B 47 10.29 32.84 36.33
CA VAL B 47 9.85 32.42 35.01
C VAL B 47 8.36 32.08 35.06
N THR B 48 7.59 32.68 34.15
CA THR B 48 6.15 32.45 34.04
C THR B 48 5.86 31.94 32.63
N ALA B 49 5.23 30.77 32.55
CA ALA B 49 4.91 30.13 31.26
C ALA B 49 3.45 30.36 30.89
N VAL B 50 3.21 30.77 29.67
CA VAL B 50 1.88 31.16 29.24
C VAL B 50 1.53 30.30 28.04
N VAL B 51 0.38 29.67 28.07
CA VAL B 51 -0.14 28.92 26.95
C VAL B 51 -1.43 29.57 26.53
N ALA B 52 -1.53 29.97 25.28
CA ALA B 52 -2.73 30.66 24.85
C ALA B 52 -3.63 29.69 24.10
N ASN B 53 -4.88 29.56 24.54
CA ASN B 53 -5.96 28.88 23.84
C ASN B 53 -6.81 29.93 23.15
N SER B 54 -7.59 29.50 22.17
CA SER B 54 -8.37 30.43 21.38
C SER B 54 -9.40 29.62 20.58
N GLU B 55 -10.16 30.36 19.76
CA GLU B 55 -11.13 29.76 18.88
C GLU B 55 -10.48 29.13 17.65
N LEU B 56 -9.28 29.58 17.29
CA LEU B 56 -8.56 29.16 16.09
C LEU B 56 -7.63 27.97 16.29
N PHE B 57 -7.45 27.49 17.52
CA PHE B 57 -6.49 26.41 17.78
C PHE B 57 -7.15 25.31 18.56
N THR B 58 -6.77 24.08 18.25
CA THR B 58 -7.37 22.95 18.92
C THR B 58 -7.15 23.07 20.42
N ASP B 59 -8.18 22.73 21.19
CA ASP B 59 -8.04 22.70 22.63
C ASP B 59 -7.16 21.53 23.04
N GLU B 60 -7.12 20.45 22.24
CA GLU B 60 -6.16 19.38 22.47
C GLU B 60 -4.74 19.91 22.55
N GLU B 61 -4.40 20.85 21.67
CA GLU B 61 -3.06 21.46 21.69
C GLU B 61 -2.86 22.26 22.95
N PHE B 62 -3.88 22.99 23.37
CA PHE B 62 -3.77 23.79 24.58
C PHE B 62 -3.54 22.90 25.78
N ASP B 63 -4.34 21.85 25.93
CA ASP B 63 -4.22 21.00 27.11
C ASP B 63 -2.86 20.29 27.15
N LYS B 64 -2.30 19.93 25.99
CA LYS B 64 -1.00 19.27 25.98
C LYS B 64 0.12 20.23 26.32
N ALA B 65 0.00 21.49 25.90
CA ALA B 65 1.02 22.48 26.21
C ALA B 65 0.99 22.91 27.67
N MET B 66 -0.19 22.95 28.27
CA MET B 66 -0.24 23.26 29.68
C MET B 66 0.43 22.16 30.47
N SER B 67 0.13 20.92 30.10
CA SER B 67 0.66 19.79 30.83
C SER B 67 2.17 19.64 30.66
N LEU B 68 2.65 19.84 29.44
CA LEU B 68 4.07 19.69 29.19
C LEU B 68 4.86 20.74 29.97
N ALA B 69 4.26 21.89 30.21
CA ALA B 69 4.95 22.95 30.94
C ALA B 69 5.01 22.63 32.43
N GLU B 70 3.91 22.11 32.99
CA GLU B 70 3.92 21.77 34.41
C GLU B 70 4.94 20.69 34.70
N GLU B 71 5.13 19.78 33.72
CA GLU B 71 6.09 18.67 33.80
C GLU B 71 7.53 19.19 33.86
N LEU B 72 7.82 20.27 33.12
CA LEU B 72 9.13 20.89 33.17
C LEU B 72 9.44 21.53 34.51
N GLY B 73 8.44 21.77 35.33
CA GLY B 73 8.66 22.40 36.61
C GLY B 73 8.41 23.88 36.58
N ALA B 74 7.65 24.36 35.62
CA ALA B 74 7.33 25.77 35.49
C ALA B 74 5.99 26.09 36.14
N ASN B 75 5.85 27.32 36.59
CA ASN B 75 4.53 27.86 36.93
C ASN B 75 3.82 28.28 35.65
N VAL B 76 2.78 27.53 35.25
CA VAL B 76 2.08 27.74 33.99
C VAL B 76 0.74 28.42 34.22
N GLN B 77 0.38 29.26 33.25
CA GLN B 77 -0.82 30.09 33.26
C GLN B 77 -1.40 30.08 31.86
N GLY B 78 -2.67 29.76 31.73
CA GLY B 78 -3.33 29.80 30.45
C GLY B 78 -4.05 31.13 30.29
N THR B 79 -4.17 31.56 29.03
CA THR B 79 -4.93 32.75 28.68
C THR B 79 -5.59 32.52 27.35
N THR B 80 -6.84 32.96 27.22
CA THR B 80 -7.70 32.65 26.08
C THR B 80 -7.97 33.93 25.32
N LEU B 81 -7.66 33.96 24.04
CA LEU B 81 -7.84 35.14 23.22
C LEU B 81 -9.14 35.05 22.44
N ASP B 82 -9.93 36.12 22.48
CA ASP B 82 -11.19 36.15 21.76
C ASP B 82 -10.91 36.71 20.37
N TYR B 83 -10.32 35.85 19.54
CA TYR B 83 -9.78 36.28 18.26
C TYR B 83 -10.85 36.83 17.34
N LEU B 84 -12.04 36.22 17.33
CA LEU B 84 -13.06 36.64 16.37
C LEU B 84 -13.65 37.99 16.68
N SER B 85 -13.37 38.55 17.86
CA SER B 85 -13.87 39.88 18.19
C SER B 85 -13.25 40.94 17.29
N ASP B 86 -11.98 40.78 16.95
CA ASP B 86 -11.36 41.64 15.96
C ASP B 86 -11.94 41.31 14.59
N ASP B 87 -12.38 42.34 13.86
CA ASP B 87 -13.04 42.12 12.59
C ASP B 87 -12.12 41.75 11.43
N HIS B 88 -10.81 42.01 11.54
CA HIS B 88 -9.92 41.55 10.48
C HIS B 88 -9.81 40.05 10.50
N ILE B 89 -9.53 39.51 11.68
CA ILE B 89 -9.48 38.07 11.83
C ILE B 89 -10.84 37.48 11.46
N LYS B 90 -11.92 38.16 11.86
CA LYS B 90 -13.26 37.62 11.67
C LYS B 90 -13.63 37.52 10.18
N ASN B 91 -13.28 38.53 9.38
CA ASN B 91 -13.60 38.49 7.96
C ASN B 91 -12.53 37.81 7.10
N ASN B 92 -11.44 37.37 7.72
CA ASN B 92 -10.41 36.59 7.05
C ASN B 92 -9.82 37.37 5.88
N THR B 93 -9.38 38.58 6.17
CA THR B 93 -8.54 39.33 5.27
C THR B 93 -7.20 38.63 5.17
N PRO B 94 -6.46 38.84 4.08
CA PRO B 94 -5.10 38.27 4.02
C PRO B 94 -4.20 38.77 5.13
N ASP B 95 -4.46 39.96 5.67
CA ASP B 95 -3.68 40.47 6.78
C ASP B 95 -4.15 39.96 8.14
N SER B 96 -5.10 39.00 8.14
CA SER B 96 -5.67 38.47 9.37
C SER B 96 -4.59 37.90 10.28
N TRP B 97 -3.66 37.12 9.72
N TRP B 97 -3.64 37.15 9.72
CA TRP B 97 -2.55 36.54 10.47
CA TRP B 97 -2.66 36.52 10.60
C TRP B 97 -1.85 37.55 11.36
C TRP B 97 -1.81 37.54 11.35
N TYR B 98 -1.76 38.80 10.91
CA TYR B 98 -1.11 39.83 11.71
C TYR B 98 -1.98 40.21 12.90
N TYR B 99 -3.24 40.54 12.62
CA TYR B 99 -4.12 41.06 13.66
C TYR B 99 -4.30 40.07 14.80
N ALA B 100 -4.22 38.77 14.52
CA ALA B 100 -4.22 37.80 15.60
C ALA B 100 -2.88 37.81 16.33
N LYS B 101 -1.77 37.97 15.60
CA LYS B 101 -0.49 38.04 16.29
C LYS B 101 -0.39 39.31 17.14
N LYS B 102 -0.95 40.43 16.67
CA LYS B 102 -0.96 41.63 17.50
C LYS B 102 -1.74 41.39 18.80
N MET B 103 -2.90 40.72 18.69
CA MET B 103 -3.67 40.37 19.87
C MET B 103 -2.89 39.41 20.75
N PHE B 104 -2.06 38.58 20.13
CA PHE B 104 -1.29 37.60 20.88
C PHE B 104 -0.17 38.27 21.67
N TYR B 105 0.67 39.06 20.99
CA TYR B 105 1.77 39.69 21.72
C TYR B 105 1.30 40.79 22.66
N SER B 106 0.13 41.38 22.41
CA SER B 106 -0.42 42.32 23.38
C SER B 106 -0.75 41.60 24.68
N ARG B 107 -1.54 40.52 24.61
CA ARG B 107 -1.89 39.78 25.80
C ARG B 107 -0.65 39.27 26.52
N LEU B 108 0.37 38.87 25.78
CA LEU B 108 1.58 38.40 26.44
C LEU B 108 2.24 39.53 27.23
N ASN B 109 2.31 40.72 26.64
CA ASN B 109 2.88 41.86 27.35
C ASN B 109 2.00 42.33 28.51
N ASP B 110 0.69 42.08 28.46
CA ASP B 110 -0.13 42.48 29.59
C ASP B 110 0.10 41.52 30.73
N ILE B 111 0.22 40.24 30.44
CA ILE B 111 0.63 39.28 31.45
C ILE B 111 2.07 39.56 31.88
N ALA B 112 2.90 40.07 30.98
CA ALA B 112 4.28 40.30 31.36
C ALA B 112 4.38 41.47 32.31
N ALA B 113 3.58 42.52 32.09
CA ALA B 113 3.63 43.70 32.95
C ALA B 113 3.08 43.42 34.36
N ASN B 114 1.96 42.69 34.47
CA ASN B 114 1.42 42.35 35.78
C ASN B 114 2.31 41.32 36.47
N ASN B 115 3.01 40.47 35.70
CA ASN B 115 4.04 39.58 36.24
C ASN B 115 5.34 40.37 36.42
N GLY B 116 6.23 39.86 37.25
CA GLY B 116 7.49 40.59 37.43
C GLY B 116 8.38 40.64 36.20
N SER B 117 7.99 39.93 35.12
CA SER B 117 8.86 39.65 33.98
C SER B 117 9.37 40.90 33.27
N ALA B 118 10.62 40.79 32.79
CA ALA B 118 11.34 41.83 32.06
C ALA B 118 11.02 41.83 30.58
N ALA B 119 10.99 40.66 29.96
CA ALA B 119 10.57 40.59 28.57
C ALA B 119 9.74 39.35 28.35
N VAL B 120 9.15 39.30 27.17
CA VAL B 120 8.41 38.14 26.68
C VAL B 120 9.33 37.38 25.72
N LEU B 121 9.49 36.08 25.96
CA LEU B 121 10.36 35.26 25.12
C LEU B 121 9.52 34.38 24.21
N ASP B 122 9.88 34.32 22.93
CA ASP B 122 9.26 33.32 22.07
C ASP B 122 10.28 32.23 21.75
N GLY B 123 9.78 31.13 21.23
CA GLY B 123 10.68 30.04 20.93
C GLY B 123 10.96 29.82 19.46
N MET B 124 10.92 30.88 18.65
CA MET B 124 11.24 30.69 17.24
C MET B 124 12.74 30.58 17.05
N ILE B 125 13.12 29.92 15.94
CA ILE B 125 14.47 29.50 15.64
C ILE B 125 14.86 29.99 14.24
N LYS B 126 16.10 29.68 13.82
CA LYS B 126 16.59 30.09 12.52
C LYS B 126 16.16 29.07 11.45
N ASN B 127 15.61 29.58 10.34
CA ASN B 127 14.96 28.79 9.27
C ASN B 127 13.96 27.76 9.82
N PRO B 134 5.16 34.81 9.41
CA PRO B 134 5.92 35.70 8.54
C PRO B 134 5.73 37.19 8.85
N GLY B 135 5.98 37.62 10.09
CA GLY B 135 5.69 38.99 10.47
C GLY B 135 6.51 39.58 11.60
N LEU B 136 7.71 40.07 11.28
CA LEU B 136 8.54 40.74 12.26
C LEU B 136 8.00 42.11 12.64
N LYS B 137 7.04 42.63 11.87
CA LYS B 137 6.38 43.86 12.26
C LYS B 137 5.51 43.68 13.50
N ALA B 138 5.28 42.43 13.95
CA ALA B 138 4.43 42.19 15.10
C ALA B 138 5.19 41.86 16.39
N ARG B 139 6.26 41.05 16.34
CA ARG B 139 7.06 40.84 17.55
C ARG B 139 7.75 42.13 17.94
N SER B 140 8.38 42.77 16.97
CA SER B 140 9.03 44.06 17.16
C SER B 140 8.03 45.20 17.21
N GLU B 141 6.90 44.95 17.86
CA GLU B 141 5.98 46.01 18.26
C GLU B 141 5.61 45.88 19.72
N ALA B 142 5.73 44.69 20.29
CA ALA B 142 5.46 44.41 21.67
C ALA B 142 6.74 44.12 22.45
N GLY B 143 7.90 44.29 21.82
CA GLY B 143 9.14 44.03 22.51
C GLY B 143 9.33 42.55 22.79
N ALA B 144 8.92 41.70 21.86
CA ALA B 144 9.09 40.28 22.04
C ALA B 144 10.46 39.85 21.57
N ARG B 145 11.06 38.93 22.31
CA ARG B 145 12.41 38.43 22.04
C ARG B 145 12.35 36.98 21.59
N SER B 146 13.03 36.70 20.47
CA SER B 146 13.16 35.35 19.92
C SER B 146 14.57 34.88 20.27
N LEU B 147 14.71 34.27 21.45
CA LEU B 147 16.06 34.07 22.00
C LEU B 147 16.84 33.01 21.25
N LEU B 148 16.17 31.96 20.80
CA LEU B 148 16.86 30.94 20.02
C LEU B 148 17.35 31.52 18.71
N GLN B 149 16.52 32.36 18.10
CA GLN B 149 16.88 33.00 16.84
C GLN B 149 18.05 33.95 17.03
N GLU B 150 18.21 34.50 18.23
CA GLU B 150 19.28 35.45 18.45
C GLU B 150 20.63 34.77 18.64
N ALA B 151 20.67 33.56 19.21
CA ALA B 151 21.92 32.81 19.35
C ALA B 151 22.27 31.98 18.11
N ASP B 152 21.50 32.11 17.02
CA ASP B 152 21.76 31.45 15.72
C ASP B 152 21.59 29.94 15.84
N PHE B 153 20.44 29.52 16.38
CA PHE B 153 20.06 28.12 16.50
C PHE B 153 19.22 27.76 15.29
N PHE B 154 19.59 26.67 14.62
CA PHE B 154 18.74 26.06 13.60
C PHE B 154 18.06 24.85 14.22
N LYS B 155 17.25 24.15 13.41
CA LYS B 155 16.50 23.01 13.97
C LYS B 155 17.42 21.93 14.52
N THR B 156 18.63 21.81 13.96
CA THR B 156 19.61 20.82 14.40
C THR B 156 20.33 21.27 15.67
N ASP B 157 20.61 22.59 15.77
CA ASP B 157 21.17 23.09 17.01
C ASP B 157 20.16 22.96 18.13
N VAL B 158 18.87 22.97 17.79
CA VAL B 158 17.84 22.84 18.82
C VAL B 158 17.69 21.39 19.27
N ARG B 159 17.67 20.44 18.33
CA ARG B 159 17.59 19.04 18.77
C ARG B 159 18.86 18.62 19.49
N ALA B 160 20.01 19.14 19.07
CA ALA B 160 21.27 18.71 19.66
C ALA B 160 21.39 19.18 21.10
N LEU B 161 20.86 20.39 21.39
CA LEU B 161 20.86 20.90 22.75
C LEU B 161 19.73 20.32 23.59
N ALA B 162 18.56 20.11 22.99
CA ALA B 162 17.45 19.46 23.69
C ALA B 162 17.78 18.01 24.03
N GLN B 163 18.36 17.26 23.08
CA GLN B 163 18.74 15.87 23.32
C GLN B 163 19.90 15.76 24.31
N GLU B 164 20.56 16.88 24.62
CA GLU B 164 21.63 16.95 25.59
C GLU B 164 21.14 17.41 26.96
N LEU B 165 19.93 17.95 27.01
CA LEU B 165 19.24 18.26 28.27
C LEU B 165 18.29 17.14 28.69
N GLY B 166 18.33 16.01 28.00
CA GLY B 166 17.43 14.91 28.28
C GLY B 166 15.97 15.18 27.99
N LEU B 167 15.69 16.29 27.31
CA LEU B 167 14.31 16.65 26.98
C LEU B 167 13.78 15.71 25.90
N THR B 168 12.69 15.00 26.20
CA THR B 168 12.21 13.97 25.29
C THR B 168 10.73 14.03 24.98
N ASN B 169 10.05 15.10 25.38
CA ASN B 169 8.59 15.25 25.22
C ASN B 169 8.26 16.62 24.63
N TRP B 170 7.40 16.62 23.63
CA TRP B 170 6.89 17.83 23.01
C TRP B 170 5.80 17.47 22.01
N ASN B 171 5.19 18.50 21.45
CA ASN B 171 4.20 18.36 20.38
C ASN B 171 4.95 18.23 19.06
N LYS B 172 4.72 17.13 18.35
CA LYS B 172 5.43 16.92 17.10
C LYS B 172 4.67 17.44 15.89
N VAL B 173 3.38 17.10 15.75
CA VAL B 173 2.60 17.62 14.63
C VAL B 173 2.28 19.09 14.92
N ALA B 174 2.86 19.98 14.14
CA ALA B 174 2.67 21.41 14.36
C ALA B 174 1.36 21.85 13.75
N SER B 175 0.83 22.95 14.28
CA SER B 175 -0.47 23.45 13.90
C SER B 175 -0.35 24.81 13.24
N CYS B 176 -1.41 25.18 12.54
CA CYS B 176 -1.61 26.53 12.02
C CYS B 176 -2.98 27.03 12.44
N SER B 177 -3.11 28.35 12.47
CA SER B 177 -4.40 28.97 12.72
C SER B 177 -5.46 28.39 11.79
N VAL B 178 -6.57 27.93 12.38
CA VAL B 178 -7.61 27.28 11.60
C VAL B 178 -8.17 28.19 10.54
N SER B 179 -7.84 29.48 10.60
CA SER B 179 -8.30 30.39 9.56
C SER B 179 -7.71 30.01 8.22
N SER B 180 -6.65 29.21 8.24
CA SER B 180 -6.01 28.78 7.00
C SER B 180 -6.90 27.86 6.18
N ARG B 181 -7.97 27.35 6.75
CA ARG B 181 -8.90 26.46 6.06
C ARG B 181 -10.00 27.21 5.31
N PHE B 182 -10.11 28.55 5.51
CA PHE B 182 -11.20 29.25 4.86
C PHE B 182 -10.69 30.21 3.79
N PRO B 183 -11.31 30.24 2.62
CA PRO B 183 -10.89 31.17 1.58
C PRO B 183 -11.05 32.60 2.05
N TYR B 184 -10.19 33.48 1.52
CA TYR B 184 -10.20 34.87 1.95
C TYR B 184 -11.54 35.49 1.61
N GLY B 185 -12.13 36.19 2.58
CA GLY B 185 -13.38 36.85 2.35
C GLY B 185 -14.51 36.16 3.09
N THR B 186 -14.47 34.83 3.16
CA THR B 186 -15.45 34.10 3.96
C THR B 186 -15.29 34.47 5.42
N THR B 187 -16.41 34.76 6.08
CA THR B 187 -16.40 35.23 7.46
C THR B 187 -16.38 34.04 8.42
N LEU B 188 -15.53 34.13 9.43
CA LEU B 188 -15.31 33.01 10.32
C LEU B 188 -16.41 33.00 11.36
N THR B 189 -17.18 31.94 11.44
CA THR B 189 -18.15 31.81 12.50
C THR B 189 -17.77 30.69 13.45
N HIS B 190 -18.29 30.75 14.68
CA HIS B 190 -18.14 29.60 15.57
C HIS B 190 -18.69 28.34 14.92
N ASP B 191 -19.79 28.45 14.18
CA ASP B 191 -20.39 27.25 13.61
C ASP B 191 -19.47 26.58 12.60
N ASN B 192 -19.00 27.32 11.61
CA ASN B 192 -18.23 26.64 10.59
C ASN B 192 -16.82 26.32 11.11
N ILE B 193 -16.26 27.15 11.99
CA ILE B 193 -14.96 26.81 12.58
C ILE B 193 -15.06 25.52 13.36
N ALA B 194 -16.11 25.35 14.12
CA ALA B 194 -16.25 24.13 14.90
C ALA B 194 -16.33 22.94 13.98
N GLN B 195 -16.94 23.15 12.81
CA GLN B 195 -17.15 22.10 11.82
C GLN B 195 -15.83 21.62 11.23
N VAL B 196 -14.95 22.53 10.86
CA VAL B 196 -13.65 22.12 10.31
C VAL B 196 -12.83 21.41 11.35
N MET B 197 -12.67 22.00 12.52
CA MET B 197 -11.84 21.38 13.55
C MET B 197 -12.38 20.03 13.96
N ALA B 198 -13.69 19.84 13.81
CA ALA B 198 -14.28 18.55 14.11
C ALA B 198 -13.87 17.53 13.07
N ALA B 199 -13.98 17.87 11.80
CA ALA B 199 -13.53 16.96 10.76
C ALA B 199 -12.04 16.67 10.87
N GLU B 200 -11.21 17.70 11.08
CA GLU B 200 -9.77 17.48 11.15
C GLU B 200 -9.43 16.68 12.41
N LYS B 201 -10.20 16.80 13.47
CA LYS B 201 -9.93 15.94 14.61
C LYS B 201 -10.16 14.49 14.22
N TYR B 202 -11.21 14.23 13.43
CA TYR B 202 -11.53 12.87 13.01
C TYR B 202 -10.46 12.30 12.10
N LEU B 203 -10.05 13.06 11.08
CA LEU B 203 -8.98 12.56 10.22
C LEU B 203 -7.75 12.26 11.03
N ARG B 204 -7.42 13.12 11.98
CA ARG B 204 -6.24 12.88 12.80
C ARG B 204 -6.39 11.57 13.57
N SER B 205 -7.61 11.25 13.98
CA SER B 205 -7.85 10.02 14.72
C SER B 205 -7.75 8.77 13.87
N LEU B 206 -7.78 8.90 12.54
CA LEU B 206 -7.60 7.74 11.67
C LEU B 206 -6.14 7.42 11.38
N GLY B 207 -5.20 8.16 11.98
CA GLY B 207 -3.80 7.94 11.76
C GLY B 207 -3.20 8.86 10.72
N PHE B 208 -3.68 10.07 10.59
CA PHE B 208 -3.16 11.05 9.65
C PHE B 208 -2.94 12.33 10.46
N PRO B 209 -1.77 12.47 11.08
CA PRO B 209 -1.54 13.67 11.89
C PRO B 209 -1.45 14.95 11.07
N THR B 210 -0.97 14.90 9.84
CA THR B 210 -0.98 16.08 8.98
C THR B 210 -2.16 15.97 8.02
N VAL B 211 -3.12 16.87 8.18
CA VAL B 211 -4.34 16.87 7.37
C VAL B 211 -4.91 18.26 7.44
N ARG B 212 -5.55 18.69 6.35
CA ARG B 212 -6.30 19.93 6.34
C ARG B 212 -7.61 19.61 5.68
N VAL B 213 -8.72 20.00 6.31
CA VAL B 213 -10.02 19.97 5.66
C VAL B 213 -10.26 21.39 5.20
N ARG B 214 -10.21 21.69 3.92
CA ARG B 214 -10.40 23.03 3.44
C ARG B 214 -11.87 23.22 3.33
N PHE B 215 -12.36 24.41 3.62
CA PHE B 215 -13.77 24.71 3.69
C PHE B 215 -14.22 25.44 2.42
N HIS B 216 -15.18 24.86 1.72
CA HIS B 216 -15.78 25.44 0.51
C HIS B 216 -17.31 25.27 0.62
N ASN B 217 -17.92 25.97 1.59
CA ASN B 217 -19.35 25.91 1.87
C ASN B 217 -19.86 24.49 2.08
N ASP B 218 -20.55 23.97 1.07
CA ASP B 218 -21.11 22.64 1.20
C ASP B 218 -20.11 21.56 0.85
N ILE B 219 -18.96 21.92 0.26
CA ILE B 219 -17.94 20.97 -0.18
C ILE B 219 -16.74 21.08 0.73
N ALA B 220 -16.36 19.94 1.32
CA ALA B 220 -15.10 19.76 2.00
C ALA B 220 -14.09 19.19 1.03
N ARG B 221 -12.90 19.76 1.03
CA ARG B 221 -11.80 19.34 0.17
C ARG B 221 -10.68 18.95 1.11
N ILE B 222 -10.35 17.65 1.17
CA ILE B 222 -9.38 17.16 2.15
C ILE B 222 -7.99 17.21 1.52
N GLU B 223 -7.06 17.86 2.20
CA GLU B 223 -5.67 17.90 1.79
C GLU B 223 -4.88 16.93 2.65
N LEU B 224 -4.38 15.87 2.03
CA LEU B 224 -3.51 14.88 2.61
C LEU B 224 -2.12 14.97 2.00
N PRO B 225 -1.11 14.53 2.75
CA PRO B 225 0.23 14.34 2.16
C PRO B 225 0.18 13.22 1.13
N GLU B 226 0.66 13.50 -0.08
CA GLU B 226 0.47 12.56 -1.18
C GLU B 226 0.98 11.18 -0.82
N ALA B 227 2.04 11.10 -0.05
CA ALA B 227 2.50 9.80 0.40
C ALA B 227 1.41 9.00 1.10
N ARG B 228 0.37 9.65 1.61
CA ARG B 228 -0.59 8.95 2.44
C ARG B 228 -1.89 8.64 1.73
N ILE B 229 -2.14 9.26 0.58
CA ILE B 229 -3.45 9.12 -0.05
C ILE B 229 -3.74 7.66 -0.35
N GLY B 230 -2.70 6.85 -0.48
CA GLY B 230 -2.92 5.42 -0.62
C GLY B 230 -3.48 4.79 0.64
N ASP B 231 -2.92 5.15 1.80
CA ASP B 231 -3.37 4.43 2.98
C ASP B 231 -4.78 4.81 3.35
N PHE B 232 -5.30 5.86 2.73
CA PHE B 232 -6.53 6.51 3.14
C PHE B 232 -7.79 5.86 2.57
N LEU B 233 -7.65 5.09 1.49
CA LEU B 233 -8.83 4.54 0.82
C LEU B 233 -9.64 3.64 1.74
N VAL B 234 -8.99 2.96 2.70
CA VAL B 234 -9.77 2.10 3.56
C VAL B 234 -10.75 2.92 4.40
N PHE B 235 -10.51 4.22 4.56
CA PHE B 235 -11.36 5.05 5.38
C PHE B 235 -12.31 5.94 4.59
N ASN B 236 -12.33 5.84 3.25
CA ASN B 236 -13.20 6.69 2.41
C ASN B 236 -14.62 6.77 2.95
N ASP B 237 -15.29 5.62 2.99
CA ASP B 237 -16.71 5.54 3.30
C ASP B 237 -17.03 6.11 4.68
N ARG B 238 -16.20 5.83 5.68
CA ARG B 238 -16.38 6.41 7.00
C ARG B 238 -16.20 7.92 7.00
N VAL B 239 -15.13 8.41 6.38
CA VAL B 239 -14.93 9.85 6.34
C VAL B 239 -16.08 10.52 5.62
N ASN B 240 -16.64 9.88 4.60
CA ASN B 240 -17.79 10.46 3.93
C ASN B 240 -18.97 10.60 4.90
N ARG B 241 -19.30 9.53 5.63
CA ARG B 241 -20.43 9.62 6.55
C ARG B 241 -20.12 10.61 7.64
N GLN B 242 -18.90 10.57 8.16
CA GLN B 242 -18.59 11.40 9.30
C GLN B 242 -18.60 12.89 8.98
N LEU B 243 -18.04 13.31 7.84
CA LEU B 243 -18.05 14.71 7.45
C LEU B 243 -19.39 15.16 6.90
N GLN B 244 -20.18 14.23 6.36
CA GLN B 244 -21.53 14.63 5.97
C GLN B 244 -22.36 14.91 7.20
N SER B 245 -22.07 14.22 8.29
CA SER B 245 -22.80 14.45 9.53
C SER B 245 -22.41 15.75 10.21
N LEU B 246 -21.28 16.33 9.87
CA LEU B 246 -20.82 17.60 10.41
C LEU B 246 -21.29 18.81 9.62
N GLY B 247 -22.08 18.63 8.57
CA GLY B 247 -22.66 19.74 7.83
C GLY B 247 -22.33 19.75 6.36
N PHE B 248 -21.31 19.01 5.96
CA PHE B 248 -20.86 19.01 4.58
C PHE B 248 -21.78 18.17 3.74
N ARG B 249 -22.18 18.71 2.57
CA ARG B 249 -22.98 17.93 1.63
C ARG B 249 -22.10 17.02 0.77
N TYR B 250 -20.94 17.52 0.34
CA TYR B 250 -20.03 16.76 -0.50
C TYR B 250 -18.65 16.68 0.16
N VAL B 251 -18.15 15.47 0.33
CA VAL B 251 -16.84 15.24 0.89
C VAL B 251 -15.93 14.77 -0.22
N THR B 252 -14.88 15.53 -0.50
CA THR B 252 -13.95 15.22 -1.56
C THR B 252 -12.53 15.28 -1.05
N LEU B 253 -11.62 14.67 -1.82
CA LEU B 253 -10.19 14.63 -1.52
C LEU B 253 -9.41 15.30 -2.64
N ASP B 254 -8.54 16.26 -2.27
CA ASP B 254 -7.77 17.04 -3.24
C ASP B 254 -6.72 16.16 -3.88
N LEU B 255 -6.80 16.02 -5.20
CA LEU B 255 -5.89 15.13 -5.91
C LEU B 255 -4.46 15.62 -5.85
N GLY B 256 -4.25 16.91 -5.59
CA GLY B 256 -2.91 17.41 -5.46
C GLY B 256 -2.29 17.25 -4.11
N GLY B 257 -3.08 16.83 -3.12
CA GLY B 257 -2.58 16.73 -1.76
C GLY B 257 -2.19 18.01 -1.04
N PHE B 258 -1.85 17.81 0.23
CA PHE B 258 -1.28 18.85 1.10
C PHE B 258 0.00 19.44 0.53
N ARG B 259 0.10 20.77 0.51
CA ARG B 259 1.36 21.45 0.18
C ARG B 259 1.99 21.01 -1.15
N THR C 3 4.99 18.94 42.40
CA THR C 3 5.88 19.19 43.53
C THR C 3 7.05 18.18 43.52
N LEU C 4 7.78 18.15 42.40
CA LEU C 4 8.66 17.03 42.10
C LEU C 4 9.92 17.00 42.97
N ALA C 5 10.39 18.15 43.44
CA ALA C 5 11.62 18.17 44.22
C ALA C 5 11.46 17.34 45.50
N THR C 6 10.28 17.40 46.12
CA THR C 6 9.99 16.64 47.31
C THR C 6 9.40 15.26 47.02
N LYS C 7 9.02 14.98 45.77
CA LYS C 7 8.65 13.62 45.41
C LYS C 7 9.87 12.70 45.35
N LYS C 8 10.98 13.19 44.78
CA LYS C 8 12.19 12.37 44.73
C LYS C 8 12.66 11.97 46.12
N ALA C 9 12.64 12.90 47.07
CA ALA C 9 13.10 12.60 48.43
C ALA C 9 12.28 11.50 49.09
N THR C 10 10.95 11.47 48.89
CA THR C 10 10.13 10.40 49.43
C THR C 10 10.59 9.05 48.91
N LEU C 11 11.09 9.05 47.68
CA LEU C 11 11.56 7.83 47.04
C LEU C 11 12.85 7.37 47.69
N VAL C 12 13.76 8.31 47.92
CA VAL C 12 15.05 7.97 48.51
C VAL C 12 14.89 7.55 49.95
N ALA C 13 13.99 8.21 50.68
CA ALA C 13 13.80 7.84 52.08
C ALA C 13 13.25 6.44 52.19
N ALA C 14 12.36 6.06 51.28
CA ALA C 14 11.88 4.69 51.30
C ALA C 14 13.00 3.73 50.89
N LEU C 15 13.84 4.16 49.95
CA LEU C 15 14.94 3.31 49.51
C LEU C 15 15.98 3.16 50.60
N LYS C 16 16.34 4.27 51.27
CA LYS C 16 17.33 4.20 52.34
C LYS C 16 16.84 3.32 53.48
N ASP C 17 15.53 3.38 53.79
CA ASP C 17 14.94 2.60 54.89
C ASP C 17 14.95 1.11 54.61
N LEU C 18 14.78 0.71 53.34
CA LEU C 18 14.78 -0.71 53.02
C LEU C 18 16.18 -1.29 53.02
N GLN C 19 17.19 -0.46 52.77
CA GLN C 19 18.60 -0.84 52.74
C GLN C 19 18.93 -1.78 51.59
N ARG C 20 18.22 -2.91 51.45
CA ARG C 20 18.53 -3.89 50.40
C ARG C 20 17.23 -4.36 49.74
N VAL C 21 17.14 -4.24 48.41
CA VAL C 21 15.91 -4.47 47.68
C VAL C 21 16.12 -5.35 46.44
N THR C 22 15.06 -6.06 46.05
CA THR C 22 15.00 -6.87 44.83
C THR C 22 14.01 -6.24 43.86
N VAL C 23 14.50 -5.74 42.73
CA VAL C 23 13.73 -4.94 41.79
C VAL C 23 13.20 -5.80 40.65
N ALA C 24 11.92 -5.70 40.34
CA ALA C 24 11.34 -6.38 39.18
C ALA C 24 11.47 -5.47 37.99
N PHE C 25 12.40 -5.78 37.11
CA PHE C 25 12.74 -4.94 35.97
C PHE C 25 12.11 -5.52 34.72
N SER C 26 11.47 -4.68 33.94
CA SER C 26 10.81 -5.15 32.72
C SER C 26 11.32 -4.47 31.46
N GLY C 27 12.18 -3.46 31.61
CA GLY C 27 12.60 -2.63 30.51
C GLY C 27 11.76 -1.38 30.31
N GLY C 28 10.53 -1.35 30.84
CA GLY C 28 9.69 -0.17 30.69
C GLY C 28 10.25 1.02 31.44
N ILE C 29 9.76 2.21 31.06
CA ILE C 29 10.23 3.44 31.69
C ILE C 29 9.98 3.38 33.20
N ASP C 30 8.85 2.80 33.61
CA ASP C 30 8.51 2.79 35.02
C ASP C 30 9.53 2.00 35.84
N SER C 31 9.78 0.74 35.45
CA SER C 31 10.73 -0.08 36.17
C SER C 31 12.16 0.46 36.09
N THR C 32 12.50 1.21 35.04
CA THR C 32 13.88 1.69 34.91
C THR C 32 14.20 2.75 35.95
N LEU C 33 13.36 3.80 36.06
CA LEU C 33 13.63 4.87 37.04
C LEU C 33 13.74 4.32 38.43
N VAL C 34 12.95 3.28 38.75
CA VAL C 34 13.09 2.58 40.03
C VAL C 34 14.43 1.85 40.09
N LEU C 35 14.83 1.18 39.01
CA LEU C 35 16.10 0.48 39.09
C LEU C 35 17.21 1.49 39.15
N LYS C 36 17.14 2.52 38.30
CA LYS C 36 18.20 3.54 38.29
C LYS C 36 18.25 4.26 39.63
N MET C 37 17.10 4.55 40.22
CA MET C 37 17.12 5.26 41.50
C MET C 37 17.67 4.38 42.60
N ALA C 38 17.22 3.13 42.66
CA ALA C 38 17.70 2.23 43.70
C ALA C 38 19.18 1.94 43.53
N LEU C 39 19.66 1.88 42.28
CA LEU C 39 21.09 1.74 42.08
C LEU C 39 21.83 2.95 42.62
N ASP C 40 21.29 4.15 42.40
CA ASP C 40 21.97 5.36 42.84
C ASP C 40 21.91 5.55 44.35
N VAL C 41 21.00 4.88 45.03
CA VAL C 41 20.78 5.09 46.45
C VAL C 41 21.40 3.99 47.30
N LEU C 42 21.21 2.72 46.95
CA LEU C 42 21.70 1.63 47.80
C LEU C 42 23.01 1.03 47.32
N GLY C 43 23.46 1.34 46.12
CA GLY C 43 24.71 0.82 45.60
C GLY C 43 24.50 -0.44 44.77
N ARG C 44 25.49 -0.75 43.93
CA ARG C 44 25.32 -1.88 43.02
C ARG C 44 25.20 -3.20 43.78
N ASP C 45 25.80 -3.29 44.96
CA ASP C 45 25.82 -4.56 45.68
C ASP C 45 24.55 -4.79 46.47
N ASN C 46 23.78 -3.74 46.76
CA ASN C 46 22.56 -3.86 47.54
C ASN C 46 21.31 -3.89 46.68
N VAL C 47 21.46 -4.01 45.37
CA VAL C 47 20.34 -4.06 44.44
C VAL C 47 20.48 -5.28 43.55
N THR C 48 19.38 -6.03 43.45
CA THR C 48 19.25 -7.22 42.63
C THR C 48 18.08 -7.01 41.70
N ALA C 49 18.34 -6.98 40.40
CA ALA C 49 17.30 -6.75 39.41
C ALA C 49 16.90 -8.09 38.79
N VAL C 50 15.61 -8.35 38.68
CA VAL C 50 15.10 -9.65 38.25
C VAL C 50 14.26 -9.46 37.01
N VAL C 51 14.52 -10.27 35.99
CA VAL C 51 13.71 -10.30 34.77
C VAL C 51 13.08 -11.69 34.64
N ALA C 52 11.77 -11.72 34.42
CA ALA C 52 11.08 -12.99 34.35
C ALA C 52 10.86 -13.35 32.90
N ASN C 53 11.23 -14.56 32.55
CA ASN C 53 10.86 -15.16 31.29
C ASN C 53 9.76 -16.19 31.55
N SER C 54 8.97 -16.46 30.52
CA SER C 54 7.83 -17.35 30.65
C SER C 54 7.37 -17.77 29.27
N GLU C 55 6.33 -18.61 29.28
CA GLU C 55 5.74 -19.13 28.06
C GLU C 55 4.90 -18.10 27.34
N LEU C 56 4.45 -17.06 28.04
CA LEU C 56 3.51 -16.08 27.54
C LEU C 56 4.17 -14.84 26.96
N PHE C 57 5.47 -14.69 27.07
CA PHE C 57 6.18 -13.53 26.55
C PHE C 57 7.38 -13.97 25.72
N THR C 58 7.61 -13.26 24.62
CA THR C 58 8.76 -13.56 23.75
C THR C 58 10.09 -13.40 24.50
N ASP C 59 11.06 -14.23 24.11
CA ASP C 59 12.43 -14.16 24.59
C ASP C 59 13.14 -12.91 24.04
N GLU C 60 12.65 -12.43 22.90
CA GLU C 60 13.10 -11.17 22.33
C GLU C 60 13.02 -10.07 23.38
N GLU C 61 11.90 -10.02 24.13
CA GLU C 61 11.70 -9.04 25.21
C GLU C 61 12.63 -9.32 26.38
N PHE C 62 12.77 -10.58 26.75
CA PHE C 62 13.61 -10.96 27.87
C PHE C 62 15.04 -10.47 27.65
N ASP C 63 15.57 -10.70 26.45
CA ASP C 63 16.94 -10.31 26.22
C ASP C 63 17.09 -8.78 26.21
N LYS C 64 16.10 -8.03 25.72
CA LYS C 64 16.26 -6.58 25.71
C LYS C 64 16.20 -6.00 27.12
N ALA C 65 15.44 -6.63 28.01
CA ALA C 65 15.40 -6.18 29.40
C ALA C 65 16.70 -6.53 30.13
N MET C 66 17.30 -7.69 29.81
CA MET C 66 18.57 -8.10 30.43
C MET C 66 19.71 -7.20 29.97
N SER C 67 19.68 -6.78 28.70
CA SER C 67 20.67 -5.82 28.22
C SER C 67 20.46 -4.46 28.87
N LEU C 68 19.20 -4.01 28.97
CA LEU C 68 18.96 -2.71 29.57
C LEU C 68 19.34 -2.68 31.04
N ALA C 69 19.25 -3.82 31.73
CA ALA C 69 19.61 -3.87 33.14
C ALA C 69 21.11 -3.93 33.35
N GLU C 70 21.79 -4.78 32.57
CA GLU C 70 23.23 -4.90 32.67
C GLU C 70 23.93 -3.61 32.28
N GLU C 71 23.43 -2.95 31.22
CA GLU C 71 23.95 -1.64 30.82
C GLU C 71 23.59 -0.58 31.84
N LEU C 72 22.44 -0.69 32.50
CA LEU C 72 22.11 0.26 33.56
C LEU C 72 23.04 0.14 34.75
N GLY C 73 23.78 -0.95 34.85
CA GLY C 73 24.72 -1.15 35.92
C GLY C 73 24.22 -2.03 37.03
N ALA C 74 23.24 -2.88 36.78
CA ALA C 74 22.69 -3.75 37.80
C ALA C 74 23.34 -5.13 37.76
N ASN C 75 23.35 -5.78 38.92
CA ASN C 75 23.56 -7.23 38.98
C ASN C 75 22.22 -7.85 38.59
N VAL C 76 22.12 -8.32 37.35
CA VAL C 76 20.86 -8.79 36.80
C VAL C 76 20.85 -10.30 36.83
N GLN C 77 19.65 -10.85 36.99
CA GLN C 77 19.39 -12.26 37.21
C GLN C 77 18.10 -12.65 36.52
N GLY C 78 18.09 -13.78 35.84
CA GLY C 78 16.87 -14.27 35.22
C GLY C 78 16.13 -15.24 36.11
N THR C 79 14.81 -15.33 35.90
CA THR C 79 14.04 -16.39 36.54
C THR C 79 12.92 -16.77 35.57
N THR C 80 12.57 -18.06 35.58
CA THR C 80 11.68 -18.65 34.58
C THR C 80 10.41 -19.16 35.23
N LEU C 81 9.27 -18.68 34.76
CA LEU C 81 7.99 -19.07 35.33
C LEU C 81 7.28 -20.06 34.43
N ASP C 82 6.82 -21.18 35.01
CA ASP C 82 6.05 -22.18 34.27
C ASP C 82 4.56 -21.88 34.39
N TYR C 83 4.12 -20.88 33.65
CA TYR C 83 2.74 -20.42 33.76
C TYR C 83 1.74 -21.52 33.40
N LEU C 84 2.05 -22.35 32.42
CA LEU C 84 1.09 -23.34 32.01
C LEU C 84 0.88 -24.42 33.05
N SER C 85 1.65 -24.41 34.14
CA SER C 85 1.39 -25.38 35.21
C SER C 85 0.06 -25.08 35.91
N ASP C 86 -0.21 -23.82 36.24
CA ASP C 86 -1.49 -23.45 36.83
C ASP C 86 -2.58 -23.64 35.78
N ASP C 87 -3.57 -24.47 36.12
CA ASP C 87 -4.60 -24.86 35.15
C ASP C 87 -5.51 -23.69 34.80
N HIS C 88 -5.48 -22.61 35.58
CA HIS C 88 -6.24 -21.41 35.23
C HIS C 88 -5.62 -20.72 34.03
N ILE C 89 -4.31 -20.47 34.07
CA ILE C 89 -3.62 -19.89 32.92
C ILE C 89 -3.73 -20.81 31.72
N LYS C 90 -3.64 -22.12 31.96
CA LYS C 90 -3.60 -23.10 30.89
C LYS C 90 -4.91 -23.14 30.10
N ASN C 91 -6.06 -23.10 30.78
CA ASN C 91 -7.35 -23.20 30.12
C ASN C 91 -7.89 -21.85 29.66
N ASN C 92 -7.15 -20.78 29.96
CA ASN C 92 -7.44 -19.43 29.52
C ASN C 92 -8.83 -19.00 29.95
N THR C 93 -9.13 -19.20 31.23
CA THR C 93 -10.27 -18.54 31.82
C THR C 93 -10.00 -17.05 31.86
N PRO C 94 -11.05 -16.23 31.88
CA PRO C 94 -10.81 -14.77 31.89
C PRO C 94 -10.02 -14.29 33.10
N ASP C 95 -10.09 -14.97 34.25
CA ASP C 95 -9.30 -14.60 35.42
C ASP C 95 -7.83 -15.12 35.36
N SER C 96 -7.36 -15.51 34.18
CA SER C 96 -6.01 -16.03 34.02
C SER C 96 -4.96 -15.03 34.44
N TRP C 97 -5.00 -13.82 33.88
N TRP C 97 -5.05 -13.81 33.88
CA TRP C 97 -3.86 -12.94 34.16
CA TRP C 97 -4.06 -12.77 34.12
C TRP C 97 -3.75 -12.56 35.63
C TRP C 97 -3.79 -12.58 35.60
N TYR C 98 -4.75 -12.90 36.45
CA TYR C 98 -4.54 -12.80 37.89
C TYR C 98 -3.67 -13.94 38.39
N TYR C 99 -4.06 -15.18 38.10
CA TYR C 99 -3.27 -16.34 38.55
C TYR C 99 -1.87 -16.30 37.97
N ALA C 100 -1.70 -15.67 36.81
CA ALA C 100 -0.36 -15.44 36.32
C ALA C 100 0.35 -14.39 37.15
N LYS C 101 -0.34 -13.29 37.48
CA LYS C 101 0.31 -12.29 38.31
C LYS C 101 0.61 -12.86 39.69
N LYS C 102 -0.28 -13.71 40.21
CA LYS C 102 -0.05 -14.28 41.54
C LYS C 102 1.20 -15.14 41.53
N MET C 103 1.35 -15.98 40.51
CA MET C 103 2.53 -16.83 40.38
C MET C 103 3.81 -16.01 40.15
N PHE C 104 3.69 -14.85 39.52
CA PHE C 104 4.82 -13.98 39.26
C PHE C 104 5.38 -13.43 40.55
N TYR C 105 4.53 -12.81 41.38
CA TYR C 105 5.02 -12.22 42.64
C TYR C 105 5.50 -13.25 43.63
N SER C 106 4.98 -14.49 43.55
CA SER C 106 5.47 -15.50 44.47
C SER C 106 6.93 -15.80 44.21
N ARG C 107 7.29 -16.05 42.94
CA ARG C 107 8.69 -16.31 42.62
C ARG C 107 9.57 -15.13 42.97
N LEU C 108 9.08 -13.91 42.72
CA LEU C 108 9.86 -12.74 43.05
C LEU C 108 10.07 -12.64 44.53
N ASN C 109 9.06 -12.96 45.33
CA ASN C 109 9.26 -12.93 46.77
C ASN C 109 10.22 -14.00 47.21
N ASP C 110 10.32 -15.07 46.45
CA ASP C 110 11.25 -16.12 46.81
C ASP C 110 12.66 -15.74 46.39
N ILE C 111 12.78 -15.09 45.23
CA ILE C 111 14.08 -14.56 44.84
C ILE C 111 14.54 -13.51 45.84
N ALA C 112 13.59 -12.71 46.32
CA ALA C 112 13.96 -11.68 47.26
C ALA C 112 14.28 -12.27 48.61
N ALA C 113 13.54 -13.31 49.01
CA ALA C 113 13.73 -13.91 50.33
C ALA C 113 15.13 -14.45 50.49
N ASN C 114 15.66 -15.12 49.47
CA ASN C 114 17.03 -15.60 49.49
C ASN C 114 18.02 -14.48 49.26
N ASN C 115 17.62 -13.44 48.52
CA ASN C 115 18.45 -12.27 48.34
C ASN C 115 18.45 -11.50 49.66
N GLY C 116 19.55 -10.82 49.94
CA GLY C 116 19.53 -9.99 51.14
C GLY C 116 18.39 -8.98 51.17
N SER C 117 17.63 -8.89 50.08
CA SER C 117 16.62 -7.86 49.95
C SER C 117 15.61 -7.95 51.07
N ALA C 118 15.15 -6.77 51.51
CA ALA C 118 14.11 -6.53 52.48
C ALA C 118 12.74 -6.49 51.83
N ALA C 119 12.62 -5.88 50.66
CA ALA C 119 11.34 -5.86 49.96
C ALA C 119 11.52 -6.11 48.47
N VAL C 120 10.40 -6.42 47.83
CA VAL C 120 10.33 -6.59 46.39
C VAL C 120 9.68 -5.35 45.83
N LEU C 121 10.39 -4.62 44.99
CA LEU C 121 9.82 -3.39 44.46
C LEU C 121 9.46 -3.60 43.02
N ASP C 122 8.26 -3.16 42.65
CA ASP C 122 7.95 -3.10 41.24
C ASP C 122 7.76 -1.65 40.83
N GLY C 123 7.67 -1.45 39.53
CA GLY C 123 7.62 -0.11 39.00
C GLY C 123 6.20 0.33 38.64
N MET C 124 5.23 -0.05 39.47
CA MET C 124 3.93 0.54 39.22
C MET C 124 3.91 1.96 39.75
N ILE C 125 2.96 2.74 39.25
CA ILE C 125 2.89 4.17 39.50
C ILE C 125 1.51 4.49 40.05
N LYS C 126 1.25 5.80 40.26
CA LYS C 126 -0.05 6.23 40.74
C LYS C 126 -1.12 6.16 39.65
N ASN C 127 -0.73 6.21 38.38
CA ASN C 127 -1.69 6.20 37.27
C ASN C 127 -2.48 4.91 37.22
N ASP C 128 -1.81 3.79 37.47
CA ASP C 128 -2.41 2.46 37.48
C ASP C 128 -2.86 2.05 38.87
N GLU C 129 -3.03 3.01 39.78
CA GLU C 129 -3.64 2.76 41.08
C GLU C 129 -5.15 2.79 40.86
N ASN C 130 -5.66 1.71 40.26
CA ASN C 130 -7.10 1.65 40.04
C ASN C 130 -7.57 0.20 40.04
N ASP C 131 -8.86 0.01 40.32
CA ASP C 131 -9.49 -1.26 40.00
C ASP C 131 -9.31 -1.55 38.51
N TYR C 132 -9.55 -2.80 38.13
CA TYR C 132 -9.49 -3.21 36.73
C TYR C 132 -8.07 -3.20 36.18
N ARG C 133 -7.05 -3.29 37.03
CA ARG C 133 -5.72 -3.57 36.50
C ARG C 133 -5.16 -4.79 37.22
N PRO C 134 -4.78 -5.83 36.47
CA PRO C 134 -4.57 -7.17 37.06
C PRO C 134 -3.61 -7.24 38.25
N GLY C 135 -2.37 -6.81 38.01
CA GLY C 135 -1.30 -7.06 38.97
C GLY C 135 -1.58 -6.54 40.35
N LEU C 136 -2.43 -5.51 40.47
CA LEU C 136 -2.54 -4.75 41.71
C LEU C 136 -3.01 -5.63 42.86
N LYS C 137 -4.05 -6.44 42.65
CA LYS C 137 -4.49 -7.38 43.68
C LYS C 137 -3.35 -8.30 44.08
N ALA C 138 -2.85 -9.09 43.12
CA ALA C 138 -1.79 -10.04 43.41
C ALA C 138 -0.59 -9.34 44.04
N ARG C 139 -0.24 -8.17 43.51
CA ARG C 139 0.93 -7.44 44.00
C ARG C 139 0.79 -7.11 45.46
N SER C 140 -0.37 -6.61 45.85
CA SER C 140 -0.58 -6.23 47.24
C SER C 140 -0.69 -7.45 48.13
N GLU C 141 -1.52 -8.43 47.75
CA GLU C 141 -1.58 -9.67 48.50
C GLU C 141 -0.20 -10.29 48.72
N ALA C 142 0.81 -9.87 47.98
CA ALA C 142 2.14 -10.42 48.13
C ALA C 142 3.07 -9.49 48.87
N GLY C 143 2.59 -8.35 49.34
CA GLY C 143 3.51 -7.47 50.01
C GLY C 143 4.58 -6.95 49.09
N ALA C 144 4.27 -6.74 47.83
CA ALA C 144 5.22 -6.11 46.95
C ALA C 144 5.01 -4.62 47.08
N ARG C 145 6.09 -3.86 47.06
CA ARG C 145 5.99 -2.44 47.28
C ARG C 145 6.20 -1.71 45.96
N SER C 146 5.29 -0.81 45.65
CA SER C 146 5.33 0.04 44.46
C SER C 146 5.74 1.44 44.91
N LEU C 147 7.04 1.73 44.86
CA LEU C 147 7.50 2.96 45.48
C LEU C 147 7.09 4.17 44.65
N LEU C 148 7.03 4.05 43.33
CA LEU C 148 6.58 5.19 42.56
C LEU C 148 5.16 5.56 42.94
N GLN C 149 4.35 4.56 43.24
CA GLN C 149 3.00 4.82 43.69
C GLN C 149 2.99 5.52 45.03
N GLU C 150 3.96 5.21 45.90
CA GLU C 150 3.98 5.75 47.26
C GLU C 150 4.42 7.20 47.31
N ALA C 151 5.34 7.60 46.45
CA ALA C 151 5.74 9.00 46.41
C ALA C 151 4.84 9.82 45.52
N ASP C 152 3.73 9.23 45.05
CA ASP C 152 2.71 9.95 44.29
C ASP C 152 3.29 10.43 42.96
N PHE C 153 3.89 9.49 42.24
CA PHE C 153 4.39 9.74 40.91
C PHE C 153 3.31 9.36 39.92
N PHE C 154 2.96 10.27 39.04
CA PHE C 154 2.09 9.89 37.94
C PHE C 154 2.95 9.62 36.71
N LYS C 155 2.29 9.34 35.59
CA LYS C 155 3.05 9.08 34.38
C LYS C 155 3.86 10.31 34.00
N THR C 156 3.35 11.51 34.29
CA THR C 156 4.10 12.71 33.93
C THR C 156 5.17 13.04 34.95
N ASP C 157 4.92 12.77 36.23
CA ASP C 157 5.97 12.94 37.22
C ASP C 157 7.09 11.95 36.98
N VAL C 158 6.79 10.82 36.37
CA VAL C 158 7.82 9.85 36.03
C VAL C 158 8.58 10.31 34.81
N ARG C 159 7.90 10.90 33.82
CA ARG C 159 8.62 11.38 32.67
C ARG C 159 9.63 12.44 33.09
N ALA C 160 9.25 13.30 34.05
CA ALA C 160 10.08 14.43 34.48
C ALA C 160 11.25 14.02 35.37
N LEU C 161 11.12 12.97 36.20
CA LEU C 161 12.25 12.53 37.02
C LEU C 161 13.29 11.80 36.17
N ALA C 162 12.85 11.12 35.12
CA ALA C 162 13.81 10.53 34.19
C ALA C 162 14.64 11.62 33.54
N GLN C 163 13.98 12.70 33.11
CA GLN C 163 14.68 13.78 32.42
C GLN C 163 15.75 14.43 33.28
N GLU C 164 15.78 14.15 34.57
CA GLU C 164 16.84 14.69 35.41
C GLU C 164 17.91 13.67 35.78
N LEU C 165 17.66 12.38 35.58
CA LEU C 165 18.69 11.37 35.74
C LEU C 165 19.36 11.02 34.43
N GLY C 166 19.15 11.84 33.40
CA GLY C 166 19.70 11.56 32.09
C GLY C 166 19.15 10.32 31.43
N LEU C 167 18.04 9.81 31.94
CA LEU C 167 17.42 8.64 31.33
C LEU C 167 16.76 9.02 30.02
N THR C 168 17.27 8.48 28.92
CA THR C 168 16.72 8.74 27.61
C THR C 168 16.63 7.44 26.83
N ASN C 169 16.80 6.31 27.52
CA ASN C 169 16.77 5.01 26.87
C ASN C 169 15.97 4.05 27.73
N TRP C 170 14.84 3.59 27.20
CA TRP C 170 14.05 2.53 27.80
C TRP C 170 13.30 1.83 26.68
N ASN C 171 12.68 0.71 27.01
CA ASN C 171 11.96 -0.07 26.00
C ASN C 171 10.63 0.61 25.71
N LYS C 172 10.42 0.97 24.44
CA LYS C 172 9.20 1.65 24.02
C LYS C 172 8.12 0.68 23.55
N VAL C 173 8.48 -0.41 22.87
CA VAL C 173 7.47 -1.35 22.40
C VAL C 173 6.85 -2.06 23.60
N ALA C 174 5.57 -1.80 23.85
CA ALA C 174 4.84 -2.38 24.98
C ALA C 174 4.28 -3.75 24.60
N SER C 175 4.03 -4.58 25.61
CA SER C 175 3.75 -5.99 25.42
C SER C 175 2.32 -6.36 25.85
N CYS C 176 1.85 -7.51 25.35
CA CYS C 176 0.67 -8.19 25.87
C CYS C 176 1.02 -9.62 26.16
N SER C 177 0.36 -10.17 27.17
CA SER C 177 0.41 -11.61 27.38
C SER C 177 -0.13 -12.29 26.14
N VAL C 178 0.61 -13.27 25.63
CA VAL C 178 0.21 -13.97 24.43
C VAL C 178 -1.11 -14.68 24.61
N SER C 179 -1.56 -14.85 25.85
CA SER C 179 -2.87 -15.45 26.10
C SER C 179 -3.99 -14.57 25.55
N SER C 180 -3.69 -13.32 25.23
CA SER C 180 -4.73 -12.53 24.61
C SER C 180 -5.06 -13.01 23.22
N ARG C 181 -4.28 -13.92 22.65
CA ARG C 181 -4.51 -14.34 21.27
C ARG C 181 -5.45 -15.52 21.13
N PHE C 182 -5.84 -16.14 22.24
CA PHE C 182 -6.70 -17.32 22.24
C PHE C 182 -8.06 -17.02 22.85
N PRO C 183 -9.13 -17.49 22.22
CA PRO C 183 -10.46 -17.40 22.83
C PRO C 183 -10.47 -18.08 24.20
N TYR C 184 -11.44 -17.69 25.03
CA TYR C 184 -11.41 -18.09 26.44
C TYR C 184 -11.48 -19.61 26.65
N GLY C 185 -12.19 -20.33 25.80
CA GLY C 185 -12.27 -21.77 26.00
C GLY C 185 -10.99 -22.53 25.70
N THR C 186 -10.23 -22.06 24.69
CA THR C 186 -9.03 -22.74 24.18
C THR C 186 -7.95 -22.94 25.22
N THR C 187 -7.40 -24.15 25.32
CA THR C 187 -6.30 -24.38 26.26
C THR C 187 -4.98 -24.14 25.55
N LEU C 188 -4.00 -23.65 26.32
CA LEU C 188 -2.69 -23.27 25.79
C LEU C 188 -1.74 -24.46 25.78
N THR C 189 -1.16 -24.76 24.61
CA THR C 189 -0.12 -25.76 24.50
C THR C 189 1.20 -25.07 24.29
N HIS C 190 2.28 -25.78 24.63
CA HIS C 190 3.57 -25.29 24.19
C HIS C 190 3.58 -25.11 22.67
N ASP C 191 2.94 -26.03 21.95
CA ASP C 191 2.94 -25.96 20.50
C ASP C 191 2.18 -24.73 19.99
N ASN C 192 0.92 -24.54 20.40
CA ASN C 192 0.15 -23.48 19.74
C ASN C 192 0.67 -22.08 20.09
N ILE C 193 1.28 -21.90 21.27
CA ILE C 193 1.87 -20.60 21.61
C ILE C 193 2.99 -20.26 20.64
N ALA C 194 3.90 -21.22 20.38
CA ALA C 194 5.02 -21.00 19.48
C ALA C 194 4.55 -20.73 18.07
N GLN C 195 3.45 -21.41 17.68
CA GLN C 195 2.86 -21.17 16.37
C GLN C 195 2.40 -19.72 16.25
N VAL C 196 1.71 -19.22 17.28
CA VAL C 196 1.24 -17.83 17.33
C VAL C 196 2.44 -16.88 17.48
N MET C 197 3.34 -17.16 18.42
CA MET C 197 4.43 -16.21 18.61
C MET C 197 5.29 -16.09 17.37
N ALA C 198 5.41 -17.17 16.60
CA ALA C 198 6.16 -17.16 15.35
C ALA C 198 5.43 -16.36 14.26
N ALA C 199 4.13 -16.57 14.11
CA ALA C 199 3.39 -15.81 13.13
C ALA C 199 3.55 -14.33 13.35
N GLU C 200 3.53 -13.90 14.61
CA GLU C 200 3.61 -12.46 14.83
C GLU C 200 5.03 -11.93 14.57
N LYS C 201 6.05 -12.71 14.94
CA LYS C 201 7.43 -12.25 14.71
C LYS C 201 7.72 -12.09 13.23
N TYR C 202 7.21 -13.01 12.40
CA TYR C 202 7.37 -12.89 10.95
C TYR C 202 6.66 -11.65 10.44
N LEU C 203 5.40 -11.47 10.84
CA LEU C 203 4.67 -10.27 10.47
C LEU C 203 5.42 -9.03 10.91
N ARG C 204 6.01 -9.06 12.08
CA ARG C 204 6.79 -7.94 12.55
C ARG C 204 8.02 -7.68 11.67
N SER C 205 8.64 -8.74 11.18
CA SER C 205 9.83 -8.65 10.33
C SER C 205 9.60 -7.91 9.04
N LEU C 206 8.43 -8.16 8.46
CA LEU C 206 8.06 -7.53 7.20
C LEU C 206 7.99 -6.03 7.33
N GLY C 207 7.46 -5.55 8.46
CA GLY C 207 7.30 -4.13 8.69
C GLY C 207 5.98 -3.85 9.32
N PHE C 208 5.54 -4.68 10.22
CA PHE C 208 4.29 -4.42 10.93
C PHE C 208 4.56 -4.65 12.42
N PRO C 209 5.15 -3.66 13.09
CA PRO C 209 5.49 -3.84 14.50
C PRO C 209 4.26 -3.95 15.40
N THR C 210 3.15 -3.36 14.98
CA THR C 210 1.88 -3.53 15.67
C THR C 210 1.08 -4.52 14.87
N VAL C 211 0.86 -5.72 15.42
CA VAL C 211 0.13 -6.77 14.70
C VAL C 211 -0.30 -7.84 15.69
N ARG C 212 -1.41 -8.49 15.40
CA ARG C 212 -1.88 -9.63 16.19
C ARG C 212 -2.27 -10.80 15.32
N VAL C 213 -1.89 -12.00 15.73
CA VAL C 213 -2.36 -13.20 15.05
C VAL C 213 -3.36 -13.92 15.96
N ARG C 214 -4.63 -13.91 15.60
CA ARG C 214 -5.62 -14.50 16.49
C ARG C 214 -5.76 -15.97 16.13
N PHE C 215 -5.76 -16.81 17.14
CA PHE C 215 -5.74 -18.24 16.97
C PHE C 215 -7.16 -18.78 17.01
N HIS C 216 -7.59 -19.47 15.97
CA HIS C 216 -8.90 -20.12 16.00
C HIS C 216 -8.73 -21.52 15.42
N ASN C 217 -7.95 -22.35 16.10
CA ASN C 217 -7.60 -23.68 15.63
C ASN C 217 -6.94 -23.60 14.27
N ASP C 218 -7.67 -23.99 13.22
CA ASP C 218 -7.06 -23.99 11.90
C ASP C 218 -7.10 -22.62 11.23
N ILE C 219 -7.75 -21.62 11.80
CA ILE C 219 -7.80 -20.31 11.15
C ILE C 219 -6.93 -19.36 11.95
N ALA C 220 -6.00 -18.71 11.30
CA ALA C 220 -5.31 -17.60 11.89
C ALA C 220 -6.01 -16.34 11.40
N ARG C 221 -6.29 -15.41 12.33
CA ARG C 221 -6.93 -14.17 11.99
C ARG C 221 -5.91 -13.15 12.35
N ILE C 222 -5.61 -12.34 11.37
CA ILE C 222 -4.56 -11.34 11.52
C ILE C 222 -5.22 -10.02 11.77
N GLU C 223 -4.87 -9.38 12.87
CA GLU C 223 -5.32 -8.01 13.15
C GLU C 223 -4.19 -7.06 12.83
N LEU C 224 -4.40 -6.25 11.78
CA LEU C 224 -3.51 -5.18 11.41
C LEU C 224 -4.18 -3.85 11.66
N PRO C 225 -3.40 -2.81 11.93
CA PRO C 225 -3.95 -1.47 11.99
C PRO C 225 -4.42 -1.02 10.61
N GLU C 226 -5.71 -0.68 10.51
CA GLU C 226 -6.33 -0.40 9.23
C GLU C 226 -5.53 0.61 8.43
N ALA C 227 -4.98 1.61 9.11
CA ALA C 227 -4.19 2.62 8.41
C ALA C 227 -3.04 2.00 7.60
N ARG C 228 -2.65 0.75 7.93
CA ARG C 228 -1.55 0.01 7.31
C ARG C 228 -1.99 -1.16 6.42
N ILE C 229 -3.25 -1.60 6.49
CA ILE C 229 -3.68 -2.76 5.72
C ILE C 229 -3.52 -2.54 4.22
N GLY C 230 -3.47 -1.30 3.77
CA GLY C 230 -3.16 -1.07 2.37
C GLY C 230 -1.74 -1.49 2.00
N ASP C 231 -0.78 -1.20 2.88
CA ASP C 231 0.61 -1.48 2.59
C ASP C 231 0.96 -2.95 2.71
N PHE C 232 0.01 -3.78 3.14
CA PHE C 232 0.20 -5.20 3.40
C PHE C 232 -0.07 -6.06 2.18
N LEU C 233 -0.76 -5.52 1.19
CA LEU C 233 -1.21 -6.34 0.06
C LEU C 233 -0.06 -7.08 -0.61
N VAL C 234 1.14 -6.46 -0.65
CA VAL C 234 2.27 -7.07 -1.31
C VAL C 234 2.75 -8.31 -0.57
N PHE C 235 2.45 -8.42 0.71
CA PHE C 235 2.90 -9.56 1.50
C PHE C 235 1.84 -10.63 1.65
N ASN C 236 0.67 -10.47 1.03
CA ASN C 236 -0.38 -11.47 1.16
C ASN C 236 0.17 -12.87 0.94
N ASP C 237 0.61 -13.16 -0.30
CA ASP C 237 0.98 -14.53 -0.64
C ASP C 237 2.09 -15.05 0.26
N ARG C 238 3.12 -14.22 0.51
CA ARG C 238 4.16 -14.62 1.45
C ARG C 238 3.61 -14.99 2.81
N VAL C 239 2.79 -14.10 3.40
CA VAL C 239 2.27 -14.37 4.73
C VAL C 239 1.38 -15.61 4.70
N ASN C 240 0.60 -15.78 3.64
CA ASN C 240 -0.25 -16.97 3.54
C ASN C 240 0.58 -18.24 3.57
N ARG C 241 1.65 -18.27 2.78
CA ARG C 241 2.51 -19.46 2.76
C ARG C 241 3.23 -19.64 4.09
N GLN C 242 3.89 -18.59 4.59
CA GLN C 242 4.72 -18.75 5.79
C GLN C 242 3.90 -19.19 6.98
N LEU C 243 2.66 -18.69 7.09
CA LEU C 243 1.81 -19.12 8.20
C LEU C 243 1.19 -20.49 7.98
N GLN C 244 1.00 -20.93 6.74
CA GLN C 244 0.47 -22.28 6.59
C GLN C 244 1.50 -23.29 7.05
N SER C 245 2.79 -22.96 6.91
CA SER C 245 3.81 -23.87 7.38
C SER C 245 3.89 -23.91 8.89
N LEU C 246 3.32 -22.92 9.57
CA LEU C 246 3.34 -22.97 11.03
C LEU C 246 2.17 -23.77 11.58
N GLY C 247 1.24 -24.19 10.73
CA GLY C 247 0.18 -25.07 11.19
C GLY C 247 -1.25 -24.66 10.88
N PHE C 248 -1.43 -23.40 10.51
CA PHE C 248 -2.77 -22.91 10.28
C PHE C 248 -3.26 -23.40 8.93
N ARG C 249 -4.44 -23.99 8.88
CA ARG C 249 -4.93 -24.38 7.57
C ARG C 249 -5.35 -23.17 6.74
N TYR C 250 -5.92 -22.15 7.38
CA TYR C 250 -6.41 -20.95 6.70
C TYR C 250 -5.82 -19.71 7.33
N VAL C 251 -5.23 -18.83 6.54
CA VAL C 251 -4.70 -17.57 7.04
C VAL C 251 -5.52 -16.42 6.50
N THR C 252 -6.13 -15.68 7.40
CA THR C 252 -7.04 -14.61 7.00
C THR C 252 -6.62 -13.30 7.65
N LEU C 253 -7.15 -12.23 7.09
CA LEU C 253 -6.91 -10.88 7.57
C LEU C 253 -8.23 -10.29 8.00
N ASP C 254 -8.31 -9.85 9.25
CA ASP C 254 -9.53 -9.32 9.85
C ASP C 254 -9.90 -7.98 9.21
N LEU C 255 -11.09 -7.94 8.63
CA LEU C 255 -11.62 -6.77 7.96
C LEU C 255 -11.89 -5.63 8.93
N GLY C 256 -11.90 -5.95 10.25
CA GLY C 256 -12.14 -4.92 11.20
C GLY C 256 -10.86 -4.18 11.44
N GLY C 257 -9.87 -4.80 12.09
CA GLY C 257 -8.63 -4.10 12.32
C GLY C 257 -8.19 -4.34 13.71
N PHE C 258 -7.10 -3.69 14.08
CA PHE C 258 -6.67 -3.71 15.45
C PHE C 258 -7.43 -2.71 16.35
N SER D 26 -30.63 5.15 -31.69
CA SER D 26 -29.89 5.22 -30.45
C SER D 26 -28.73 4.23 -30.37
N GLY D 27 -28.72 3.21 -31.22
CA GLY D 27 -27.70 2.20 -31.22
C GLY D 27 -27.96 1.03 -30.29
N GLY D 28 -28.81 1.21 -29.28
CA GLY D 28 -29.07 0.18 -28.29
C GLY D 28 -29.68 -1.07 -28.88
N ILE D 29 -29.94 -2.06 -28.02
CA ILE D 29 -30.56 -3.30 -28.49
C ILE D 29 -31.97 -3.04 -28.98
N ASP D 30 -32.65 -2.02 -28.45
CA ASP D 30 -34.00 -1.73 -28.87
C ASP D 30 -34.04 -1.07 -30.25
N SER D 31 -33.25 -0.01 -30.44
CA SER D 31 -33.27 0.73 -31.71
C SER D 31 -32.60 -0.04 -32.84
N THR D 32 -31.62 -0.89 -32.52
CA THR D 32 -30.99 -1.73 -33.52
C THR D 32 -32.01 -2.66 -34.16
N LEU D 33 -32.64 -3.51 -33.34
CA LEU D 33 -33.65 -4.46 -33.83
C LEU D 33 -34.67 -3.81 -34.76
N VAL D 34 -35.02 -2.56 -34.51
CA VAL D 34 -36.00 -1.87 -35.36
C VAL D 34 -35.45 -1.72 -36.78
N LEU D 35 -34.21 -1.25 -36.90
CA LEU D 35 -33.59 -1.10 -38.21
C LEU D 35 -33.52 -2.44 -38.94
N LYS D 36 -32.92 -3.44 -38.30
CA LYS D 36 -32.72 -4.73 -38.98
C LYS D 36 -34.03 -5.47 -39.21
N MET D 37 -35.03 -5.26 -38.35
CA MET D 37 -36.34 -5.87 -38.60
C MET D 37 -37.11 -5.09 -39.67
N ALA D 38 -37.12 -3.76 -39.58
CA ALA D 38 -37.81 -2.98 -40.59
C ALA D 38 -37.10 -3.02 -41.93
N LEU D 42 -39.58 -3.62 -44.67
CA LEU D 42 -39.97 -2.50 -45.52
C LEU D 42 -38.97 -2.18 -46.64
N GLY D 43 -37.71 -2.59 -46.50
CA GLY D 43 -36.74 -2.39 -47.54
C GLY D 43 -35.80 -1.23 -47.23
N ARG D 44 -34.62 -1.27 -47.87
CA ARG D 44 -33.61 -0.24 -47.67
C ARG D 44 -34.02 1.10 -48.24
N ASP D 45 -34.90 1.11 -49.24
CA ASP D 45 -35.34 2.34 -49.87
C ASP D 45 -36.52 2.99 -49.15
N VAL D 50 -31.85 7.87 -38.68
CA VAL D 50 -31.54 9.17 -38.09
C VAL D 50 -30.88 8.98 -36.73
N VAL D 51 -29.68 9.53 -36.57
CA VAL D 51 -28.97 9.57 -35.29
C VAL D 51 -28.54 11.02 -35.04
N ALA D 52 -28.99 11.58 -33.96
CA ALA D 52 -28.70 12.94 -33.69
C ALA D 52 -27.33 13.17 -33.18
N ASN D 53 -26.90 14.40 -33.21
CA ASN D 53 -25.65 14.77 -32.61
C ASN D 53 -25.98 16.12 -32.03
N SER D 54 -25.61 16.36 -30.78
CA SER D 54 -25.90 17.60 -30.10
C SER D 54 -24.74 18.07 -29.34
N GLU D 55 -24.78 19.30 -28.90
CA GLU D 55 -23.67 19.76 -28.11
C GLU D 55 -23.62 18.93 -26.83
N LEU D 56 -24.78 18.61 -26.29
CA LEU D 56 -24.84 17.97 -24.98
C LEU D 56 -24.49 16.49 -25.01
N PHE D 57 -24.03 15.97 -26.13
CA PHE D 57 -23.58 14.58 -26.23
C PHE D 57 -22.24 14.53 -26.95
N THR D 58 -21.34 13.67 -26.46
CA THR D 58 -20.08 13.44 -27.16
C THR D 58 -20.35 13.11 -28.62
N ASP D 59 -19.48 13.62 -29.49
CA ASP D 59 -19.51 13.21 -30.89
C ASP D 59 -19.18 11.73 -31.07
N GLU D 60 -18.66 11.08 -30.03
CA GLU D 60 -18.44 9.63 -30.07
C GLU D 60 -19.76 8.88 -30.15
N GLU D 61 -20.78 9.33 -29.39
CA GLU D 61 -22.09 8.68 -29.46
C GLU D 61 -22.65 8.74 -30.88
N PHE D 62 -22.53 9.89 -31.54
CA PHE D 62 -23.06 10.05 -32.89
C PHE D 62 -22.24 9.27 -33.91
N ASP D 63 -20.92 9.14 -33.69
CA ASP D 63 -20.05 8.48 -34.66
C ASP D 63 -20.18 6.96 -34.62
N LYS D 64 -20.29 6.37 -33.42
CA LYS D 64 -20.42 4.92 -33.32
C LYS D 64 -21.83 4.44 -33.68
N ALA D 65 -22.83 5.32 -33.54
CA ALA D 65 -24.18 4.97 -33.96
C ALA D 65 -24.29 4.94 -35.49
N MET D 66 -23.63 5.89 -36.17
CA MET D 66 -23.67 5.91 -37.63
C MET D 66 -22.88 4.76 -38.23
N SER D 67 -21.91 4.21 -37.49
CA SER D 67 -21.23 3.01 -37.94
C SER D 67 -22.06 1.77 -37.62
N LEU D 68 -22.78 1.77 -36.50
CA LEU D 68 -23.64 0.65 -36.14
C LEU D 68 -24.91 0.59 -36.99
N ALA D 69 -25.30 1.71 -37.62
CA ALA D 69 -26.49 1.73 -38.46
C ALA D 69 -26.17 1.39 -39.93
N GLU D 70 -25.13 2.00 -40.50
CA GLU D 70 -24.68 1.58 -41.82
C GLU D 70 -24.24 0.13 -41.85
N GLU D 71 -23.95 -0.44 -40.68
CA GLU D 71 -23.57 -1.85 -40.60
C GLU D 71 -24.77 -2.77 -40.83
N LEU D 72 -25.93 -2.42 -40.27
CA LEU D 72 -27.15 -3.16 -40.57
C LEU D 72 -27.59 -2.97 -42.02
N GLY D 73 -26.97 -2.03 -42.73
CA GLY D 73 -27.17 -1.90 -44.16
C GLY D 73 -28.12 -0.81 -44.60
N ALA D 74 -28.46 0.13 -43.72
CA ALA D 74 -29.43 1.15 -44.04
C ALA D 74 -28.74 2.46 -44.44
N ASN D 75 -29.52 3.33 -45.08
CA ASN D 75 -29.10 4.70 -45.34
C ASN D 75 -29.31 5.50 -44.06
N VAL D 76 -28.21 5.92 -43.42
CA VAL D 76 -28.25 6.63 -42.15
C VAL D 76 -27.83 8.08 -42.39
N GLN D 77 -28.61 9.01 -41.83
CA GLN D 77 -28.38 10.44 -42.01
C GLN D 77 -28.51 11.15 -40.67
N GLY D 78 -27.61 12.10 -40.40
CA GLY D 78 -27.62 12.78 -39.13
C GLY D 78 -28.37 14.10 -39.13
N THR D 79 -28.76 14.54 -37.93
CA THR D 79 -29.27 15.89 -37.70
C THR D 79 -28.69 16.39 -36.37
N THR D 80 -28.56 17.71 -36.25
CA THR D 80 -27.96 18.31 -35.07
C THR D 80 -28.92 19.31 -34.44
N LEU D 81 -29.01 19.30 -33.11
CA LEU D 81 -30.00 20.07 -32.37
C LEU D 81 -29.31 21.12 -31.49
N ASP D 82 -29.64 22.39 -31.70
CA ASP D 82 -29.11 23.50 -30.89
C ASP D 82 -29.97 23.63 -29.63
N TYR D 83 -29.70 22.75 -28.67
CA TYR D 83 -30.50 22.64 -27.45
C TYR D 83 -30.41 23.92 -26.62
N LEU D 84 -29.26 24.58 -26.62
CA LEU D 84 -29.11 25.83 -25.89
C LEU D 84 -30.11 26.90 -26.36
N SER D 85 -30.71 26.73 -27.54
CA SER D 85 -31.73 27.66 -28.01
C SER D 85 -32.87 27.78 -27.02
N ASP D 86 -33.50 26.67 -26.63
CA ASP D 86 -34.62 26.72 -25.70
C ASP D 86 -34.13 27.17 -24.33
N ASP D 87 -34.89 28.06 -23.69
CA ASP D 87 -34.42 28.66 -22.44
C ASP D 87 -34.46 27.70 -21.27
N HIS D 88 -35.21 26.61 -21.37
CA HIS D 88 -35.28 25.66 -20.25
C HIS D 88 -34.02 24.83 -20.15
N ILE D 89 -33.61 24.23 -21.28
CA ILE D 89 -32.38 23.45 -21.34
C ILE D 89 -31.20 24.25 -20.83
N LYS D 90 -31.10 25.52 -21.25
CA LYS D 90 -29.92 26.32 -20.92
C LYS D 90 -30.00 26.88 -19.50
N ASN D 91 -31.20 27.25 -19.03
CA ASN D 91 -31.34 27.68 -17.65
C ASN D 91 -31.15 26.53 -16.68
N ASN D 92 -31.29 25.29 -17.15
CA ASN D 92 -31.06 24.08 -16.36
C ASN D 92 -32.06 24.00 -15.20
N THR D 93 -33.32 23.98 -15.57
CA THR D 93 -34.39 23.61 -14.67
C THR D 93 -34.55 22.09 -14.69
N PRO D 94 -35.06 21.48 -13.62
CA PRO D 94 -35.47 20.08 -13.70
C PRO D 94 -36.49 19.84 -14.79
N ASP D 95 -37.16 20.90 -15.26
CA ASP D 95 -37.96 20.85 -16.47
C ASP D 95 -37.10 20.96 -17.73
N SER D 96 -35.81 20.63 -17.65
CA SER D 96 -34.98 20.57 -18.85
C SER D 96 -35.28 19.32 -19.66
N TRP D 97 -35.27 18.15 -19.03
CA TRP D 97 -35.28 16.90 -19.77
C TRP D 97 -36.53 16.78 -20.63
N TYR D 98 -37.70 17.09 -20.06
CA TYR D 98 -38.91 17.13 -20.86
C TYR D 98 -38.73 18.09 -22.03
N TYR D 99 -38.47 19.36 -21.72
CA TYR D 99 -38.26 20.36 -22.77
C TYR D 99 -37.17 19.93 -23.73
N ALA D 100 -36.08 19.34 -23.22
CA ALA D 100 -35.00 18.90 -24.08
C ALA D 100 -35.45 17.78 -25.00
N LYS D 101 -36.23 16.83 -24.47
CA LYS D 101 -36.75 15.75 -25.31
C LYS D 101 -37.69 16.30 -26.37
N LYS D 102 -38.46 17.32 -26.02
CA LYS D 102 -39.47 17.84 -26.95
C LYS D 102 -38.81 18.47 -28.19
N MET D 103 -37.69 19.18 -28.01
CA MET D 103 -36.99 19.74 -29.15
C MET D 103 -36.37 18.65 -30.00
N PHE D 104 -36.13 17.47 -29.43
CA PHE D 104 -35.61 16.36 -30.22
C PHE D 104 -36.63 15.87 -31.23
N TYR D 105 -37.82 15.50 -30.74
CA TYR D 105 -38.83 14.90 -31.60
C TYR D 105 -39.33 15.87 -32.67
N SER D 106 -39.13 17.17 -32.49
CA SER D 106 -39.66 18.14 -33.44
C SER D 106 -38.95 18.03 -34.78
N ARG D 107 -37.62 18.06 -34.78
CA ARG D 107 -36.88 17.86 -36.02
C ARG D 107 -37.11 16.47 -36.60
N LEU D 108 -37.49 15.51 -35.75
CA LEU D 108 -37.88 14.20 -36.25
C LEU D 108 -39.17 14.28 -37.05
N ASN D 109 -40.17 15.01 -36.52
CA ASN D 109 -41.36 15.29 -37.32
C ASN D 109 -41.00 16.01 -38.61
N ASP D 110 -39.92 16.78 -38.60
CA ASP D 110 -39.54 17.55 -39.77
C ASP D 110 -38.87 16.67 -40.85
N ILE D 111 -37.94 15.79 -40.44
CA ILE D 111 -37.17 15.06 -41.43
C ILE D 111 -37.98 13.96 -42.12
N ALA D 112 -39.07 13.49 -41.51
CA ALA D 112 -39.88 12.41 -42.09
C ALA D 112 -41.03 12.95 -42.95
N LYS D 155 -38.81 -6.50 -21.71
CA LYS D 155 -37.35 -6.43 -21.85
C LYS D 155 -36.76 -7.79 -22.19
N THR D 156 -37.38 -8.88 -21.72
CA THR D 156 -36.93 -10.23 -22.01
C THR D 156 -37.50 -10.76 -23.33
N ASP D 157 -38.68 -10.27 -23.73
CA ASP D 157 -39.26 -10.72 -25.00
C ASP D 157 -38.50 -10.15 -26.19
N VAL D 158 -37.89 -8.97 -26.05
CA VAL D 158 -37.25 -8.34 -27.20
C VAL D 158 -35.89 -8.96 -27.47
N ARG D 159 -35.18 -9.43 -26.44
CA ARG D 159 -33.90 -10.07 -26.64
C ARG D 159 -34.05 -11.48 -27.23
N ALA D 160 -35.26 -12.04 -27.17
CA ALA D 160 -35.52 -13.36 -27.73
C ALA D 160 -35.78 -13.32 -29.23
N LEU D 161 -36.22 -12.18 -29.76
CA LEU D 161 -36.31 -11.99 -31.20
C LEU D 161 -35.01 -11.44 -31.78
N ALA D 162 -34.22 -10.74 -30.97
CA ALA D 162 -32.93 -10.26 -31.44
C ALA D 162 -31.93 -11.40 -31.60
N GLN D 163 -31.78 -12.23 -30.57
CA GLN D 163 -30.78 -13.30 -30.56
C GLN D 163 -31.09 -14.42 -31.54
N GLU D 164 -32.20 -14.37 -32.26
CA GLU D 164 -32.41 -15.32 -33.34
C GLU D 164 -31.90 -14.81 -34.68
N LEU D 165 -31.63 -13.51 -34.81
CA LEU D 165 -31.14 -12.91 -36.04
C LEU D 165 -29.61 -12.78 -36.06
N GLY D 166 -28.90 -13.55 -35.25
CA GLY D 166 -27.49 -13.28 -35.05
C GLY D 166 -27.23 -11.87 -34.61
N LEU D 167 -28.05 -11.35 -33.68
CA LEU D 167 -27.93 -10.00 -33.17
C LEU D 167 -26.49 -9.70 -32.78
N THR D 168 -25.86 -8.78 -33.52
CA THR D 168 -24.40 -8.59 -33.42
C THR D 168 -24.04 -7.84 -32.14
N ASN D 169 -24.35 -6.55 -32.07
CA ASN D 169 -23.95 -5.75 -30.93
C ASN D 169 -25.01 -4.71 -30.63
N TRP D 170 -25.03 -4.26 -29.38
CA TRP D 170 -25.94 -3.22 -28.93
C TRP D 170 -25.13 -2.16 -28.21
N ASN D 171 -25.60 -0.91 -28.27
CA ASN D 171 -24.94 0.19 -27.59
C ASN D 171 -25.24 0.08 -26.10
N LYS D 172 -24.33 -0.52 -25.33
CA LYS D 172 -24.60 -0.78 -23.93
C LYS D 172 -24.34 0.45 -23.07
N VAL D 173 -23.18 1.08 -23.25
CA VAL D 173 -22.78 2.25 -22.46
C VAL D 173 -23.74 3.40 -22.77
N ALA D 174 -24.63 3.69 -21.83
CA ALA D 174 -25.63 4.72 -22.04
C ALA D 174 -25.04 6.12 -21.84
N SER D 175 -25.40 7.04 -22.74
CA SER D 175 -24.99 8.42 -22.64
C SER D 175 -25.91 9.18 -21.71
N CYS D 176 -25.43 10.34 -21.25
CA CYS D 176 -26.21 11.26 -20.44
C CYS D 176 -26.03 12.68 -20.94
N SER D 177 -27.12 13.44 -20.94
CA SER D 177 -27.04 14.87 -21.15
C SER D 177 -26.00 15.45 -20.19
N VAL D 178 -25.10 16.27 -20.74
CA VAL D 178 -24.05 16.85 -19.91
C VAL D 178 -24.63 17.84 -18.91
N SER D 179 -25.87 18.29 -19.12
CA SER D 179 -26.52 19.14 -18.12
C SER D 179 -26.60 18.46 -16.76
N SER D 180 -26.56 17.12 -16.72
CA SER D 180 -26.51 16.41 -15.45
C SER D 180 -25.20 16.67 -14.71
N ARG D 181 -24.15 17.11 -15.40
CA ARG D 181 -22.91 17.47 -14.75
C ARG D 181 -22.97 18.86 -14.15
N PHE D 182 -24.06 19.57 -14.33
CA PHE D 182 -24.08 20.89 -13.77
C PHE D 182 -25.20 21.00 -12.75
N PRO D 183 -25.05 21.83 -11.73
CA PRO D 183 -26.12 21.98 -10.75
C PRO D 183 -27.37 22.62 -11.36
N TYR D 184 -28.52 22.25 -10.78
CA TYR D 184 -29.82 22.80 -11.14
C TYR D 184 -29.79 24.31 -10.98
N GLY D 185 -29.87 25.04 -12.08
CA GLY D 185 -29.83 26.48 -12.08
C GLY D 185 -28.59 27.06 -12.74
N THR D 186 -27.44 26.41 -12.60
CA THR D 186 -26.23 26.89 -13.27
C THR D 186 -26.50 27.09 -14.75
N THR D 187 -26.45 28.36 -15.19
CA THR D 187 -26.62 28.67 -16.60
C THR D 187 -25.52 28.02 -17.42
N LEU D 188 -25.89 27.33 -18.49
CA LEU D 188 -24.94 26.55 -19.27
C LEU D 188 -24.23 27.45 -20.29
N THR D 189 -22.90 27.45 -20.26
CA THR D 189 -22.06 28.04 -21.29
C THR D 189 -21.62 26.94 -22.23
N HIS D 190 -21.35 27.28 -23.49
CA HIS D 190 -20.53 26.35 -24.26
C HIS D 190 -19.22 26.13 -23.52
N ASP D 191 -18.56 27.22 -23.09
CA ASP D 191 -17.19 27.14 -22.60
C ASP D 191 -17.07 26.25 -21.37
N ASN D 192 -18.00 26.38 -20.41
CA ASN D 192 -17.88 25.49 -19.26
C ASN D 192 -18.46 24.11 -19.54
N ILE D 193 -19.47 23.99 -20.42
CA ILE D 193 -19.87 22.67 -20.90
C ILE D 193 -18.68 21.97 -21.53
N ALA D 194 -18.01 22.67 -22.45
CA ALA D 194 -16.84 22.10 -23.11
C ALA D 194 -15.87 21.50 -22.12
N GLN D 195 -15.46 22.28 -21.11
CA GLN D 195 -14.43 21.76 -20.21
C GLN D 195 -14.95 20.59 -19.39
N VAL D 196 -16.25 20.46 -19.23
CA VAL D 196 -16.76 19.26 -18.58
C VAL D 196 -16.55 18.05 -19.47
N MET D 197 -16.98 18.14 -20.73
CA MET D 197 -16.86 17.01 -21.63
C MET D 197 -15.41 16.71 -21.96
N ALA D 198 -14.56 17.74 -22.02
CA ALA D 198 -13.12 17.48 -22.07
C ALA D 198 -12.64 16.79 -20.81
N ALA D 199 -13.02 17.31 -19.65
CA ALA D 199 -12.60 16.66 -18.41
C ALA D 199 -13.00 15.19 -18.41
N GLU D 200 -14.16 14.87 -18.98
CA GLU D 200 -14.64 13.49 -18.92
C GLU D 200 -13.90 12.61 -19.93
N LYS D 201 -13.72 13.10 -21.17
CA LYS D 201 -12.95 12.34 -22.15
C LYS D 201 -11.58 11.97 -21.60
N TYR D 202 -10.92 12.89 -20.90
CA TYR D 202 -9.59 12.63 -20.40
C TYR D 202 -9.60 11.51 -19.37
N LEU D 203 -10.58 11.52 -18.46
CA LEU D 203 -10.64 10.44 -17.49
C LEU D 203 -10.97 9.11 -18.17
N ARG D 204 -11.79 9.16 -19.21
CA ARG D 204 -12.12 7.94 -19.93
C ARG D 204 -10.89 7.36 -20.65
N SER D 205 -10.07 8.21 -21.26
CA SER D 205 -8.93 7.71 -22.01
C SER D 205 -8.01 6.91 -21.11
N LEU D 206 -7.85 7.34 -19.87
CA LEU D 206 -7.01 6.60 -18.92
C LEU D 206 -7.62 5.29 -18.50
N GLY D 207 -8.80 4.93 -19.01
CA GLY D 207 -9.39 3.64 -18.69
C GLY D 207 -10.45 3.67 -17.63
N PHE D 208 -11.21 4.74 -17.51
CA PHE D 208 -12.35 4.79 -16.60
C PHE D 208 -13.52 5.13 -17.49
N PRO D 209 -14.24 4.12 -17.96
CA PRO D 209 -15.40 4.39 -18.81
C PRO D 209 -16.53 5.07 -18.04
N THR D 210 -16.77 4.61 -16.83
CA THR D 210 -17.78 5.19 -15.98
C THR D 210 -17.13 6.28 -15.15
N VAL D 211 -17.53 7.52 -15.38
CA VAL D 211 -16.91 8.64 -14.71
C VAL D 211 -17.74 9.88 -15.00
N ARG D 212 -17.88 10.77 -14.02
CA ARG D 212 -18.51 12.06 -14.23
C ARG D 212 -17.63 13.14 -13.62
N VAL D 213 -17.44 14.24 -14.34
CA VAL D 213 -16.85 15.44 -13.76
C VAL D 213 -17.98 16.40 -13.48
N ARG D 214 -18.27 16.62 -12.20
CA ARG D 214 -19.34 17.49 -11.75
C ARG D 214 -18.80 18.90 -11.51
N PHE D 215 -19.59 19.89 -11.89
CA PHE D 215 -19.13 21.26 -12.08
C PHE D 215 -19.60 22.13 -10.91
N HIS D 216 -18.64 22.57 -10.07
CA HIS D 216 -18.88 23.47 -8.95
C HIS D 216 -17.96 24.64 -9.21
N ASN D 217 -18.34 25.52 -10.13
CA ASN D 217 -17.57 26.72 -10.43
C ASN D 217 -16.10 26.40 -10.65
N ASP D 218 -15.27 26.73 -9.65
CA ASP D 218 -13.84 26.51 -9.66
C ASP D 218 -13.42 25.15 -9.19
N ILE D 219 -14.35 24.34 -8.68
CA ILE D 219 -14.02 23.04 -8.13
C ILE D 219 -14.52 21.96 -9.07
N ALA D 220 -13.65 21.03 -9.41
CA ALA D 220 -14.04 19.89 -10.23
C ALA D 220 -14.22 18.72 -9.28
N ARG D 221 -15.42 18.13 -9.29
CA ARG D 221 -15.71 17.00 -8.42
C ARG D 221 -15.90 15.78 -9.30
N ILE D 222 -15.06 14.78 -9.12
CA ILE D 222 -14.99 13.63 -10.02
C ILE D 222 -15.60 12.43 -9.32
N GLU D 223 -16.70 11.91 -9.85
CA GLU D 223 -17.31 10.71 -9.31
C GLU D 223 -16.78 9.53 -10.10
N LEU D 224 -15.99 8.69 -9.45
CA LEU D 224 -15.51 7.44 -9.98
C LEU D 224 -16.20 6.30 -9.28
N PRO D 225 -16.43 5.18 -9.96
CA PRO D 225 -17.03 4.02 -9.30
C PRO D 225 -16.10 3.50 -8.21
N GLU D 226 -16.59 3.50 -6.97
CA GLU D 226 -15.73 3.30 -5.80
C GLU D 226 -14.78 2.13 -5.98
N ALA D 227 -15.22 1.08 -6.66
CA ALA D 227 -14.36 -0.05 -6.89
C ALA D 227 -13.11 0.30 -7.72
N ARG D 228 -13.08 1.45 -8.38
CA ARG D 228 -11.97 1.82 -9.25
C ARG D 228 -11.10 2.94 -8.66
N ILE D 229 -11.28 3.30 -7.40
CA ILE D 229 -10.51 4.43 -6.88
C ILE D 229 -9.10 3.99 -6.49
N GLY D 230 -8.92 2.74 -6.04
CA GLY D 230 -7.58 2.24 -5.84
C GLY D 230 -6.77 2.17 -7.13
N ASP D 231 -7.45 2.01 -8.27
CA ASP D 231 -6.81 2.01 -9.56
C ASP D 231 -6.46 3.39 -10.07
N PHE D 232 -6.75 4.45 -9.31
CA PHE D 232 -6.72 5.80 -9.83
C PHE D 232 -5.51 6.60 -9.38
N LEU D 233 -4.81 6.13 -8.34
CA LEU D 233 -3.86 6.98 -7.63
C LEU D 233 -2.67 7.35 -8.49
N VAL D 234 -2.39 6.57 -9.53
CA VAL D 234 -1.24 6.88 -10.35
C VAL D 234 -1.52 8.06 -11.24
N PHE D 235 -2.78 8.37 -11.45
CA PHE D 235 -3.14 9.48 -12.31
C PHE D 235 -3.33 10.77 -11.54
N ASN D 236 -3.25 10.74 -10.21
CA ASN D 236 -3.70 11.86 -9.40
C ASN D 236 -3.07 13.17 -9.84
N ASP D 237 -1.75 13.29 -9.69
CA ASP D 237 -1.07 14.51 -10.13
C ASP D 237 -1.29 14.79 -11.61
N ARG D 238 -1.43 13.75 -12.42
CA ARG D 238 -1.60 14.01 -13.85
C ARG D 238 -3.01 14.44 -14.17
N VAL D 239 -4.00 13.69 -13.70
CA VAL D 239 -5.38 14.15 -13.68
C VAL D 239 -5.47 15.57 -13.12
N ASN D 240 -4.77 15.84 -12.02
CA ASN D 240 -4.83 17.16 -11.41
C ASN D 240 -4.39 18.23 -12.39
N ARG D 241 -3.11 18.27 -12.74
CA ARG D 241 -2.60 19.37 -13.56
C ARG D 241 -3.34 19.52 -14.89
N GLN D 242 -4.09 18.52 -15.32
CA GLN D 242 -4.72 18.58 -16.63
C GLN D 242 -6.11 19.17 -16.57
N LEU D 243 -6.88 18.82 -15.53
CA LEU D 243 -8.14 19.51 -15.28
C LEU D 243 -7.89 20.96 -14.94
N GLN D 244 -6.81 21.24 -14.21
CA GLN D 244 -6.44 22.63 -13.97
C GLN D 244 -6.24 23.36 -15.28
N SER D 245 -5.54 22.76 -16.22
CA SER D 245 -5.30 23.46 -17.48
C SER D 245 -6.57 23.67 -18.28
N LEU D 246 -7.69 23.08 -17.87
CA LEU D 246 -8.98 23.31 -18.51
C LEU D 246 -9.77 24.45 -17.89
N GLY D 247 -9.31 25.01 -16.78
CA GLY D 247 -10.01 26.08 -16.10
C GLY D 247 -10.34 25.80 -14.66
N PHE D 248 -10.27 24.58 -14.18
CA PHE D 248 -10.57 24.37 -12.77
C PHE D 248 -9.47 24.93 -11.88
N ARG D 249 -9.87 25.53 -10.77
CA ARG D 249 -8.91 25.92 -9.75
C ARG D 249 -8.63 24.79 -8.77
N TYR D 250 -9.53 23.82 -8.69
CA TYR D 250 -9.41 22.75 -7.71
C TYR D 250 -9.99 21.48 -8.29
N VAL D 251 -9.20 20.41 -8.18
CA VAL D 251 -9.55 19.11 -8.75
C VAL D 251 -9.65 18.13 -7.60
N THR D 252 -10.86 17.62 -7.37
CA THR D 252 -11.13 16.79 -6.21
C THR D 252 -11.72 15.47 -6.67
N LEU D 253 -11.62 14.48 -5.79
CA LEU D 253 -12.22 13.17 -6.04
C LEU D 253 -13.28 12.98 -4.97
N ASP D 254 -14.53 12.77 -5.39
CA ASP D 254 -15.62 12.55 -4.46
C ASP D 254 -15.38 11.29 -3.64
N LEU D 255 -15.33 11.43 -2.31
CA LEU D 255 -15.09 10.23 -1.51
C LEU D 255 -16.27 9.32 -1.47
N GLY D 256 -17.34 9.63 -2.18
CA GLY D 256 -18.52 8.80 -2.11
C GLY D 256 -18.74 7.90 -3.30
N GLY D 257 -18.07 8.20 -4.41
CA GLY D 257 -18.15 7.36 -5.58
C GLY D 257 -19.08 7.86 -6.66
N PHE D 258 -19.55 6.91 -7.43
CA PHE D 258 -20.57 7.13 -8.43
C PHE D 258 -21.95 7.08 -7.78
N ARG D 259 -22.95 7.63 -8.50
CA ARG D 259 -24.33 7.65 -8.05
C ARG D 259 -24.76 6.32 -7.40
N SER D 260 -24.57 5.20 -8.12
CA SER D 260 -24.88 3.84 -7.65
C SER D 260 -26.37 3.61 -7.42
N LEU E 4 -14.62 -28.80 -37.51
CA LEU E 4 -15.57 -28.06 -36.68
C LEU E 4 -16.97 -28.60 -36.86
N ALA E 5 -17.44 -28.61 -38.10
CA ALA E 5 -18.71 -29.23 -38.41
C ALA E 5 -18.70 -30.73 -38.16
N THR E 6 -17.54 -31.31 -37.79
CA THR E 6 -17.46 -32.71 -37.45
C THR E 6 -17.96 -32.97 -36.02
N LYS E 7 -17.46 -32.19 -35.05
CA LYS E 7 -18.02 -32.26 -33.71
C LYS E 7 -19.53 -32.07 -33.73
N LYS E 8 -20.02 -31.30 -34.71
CA LYS E 8 -21.43 -30.98 -34.82
C LYS E 8 -22.24 -32.14 -35.39
N ALA E 9 -21.74 -32.78 -36.45
CA ALA E 9 -22.47 -33.87 -37.08
C ALA E 9 -22.76 -34.99 -36.09
N THR E 10 -21.81 -35.26 -35.18
CA THR E 10 -22.08 -36.26 -34.15
C THR E 10 -23.26 -35.85 -33.29
N LEU E 11 -23.47 -34.54 -33.11
CA LEU E 11 -24.52 -34.04 -32.23
C LEU E 11 -25.91 -34.21 -32.82
N VAL E 12 -26.09 -33.89 -34.12
CA VAL E 12 -27.43 -33.99 -34.71
C VAL E 12 -27.81 -35.45 -34.93
N ALA E 13 -26.85 -36.30 -35.27
CA ALA E 13 -27.15 -37.71 -35.43
C ALA E 13 -27.58 -38.30 -34.11
N ALA E 14 -26.98 -37.84 -33.01
CA ALA E 14 -27.35 -38.31 -31.68
C ALA E 14 -28.71 -37.76 -31.25
N LEU E 15 -29.00 -36.49 -31.57
CA LEU E 15 -30.30 -35.92 -31.20
C LEU E 15 -31.41 -36.50 -32.05
N LYS E 16 -31.18 -36.60 -33.37
CA LYS E 16 -32.19 -37.17 -34.26
C LYS E 16 -32.50 -38.61 -33.88
N ASP E 17 -31.49 -39.36 -33.42
CA ASP E 17 -31.69 -40.75 -33.01
C ASP E 17 -32.61 -40.83 -31.80
N LEU E 18 -32.53 -39.85 -30.90
CA LEU E 18 -33.39 -39.91 -29.73
C LEU E 18 -34.82 -39.48 -30.03
N GLN E 19 -35.01 -38.59 -31.01
CA GLN E 19 -36.33 -38.10 -31.42
C GLN E 19 -36.98 -37.27 -30.30
N ARG E 20 -37.19 -37.85 -29.12
CA ARG E 20 -37.76 -37.15 -27.97
C ARG E 20 -36.73 -37.13 -26.83
N VAL E 21 -36.51 -35.96 -26.20
CA VAL E 21 -35.58 -35.83 -25.07
C VAL E 21 -36.14 -34.91 -23.98
N THR E 22 -35.41 -34.92 -22.85
CA THR E 22 -35.60 -34.08 -21.67
C THR E 22 -34.24 -33.49 -21.32
N VAL E 23 -34.15 -32.15 -21.21
CA VAL E 23 -32.85 -31.48 -21.09
C VAL E 23 -32.75 -30.80 -19.74
N ALA E 24 -31.64 -31.04 -19.04
CA ALA E 24 -31.37 -30.46 -17.73
C ALA E 24 -30.66 -29.13 -17.91
N PHE E 25 -31.36 -28.04 -17.65
CA PHE E 25 -30.89 -26.68 -17.92
C PHE E 25 -30.32 -26.04 -16.68
N SER E 26 -29.16 -25.40 -16.81
CA SER E 26 -28.54 -24.70 -15.69
C SER E 26 -28.32 -23.22 -15.95
N GLY E 27 -28.53 -22.76 -17.19
CA GLY E 27 -28.23 -21.39 -17.57
C GLY E 27 -26.83 -21.17 -18.08
N GLY E 28 -25.89 -22.06 -17.77
CA GLY E 28 -24.54 -21.88 -18.26
C GLY E 28 -24.47 -21.99 -19.77
N ILE E 29 -23.34 -21.52 -20.33
CA ILE E 29 -23.17 -21.56 -21.78
C ILE E 29 -23.33 -22.99 -22.30
N ASP E 30 -22.82 -23.96 -21.55
CA ASP E 30 -22.87 -25.34 -22.01
C ASP E 30 -24.30 -25.84 -22.14
N SER E 31 -25.09 -25.75 -21.05
CA SER E 31 -26.47 -26.25 -21.09
C SER E 31 -27.30 -25.49 -22.11
N THR E 32 -26.92 -24.27 -22.46
CA THR E 32 -27.66 -23.52 -23.46
C THR E 32 -27.44 -24.09 -24.86
N LEU E 33 -26.17 -24.34 -25.24
CA LEU E 33 -25.89 -24.91 -26.56
C LEU E 33 -26.59 -26.25 -26.71
N VAL E 34 -26.73 -26.99 -25.62
CA VAL E 34 -27.49 -28.24 -25.66
C VAL E 34 -28.97 -27.94 -25.92
N LEU E 35 -29.53 -26.92 -25.25
CA LEU E 35 -30.96 -26.63 -25.40
C LEU E 35 -31.31 -25.99 -26.75
N LYS E 36 -30.53 -25.00 -27.20
CA LYS E 36 -30.86 -24.40 -28.48
C LYS E 36 -30.72 -25.42 -29.61
N MET E 37 -29.73 -26.32 -29.50
CA MET E 37 -29.53 -27.32 -30.54
C MET E 37 -30.67 -28.31 -30.59
N ALA E 38 -31.12 -28.79 -29.42
CA ALA E 38 -32.21 -29.75 -29.38
C ALA E 38 -33.51 -29.13 -29.87
N LEU E 39 -33.73 -27.85 -29.61
CA LEU E 39 -34.89 -27.20 -30.19
C LEU E 39 -34.76 -27.13 -31.72
N ASP E 40 -33.56 -26.82 -32.21
CA ASP E 40 -33.36 -26.68 -33.66
C ASP E 40 -33.35 -28.02 -34.40
N VAL E 41 -33.14 -29.14 -33.71
CA VAL E 41 -33.04 -30.44 -34.35
C VAL E 41 -34.31 -31.27 -34.12
N LEU E 42 -34.83 -31.29 -32.88
CA LEU E 42 -35.96 -32.14 -32.51
C LEU E 42 -37.30 -31.42 -32.41
N GLY E 43 -37.33 -30.09 -32.34
CA GLY E 43 -38.58 -29.34 -32.31
C GLY E 43 -39.07 -29.02 -30.90
N ARG E 44 -39.93 -28.00 -30.84
CA ARG E 44 -40.43 -27.49 -29.56
C ARG E 44 -41.28 -28.51 -28.83
N ASP E 45 -41.90 -29.43 -29.57
CA ASP E 45 -42.79 -30.45 -29.01
C ASP E 45 -42.08 -31.73 -28.56
N ASN E 46 -40.82 -31.93 -28.97
CA ASN E 46 -40.04 -33.12 -28.64
C ASN E 46 -38.91 -32.88 -27.62
N VAL E 47 -38.77 -31.69 -27.07
CA VAL E 47 -37.73 -31.40 -26.08
C VAL E 47 -38.36 -30.68 -24.89
N THR E 48 -38.04 -31.14 -23.70
CA THR E 48 -38.57 -30.57 -22.46
C THR E 48 -37.40 -30.12 -21.58
N ALA E 49 -37.42 -28.83 -21.21
CA ALA E 49 -36.35 -28.22 -20.42
C ALA E 49 -36.78 -28.14 -18.95
N VAL E 50 -35.89 -28.59 -18.07
CA VAL E 50 -36.18 -28.71 -16.64
C VAL E 50 -35.14 -27.92 -15.88
N VAL E 51 -35.59 -27.07 -14.97
CA VAL E 51 -34.73 -26.32 -14.05
C VAL E 51 -35.14 -26.65 -12.62
N ALA E 52 -34.15 -26.93 -11.77
CA ALA E 52 -34.39 -27.34 -10.40
C ALA E 52 -34.17 -26.17 -9.44
N ASN E 53 -35.14 -25.95 -8.56
CA ASN E 53 -34.97 -25.04 -7.44
C ASN E 53 -34.68 -25.86 -6.18
N SER E 54 -33.96 -25.25 -5.24
CA SER E 54 -33.53 -25.96 -4.04
C SER E 54 -33.01 -24.95 -3.01
N GLU E 55 -32.66 -25.45 -1.82
CA GLU E 55 -32.06 -24.61 -0.78
C GLU E 55 -30.61 -24.30 -1.06
N LEU E 56 -29.96 -25.10 -1.91
CA LEU E 56 -28.52 -25.01 -2.14
C LEU E 56 -28.15 -24.04 -3.25
N PHE E 57 -29.12 -23.49 -3.97
CA PHE E 57 -28.84 -22.55 -5.04
C PHE E 57 -29.74 -21.33 -4.88
N THR E 58 -29.19 -20.14 -5.13
CA THR E 58 -29.95 -18.92 -4.97
C THR E 58 -31.18 -18.94 -5.88
N ASP E 59 -32.29 -18.44 -5.36
CA ASP E 59 -33.47 -18.33 -6.19
C ASP E 59 -33.24 -17.31 -7.28
N GLU E 60 -32.35 -16.35 -7.04
CA GLU E 60 -31.95 -15.45 -8.10
C GLU E 60 -31.44 -16.22 -9.31
N GLU E 61 -30.61 -17.24 -9.08
CA GLU E 61 -30.07 -18.02 -10.18
C GLU E 61 -31.17 -18.83 -10.87
N PHE E 62 -32.06 -19.44 -10.06
CA PHE E 62 -33.14 -20.25 -10.62
C PHE E 62 -33.98 -19.45 -11.60
N ASP E 63 -34.36 -18.25 -11.21
CA ASP E 63 -35.29 -17.48 -12.04
C ASP E 63 -34.65 -17.07 -13.35
N LYS E 64 -33.34 -16.80 -13.35
CA LYS E 64 -32.67 -16.52 -14.61
C LYS E 64 -32.56 -17.79 -15.45
N ALA E 65 -32.58 -18.96 -14.83
CA ALA E 65 -32.55 -20.21 -15.58
C ALA E 65 -33.87 -20.43 -16.33
N MET E 66 -35.00 -20.09 -15.69
CA MET E 66 -36.28 -20.20 -16.36
C MET E 66 -36.42 -19.17 -17.49
N SER E 67 -35.87 -17.97 -17.31
CA SER E 67 -35.99 -16.96 -18.34
C SER E 67 -35.22 -17.33 -19.60
N LEU E 68 -34.00 -17.86 -19.45
CA LEU E 68 -33.22 -18.18 -20.64
C LEU E 68 -33.89 -19.26 -21.47
N ALA E 69 -34.67 -20.13 -20.83
CA ALA E 69 -35.37 -21.18 -21.56
C ALA E 69 -36.60 -20.64 -22.27
N GLU E 70 -37.38 -19.77 -21.61
CA GLU E 70 -38.54 -19.20 -22.27
C GLU E 70 -38.15 -18.33 -23.46
N GLU E 71 -37.04 -17.59 -23.35
CA GLU E 71 -36.58 -16.77 -24.47
C GLU E 71 -36.10 -17.61 -25.64
N LEU E 72 -35.42 -18.72 -25.35
CA LEU E 72 -34.98 -19.62 -26.42
C LEU E 72 -36.14 -20.33 -27.09
N GLY E 73 -37.28 -20.43 -26.42
CA GLY E 73 -38.46 -21.05 -27.00
C GLY E 73 -38.73 -22.49 -26.58
N ALA E 74 -38.18 -22.94 -25.46
CA ALA E 74 -38.43 -24.29 -25.03
C ALA E 74 -39.64 -24.32 -24.10
N ASN E 75 -40.31 -25.48 -24.05
CA ASN E 75 -41.30 -25.72 -23.00
C ASN E 75 -40.52 -26.03 -21.72
N VAL E 76 -40.50 -25.08 -20.80
CA VAL E 76 -39.67 -25.15 -19.60
C VAL E 76 -40.52 -25.60 -18.42
N GLN E 77 -39.88 -26.27 -17.48
CA GLN E 77 -40.54 -26.87 -16.33
C GLN E 77 -39.63 -26.72 -15.12
N GLY E 78 -40.19 -26.24 -14.01
CA GLY E 78 -39.46 -26.13 -12.77
C GLY E 78 -39.71 -27.37 -11.93
N THR E 79 -38.75 -27.70 -11.07
CA THR E 79 -38.93 -28.77 -10.11
C THR E 79 -38.13 -28.43 -8.85
N THR E 80 -38.62 -28.92 -7.70
CA THR E 80 -38.07 -28.56 -6.41
C THR E 80 -37.44 -29.77 -5.74
N LEU E 81 -36.17 -29.65 -5.37
CA LEU E 81 -35.41 -30.72 -4.74
C LEU E 81 -35.25 -30.45 -3.25
N ASP E 82 -35.65 -31.41 -2.41
CA ASP E 82 -35.45 -31.28 -0.97
C ASP E 82 -34.12 -31.91 -0.57
N TYR E 83 -33.03 -31.20 -0.90
CA TYR E 83 -31.71 -31.79 -0.71
C TYR E 83 -31.43 -32.06 0.76
N LEU E 84 -31.78 -31.12 1.62
CA LEU E 84 -31.42 -31.24 3.02
C LEU E 84 -32.17 -32.37 3.71
N SER E 85 -33.12 -33.01 3.03
CA SER E 85 -33.76 -34.17 3.63
C SER E 85 -32.77 -35.31 3.79
N ASP E 86 -31.91 -35.51 2.79
CA ASP E 86 -30.89 -36.55 2.83
C ASP E 86 -29.88 -36.25 3.93
N ASP E 87 -29.67 -37.22 4.82
CA ASP E 87 -28.84 -36.96 5.99
C ASP E 87 -27.40 -36.68 5.63
N HIS E 88 -26.97 -37.11 4.44
CA HIS E 88 -25.62 -36.81 4.02
C HIS E 88 -25.46 -35.33 3.66
N ILE E 89 -26.36 -34.81 2.84
CA ILE E 89 -26.26 -33.40 2.50
C ILE E 89 -26.41 -32.54 3.73
N LYS E 90 -27.36 -32.88 4.61
CA LYS E 90 -27.66 -32.02 5.77
C LYS E 90 -26.46 -31.93 6.71
N ASN E 91 -25.82 -33.05 6.99
CA ASN E 91 -24.64 -33.05 7.86
C ASN E 91 -23.36 -32.78 7.11
N ASN E 92 -23.42 -32.61 5.79
CA ASN E 92 -22.28 -32.23 4.96
C ASN E 92 -21.11 -33.21 5.11
N THR E 93 -21.42 -34.50 4.94
CA THR E 93 -20.36 -35.49 4.83
C THR E 93 -19.59 -35.21 3.55
N PRO E 94 -18.36 -35.70 3.46
CA PRO E 94 -17.58 -35.48 2.23
C PRO E 94 -18.25 -36.03 0.99
N ASP E 95 -19.06 -37.08 1.12
CA ASP E 95 -19.74 -37.67 -0.03
C ASP E 95 -20.98 -36.92 -0.42
N SER E 96 -21.27 -35.80 0.23
CA SER E 96 -22.52 -35.12 -0.03
C SER E 96 -22.66 -34.77 -1.50
N TRP E 97 -21.57 -34.25 -2.11
CA TRP E 97 -21.58 -33.88 -3.52
C TRP E 97 -22.21 -34.98 -4.35
N TYR E 98 -21.93 -36.23 -4.00
CA TYR E 98 -22.45 -37.39 -4.73
C TYR E 98 -23.92 -37.65 -4.41
N TYR E 99 -24.27 -37.76 -3.13
CA TYR E 99 -25.66 -38.05 -2.79
C TYR E 99 -26.58 -36.95 -3.30
N ALA E 100 -26.08 -35.72 -3.40
CA ALA E 100 -26.88 -34.65 -3.97
C ALA E 100 -27.04 -34.80 -5.47
N LYS E 101 -25.94 -35.07 -6.18
CA LYS E 101 -26.04 -35.31 -7.62
C LYS E 101 -26.85 -36.57 -7.89
N LYS E 102 -26.73 -37.56 -7.01
CA LYS E 102 -27.56 -38.76 -7.13
C LYS E 102 -29.03 -38.37 -7.06
N MET E 103 -29.37 -37.51 -6.08
CA MET E 103 -30.74 -37.05 -5.94
C MET E 103 -31.16 -36.19 -7.12
N PHE E 104 -30.22 -35.44 -7.70
CA PHE E 104 -30.58 -34.56 -8.80
C PHE E 104 -30.93 -35.33 -10.05
N TYR E 105 -30.03 -36.21 -10.49
CA TYR E 105 -30.32 -36.99 -11.68
C TYR E 105 -31.46 -37.95 -11.48
N SER E 106 -31.73 -38.33 -10.23
CA SER E 106 -32.88 -39.18 -9.94
C SER E 106 -34.20 -38.48 -10.29
N ARG E 107 -34.40 -37.25 -9.80
CA ARG E 107 -35.63 -36.54 -10.14
C ARG E 107 -35.73 -36.27 -11.64
N LEU E 108 -34.58 -36.00 -12.29
CA LEU E 108 -34.57 -35.74 -13.73
C LEU E 108 -34.94 -36.97 -14.55
N ASN E 109 -34.41 -38.15 -14.20
CA ASN E 109 -34.76 -39.32 -14.98
C ASN E 109 -36.23 -39.68 -14.81
N ASP E 110 -36.83 -39.32 -13.68
CA ASP E 110 -38.25 -39.59 -13.47
C ASP E 110 -39.10 -38.53 -14.16
N ILE E 111 -38.66 -37.27 -14.10
CA ILE E 111 -39.39 -36.25 -14.85
C ILE E 111 -39.24 -36.54 -16.34
N ALA E 112 -38.12 -37.14 -16.77
CA ALA E 112 -37.94 -37.54 -18.16
C ALA E 112 -38.72 -38.80 -18.49
N ALA E 113 -38.74 -39.76 -17.57
CA ALA E 113 -39.56 -40.95 -17.73
C ALA E 113 -41.03 -40.60 -17.78
N ASN E 114 -41.43 -39.54 -17.06
CA ASN E 114 -42.83 -39.16 -17.06
C ASN E 114 -43.26 -38.49 -18.36
N ASN E 115 -42.40 -37.69 -18.99
CA ASN E 115 -42.87 -37.02 -20.19
C ASN E 115 -42.63 -37.80 -21.48
N GLY E 116 -42.21 -39.06 -21.39
CA GLY E 116 -42.05 -39.90 -22.56
C GLY E 116 -40.72 -39.79 -23.27
N SER E 117 -39.88 -38.84 -22.85
CA SER E 117 -38.61 -38.58 -23.49
C SER E 117 -37.72 -39.82 -23.46
N ALA E 118 -36.74 -39.86 -24.38
CA ALA E 118 -35.80 -40.97 -24.49
C ALA E 118 -34.63 -40.87 -23.51
N ALA E 119 -33.95 -39.74 -23.44
CA ALA E 119 -32.87 -39.65 -22.46
C ALA E 119 -32.90 -38.28 -21.79
N VAL E 120 -32.05 -38.14 -20.77
CA VAL E 120 -31.84 -36.88 -20.06
C VAL E 120 -30.51 -36.31 -20.53
N LEU E 121 -30.53 -35.08 -21.04
CA LEU E 121 -29.33 -34.46 -21.58
C LEU E 121 -28.80 -33.38 -20.65
N ASP E 122 -27.51 -33.45 -20.32
CA ASP E 122 -26.85 -32.32 -19.70
C ASP E 122 -25.66 -31.91 -20.57
N GLY E 123 -25.07 -30.77 -20.21
CA GLY E 123 -24.06 -30.13 -21.05
C GLY E 123 -22.59 -30.23 -20.69
N MET E 124 -22.11 -31.38 -20.21
CA MET E 124 -20.68 -31.50 -19.94
C MET E 124 -19.90 -31.58 -21.25
N ILE E 125 -18.65 -31.10 -21.21
CA ILE E 125 -17.82 -30.96 -22.40
C ILE E 125 -16.42 -31.59 -22.26
N LYS E 137 -18.94 -40.10 -10.59
CA LYS E 137 -19.66 -41.31 -10.99
C LYS E 137 -21.17 -41.11 -11.00
N ALA E 138 -21.61 -39.84 -10.99
CA ALA E 138 -23.02 -39.54 -10.77
C ALA E 138 -23.84 -39.73 -12.04
N ARG E 139 -23.28 -39.36 -13.19
CA ARG E 139 -23.99 -39.47 -14.47
C ARG E 139 -24.24 -40.92 -14.87
N SER E 140 -23.21 -41.78 -14.77
CA SER E 140 -23.29 -43.15 -15.28
C SER E 140 -24.21 -44.07 -14.48
N GLU E 141 -24.70 -43.64 -13.32
CA GLU E 141 -25.67 -44.46 -12.61
C GLU E 141 -27.10 -44.12 -13.02
N ALA E 142 -27.29 -42.98 -13.70
CA ALA E 142 -28.58 -42.57 -14.20
C ALA E 142 -28.70 -42.63 -15.72
N GLY E 143 -27.60 -42.89 -16.42
CA GLY E 143 -27.64 -42.87 -17.88
C GLY E 143 -27.86 -41.49 -18.47
N ALA E 144 -27.29 -40.46 -17.87
CA ALA E 144 -27.45 -39.09 -18.34
C ALA E 144 -26.45 -38.81 -19.45
N ARG E 145 -26.95 -38.64 -20.68
CA ARG E 145 -26.10 -38.47 -21.85
C ARG E 145 -25.56 -37.04 -21.90
N SER E 146 -24.24 -36.93 -22.06
CA SER E 146 -23.57 -35.64 -22.22
C SER E 146 -23.15 -35.55 -23.69
N LEU E 147 -24.02 -34.96 -24.52
CA LEU E 147 -23.81 -34.99 -25.96
C LEU E 147 -22.68 -34.07 -26.42
N LEU E 148 -22.48 -32.93 -25.76
CA LEU E 148 -21.37 -32.08 -26.14
C LEU E 148 -20.04 -32.80 -25.95
N GLN E 149 -19.89 -33.55 -24.85
CA GLN E 149 -18.68 -34.33 -24.64
C GLN E 149 -18.62 -35.51 -25.60
N GLU E 150 -19.78 -36.06 -25.97
CA GLU E 150 -19.79 -37.20 -26.87
C GLU E 150 -19.52 -36.75 -28.29
N ALA E 151 -19.94 -35.53 -28.63
CA ALA E 151 -19.71 -34.93 -29.92
C ALA E 151 -18.33 -34.26 -30.04
N ASP E 152 -17.42 -34.47 -29.08
CA ASP E 152 -16.04 -34.00 -29.20
C ASP E 152 -15.96 -32.47 -29.10
N PHE E 153 -16.58 -31.91 -28.06
CA PHE E 153 -16.52 -30.47 -27.77
C PHE E 153 -15.58 -30.16 -26.62
N PHE E 154 -14.66 -29.22 -26.85
CA PHE E 154 -13.83 -28.66 -25.79
C PHE E 154 -14.39 -27.29 -25.39
N LYS E 155 -13.72 -26.64 -24.42
CA LYS E 155 -14.20 -25.35 -23.92
C LYS E 155 -14.16 -24.30 -25.02
N THR E 156 -13.25 -24.43 -25.98
CA THR E 156 -13.20 -23.53 -27.11
C THR E 156 -14.18 -23.94 -28.19
N ASP E 157 -14.42 -25.25 -28.36
CA ASP E 157 -15.40 -25.72 -29.33
C ASP E 157 -16.83 -25.35 -28.94
N VAL E 158 -17.12 -25.24 -27.63
CA VAL E 158 -18.48 -24.89 -27.19
C VAL E 158 -18.73 -23.38 -27.36
N ARG E 159 -17.73 -22.55 -27.06
CA ARG E 159 -17.90 -21.11 -27.24
C ARG E 159 -18.13 -20.77 -28.71
N ALA E 160 -17.45 -21.48 -29.61
CA ALA E 160 -17.50 -21.13 -31.01
C ALA E 160 -18.84 -21.47 -31.65
N LEU E 161 -19.50 -22.54 -31.21
CA LEU E 161 -20.79 -22.85 -31.83
C LEU E 161 -21.85 -21.85 -31.39
N ALA E 162 -21.74 -21.33 -30.17
CA ALA E 162 -22.69 -20.31 -29.71
C ALA E 162 -22.58 -19.04 -30.54
N GLN E 163 -21.34 -18.55 -30.74
CA GLN E 163 -21.14 -17.35 -31.53
C GLN E 163 -21.50 -17.56 -32.98
N GLU E 164 -21.68 -18.81 -33.41
CA GLU E 164 -22.12 -19.10 -34.78
C GLU E 164 -23.60 -19.42 -34.84
N LEU E 165 -24.24 -19.73 -33.72
CA LEU E 165 -25.69 -19.89 -33.67
C LEU E 165 -26.38 -18.62 -33.18
N GLY E 166 -25.65 -17.51 -33.07
CA GLY E 166 -26.25 -16.28 -32.60
C GLY E 166 -26.70 -16.26 -31.14
N LEU E 167 -26.19 -17.18 -30.32
CA LEU E 167 -26.56 -17.19 -28.90
C LEU E 167 -25.89 -16.02 -28.20
N THR E 168 -26.68 -15.14 -27.56
CA THR E 168 -26.15 -13.93 -26.92
C THR E 168 -26.61 -13.76 -25.48
N ASN E 169 -27.32 -14.72 -24.91
CA ASN E 169 -27.71 -14.58 -23.51
C ASN E 169 -27.53 -15.93 -22.82
N TRP E 170 -26.62 -15.99 -21.84
CA TRP E 170 -26.44 -17.14 -20.95
C TRP E 170 -25.91 -16.62 -19.62
N ASN E 171 -25.87 -17.50 -18.62
CA ASN E 171 -25.37 -17.09 -17.31
C ASN E 171 -23.85 -17.16 -17.32
N LYS E 172 -23.21 -16.01 -17.06
CA LYS E 172 -21.76 -15.83 -17.02
C LYS E 172 -21.21 -16.06 -15.61
N VAL E 173 -21.95 -15.61 -14.60
CA VAL E 173 -21.56 -15.85 -13.21
C VAL E 173 -21.75 -17.34 -12.94
N ALA E 174 -20.65 -18.03 -12.62
CA ALA E 174 -20.73 -19.46 -12.44
C ALA E 174 -21.35 -19.80 -11.08
N SER E 175 -21.97 -20.97 -11.01
CA SER E 175 -22.80 -21.38 -9.89
C SER E 175 -22.18 -22.54 -9.13
N CYS E 176 -22.41 -22.58 -7.82
CA CYS E 176 -22.06 -23.75 -7.02
C CYS E 176 -23.14 -24.04 -6.00
N SER E 177 -23.26 -25.32 -5.61
CA SER E 177 -24.06 -25.70 -4.46
C SER E 177 -23.50 -25.02 -3.22
N VAL E 178 -24.38 -24.38 -2.44
CA VAL E 178 -23.89 -23.60 -1.30
C VAL E 178 -23.22 -24.50 -0.27
N SER E 179 -23.43 -25.82 -0.34
CA SER E 179 -22.83 -26.71 0.64
C SER E 179 -21.32 -26.69 0.60
N SER E 180 -20.72 -26.15 -0.45
CA SER E 180 -19.28 -26.05 -0.54
C SER E 180 -18.71 -24.97 0.37
N ARG E 181 -19.55 -24.11 0.93
CA ARG E 181 -19.01 -23.07 1.80
C ARG E 181 -18.85 -23.55 3.22
N PHE E 182 -19.39 -24.74 3.54
CA PHE E 182 -19.38 -25.33 4.86
C PHE E 182 -18.36 -26.45 4.93
N PRO E 183 -17.51 -26.44 5.96
CA PRO E 183 -16.60 -27.54 6.20
C PRO E 183 -17.32 -28.87 6.37
N TYR E 184 -16.57 -29.94 6.18
CA TYR E 184 -17.15 -31.27 6.29
C TYR E 184 -17.56 -31.49 7.75
N GLY E 185 -18.80 -31.91 7.98
CA GLY E 185 -19.30 -32.17 9.31
C GLY E 185 -20.27 -31.11 9.81
N THR E 186 -20.07 -29.85 9.42
CA THR E 186 -20.95 -28.77 9.81
C THR E 186 -22.36 -29.10 9.38
N THR E 187 -23.32 -28.91 10.28
CA THR E 187 -24.68 -29.23 9.92
C THR E 187 -25.26 -28.04 9.22
N LEU E 188 -25.95 -28.27 8.12
CA LEU E 188 -26.59 -27.16 7.42
C LEU E 188 -27.98 -26.97 8.00
N THR E 189 -28.24 -25.77 8.48
CA THR E 189 -29.59 -25.43 8.87
C THR E 189 -30.13 -24.46 7.83
N HIS E 190 -31.46 -24.39 7.77
CA HIS E 190 -32.09 -23.44 6.88
C HIS E 190 -31.55 -22.05 7.17
N ASP E 191 -31.38 -21.73 8.45
CA ASP E 191 -30.86 -20.43 8.83
C ASP E 191 -29.47 -20.25 8.26
N ASN E 192 -28.66 -21.28 8.38
CA ASN E 192 -27.24 -21.17 8.08
C ASN E 192 -26.98 -20.97 6.61
N ILE E 193 -27.78 -21.61 5.76
CA ILE E 193 -27.68 -21.43 4.32
C ILE E 193 -28.03 -20.00 3.93
N ALA E 194 -29.13 -19.46 4.46
CA ALA E 194 -29.56 -18.11 4.09
C ALA E 194 -28.54 -17.08 4.52
N GLN E 195 -27.92 -17.28 5.66
CA GLN E 195 -26.92 -16.33 6.12
C GLN E 195 -25.76 -16.28 5.14
N VAL E 196 -25.31 -17.44 4.69
CA VAL E 196 -24.24 -17.47 3.69
C VAL E 196 -24.75 -16.90 2.37
N MET E 197 -25.96 -17.29 1.95
CA MET E 197 -26.42 -16.81 0.66
C MET E 197 -26.57 -15.30 0.65
N ALA E 198 -26.92 -14.68 1.79
CA ALA E 198 -27.04 -13.23 1.83
C ALA E 198 -25.68 -12.54 1.83
N ALA E 199 -24.77 -12.96 2.70
CA ALA E 199 -23.48 -12.31 2.73
C ALA E 199 -22.86 -12.29 1.33
N GLU E 200 -23.06 -13.38 0.55
CA GLU E 200 -22.50 -13.41 -0.80
C GLU E 200 -23.24 -12.45 -1.72
N LYS E 201 -24.56 -12.35 -1.63
CA LYS E 201 -25.25 -11.41 -2.50
C LYS E 201 -24.77 -9.99 -2.26
N TYR E 202 -24.57 -9.63 -0.98
CA TYR E 202 -24.07 -8.29 -0.69
C TYR E 202 -22.72 -8.05 -1.34
N LEU E 203 -21.78 -8.97 -1.16
CA LEU E 203 -20.47 -8.84 -1.81
C LEU E 203 -20.62 -8.74 -3.31
N ARG E 204 -21.51 -9.53 -3.88
CA ARG E 204 -21.66 -9.47 -5.32
C ARG E 204 -22.18 -8.12 -5.76
N SER E 205 -23.07 -7.54 -4.98
CA SER E 205 -23.64 -6.25 -5.31
C SER E 205 -22.64 -5.12 -5.24
N LEU E 206 -21.50 -5.34 -4.58
CA LEU E 206 -20.46 -4.32 -4.58
C LEU E 206 -19.60 -4.37 -5.80
N GLY E 207 -19.83 -5.31 -6.71
CA GLY E 207 -19.01 -5.49 -7.87
C GLY E 207 -17.99 -6.60 -7.78
N PHE E 208 -18.31 -7.70 -7.12
CA PHE E 208 -17.46 -8.88 -7.10
C PHE E 208 -18.35 -10.06 -7.45
N PRO E 209 -18.56 -10.30 -8.75
CA PRO E 209 -19.41 -11.42 -9.16
C PRO E 209 -18.80 -12.74 -8.80
N THR E 210 -17.47 -12.82 -8.69
CA THR E 210 -16.80 -14.04 -8.24
C THR E 210 -16.35 -13.88 -6.79
N VAL E 211 -17.02 -14.59 -5.88
CA VAL E 211 -16.71 -14.44 -4.45
C VAL E 211 -17.31 -15.60 -3.70
N ARG E 212 -16.67 -15.98 -2.59
CA ARG E 212 -17.20 -16.98 -1.67
C ARG E 212 -17.09 -16.48 -0.24
N VAL E 213 -18.17 -16.64 0.52
CA VAL E 213 -18.17 -16.44 1.96
C VAL E 213 -18.13 -17.83 2.57
N ARG E 214 -16.99 -18.19 3.16
CA ARG E 214 -16.82 -19.51 3.73
C ARG E 214 -17.26 -19.48 5.17
N PHE E 215 -18.09 -20.45 5.56
CA PHE E 215 -18.73 -20.43 6.86
C PHE E 215 -17.89 -21.18 7.88
N HIS E 216 -17.50 -20.51 8.97
CA HIS E 216 -16.73 -21.14 10.04
C HIS E 216 -17.27 -20.78 11.43
N ASN E 217 -18.52 -21.17 11.70
CA ASN E 217 -19.20 -20.80 12.93
C ASN E 217 -19.24 -19.28 13.10
N ASP E 218 -18.41 -18.73 13.98
CA ASP E 218 -18.39 -17.29 14.15
C ASP E 218 -17.52 -16.58 13.12
N ILE E 219 -16.73 -17.28 12.32
CA ILE E 219 -15.82 -16.63 11.39
C ILE E 219 -16.40 -16.80 9.98
N ALA E 220 -16.54 -15.70 9.28
CA ALA E 220 -16.74 -15.74 7.85
C ALA E 220 -15.39 -15.48 7.24
N ARG E 221 -15.04 -16.27 6.24
CA ARG E 221 -13.78 -16.20 5.55
C ARG E 221 -14.13 -15.95 4.11
N ILE E 222 -13.72 -14.78 3.60
CA ILE E 222 -14.07 -14.35 2.24
C ILE E 222 -12.93 -14.66 1.28
N GLU E 223 -13.26 -15.35 0.20
CA GLU E 223 -12.32 -15.70 -0.87
C GLU E 223 -12.51 -14.80 -2.07
N LEU E 224 -11.52 -13.94 -2.35
CA LEU E 224 -11.68 -13.15 -3.57
C LEU E 224 -10.62 -13.50 -4.60
N PRO E 225 -10.92 -13.34 -5.89
CA PRO E 225 -9.89 -13.46 -6.91
C PRO E 225 -8.77 -12.44 -6.69
N GLU E 226 -7.54 -12.94 -6.57
CA GLU E 226 -6.42 -12.11 -6.10
C GLU E 226 -6.23 -10.84 -6.93
N ALA E 227 -6.48 -10.91 -8.23
CA ALA E 227 -6.38 -9.71 -9.06
C ALA E 227 -7.28 -8.58 -8.57
N ARG E 228 -8.30 -8.88 -7.75
CA ARG E 228 -9.29 -7.92 -7.26
C ARG E 228 -9.14 -7.53 -5.78
N ILE E 229 -8.33 -8.26 -4.99
CA ILE E 229 -8.20 -7.91 -3.58
C ILE E 229 -7.64 -6.50 -3.42
N GLY E 230 -6.91 -6.00 -4.41
CA GLY E 230 -6.46 -4.63 -4.34
C GLY E 230 -7.61 -3.64 -4.35
N ASP E 231 -8.64 -3.93 -5.14
CA ASP E 231 -9.80 -3.05 -5.28
C ASP E 231 -10.82 -3.18 -4.15
N PHE E 232 -10.68 -4.14 -3.25
CA PHE E 232 -11.70 -4.44 -2.25
C PHE E 232 -11.52 -3.63 -1.00
N LEU E 233 -10.33 -3.09 -0.78
CA LEU E 233 -10.02 -2.38 0.45
C LEU E 233 -10.98 -1.21 0.78
N VAL E 234 -11.57 -0.57 -0.22
CA VAL E 234 -12.47 0.53 0.09
C VAL E 234 -13.75 0.02 0.74
N PHE E 235 -14.09 -1.24 0.54
CA PHE E 235 -15.33 -1.82 1.04
C PHE E 235 -15.11 -2.62 2.33
N ASN E 236 -13.90 -2.60 2.88
CA ASN E 236 -13.63 -3.33 4.11
C ASN E 236 -14.72 -3.11 5.13
N ASP E 237 -14.85 -1.85 5.57
CA ASP E 237 -15.74 -1.54 6.68
C ASP E 237 -17.18 -1.88 6.33
N ARG E 238 -17.64 -1.50 5.14
CA ARG E 238 -19.01 -1.82 4.75
C ARG E 238 -19.28 -3.31 4.85
N VAL E 239 -18.40 -4.13 4.29
CA VAL E 239 -18.56 -5.58 4.33
C VAL E 239 -18.45 -6.11 5.76
N ASN E 240 -17.56 -5.53 6.57
CA ASN E 240 -17.39 -5.98 7.95
C ASN E 240 -18.66 -5.83 8.75
N ARG E 241 -19.27 -4.65 8.72
CA ARG E 241 -20.50 -4.45 9.48
C ARG E 241 -21.65 -5.21 8.85
N GLN E 242 -21.78 -5.17 7.53
CA GLN E 242 -22.93 -5.78 6.89
C GLN E 242 -22.97 -7.27 7.15
N LEU E 243 -21.80 -7.92 7.16
CA LEU E 243 -21.78 -9.33 7.50
C LEU E 243 -21.87 -9.58 8.99
N GLN E 244 -21.47 -8.63 9.83
CA GLN E 244 -21.67 -8.87 11.25
C GLN E 244 -23.15 -8.86 11.57
N SER E 245 -23.92 -8.04 10.87
CA SER E 245 -25.36 -7.97 11.11
C SER E 245 -26.10 -9.19 10.62
N LEU E 246 -25.49 -10.00 9.75
CA LEU E 246 -26.08 -11.26 9.28
C LEU E 246 -25.78 -12.45 10.19
N GLY E 247 -24.99 -12.25 11.24
CA GLY E 247 -24.71 -13.29 12.20
C GLY E 247 -23.23 -13.59 12.39
N PHE E 248 -22.36 -13.10 11.51
CA PHE E 248 -20.97 -13.46 11.66
C PHE E 248 -20.37 -12.59 12.74
N ARG E 249 -19.66 -13.21 13.67
CA ARG E 249 -18.97 -12.43 14.68
C ARG E 249 -17.70 -11.76 14.13
N TYR E 250 -16.94 -12.45 13.27
CA TYR E 250 -15.70 -11.97 12.67
C TYR E 250 -15.78 -12.10 11.17
N VAL E 251 -15.51 -11.02 10.45
CA VAL E 251 -15.45 -11.06 8.99
C VAL E 251 -14.02 -10.80 8.56
N THR E 252 -13.43 -11.80 7.89
CA THR E 252 -12.04 -11.85 7.48
C THR E 252 -11.94 -12.10 5.99
N LEU E 253 -10.74 -11.82 5.49
CA LEU E 253 -10.39 -11.96 4.07
C LEU E 253 -9.29 -13.01 3.94
N ASP E 254 -9.56 -14.06 3.15
CA ASP E 254 -8.61 -15.16 2.96
C ASP E 254 -7.43 -14.71 2.11
N LEU E 255 -6.24 -14.81 2.63
CA LEU E 255 -5.12 -14.37 1.88
C LEU E 255 -4.82 -15.27 0.73
N GLY E 256 -5.39 -16.45 0.71
CA GLY E 256 -5.11 -17.29 -0.42
C GLY E 256 -5.78 -16.73 -1.66
N GLY E 257 -7.06 -16.41 -1.53
CA GLY E 257 -7.76 -15.96 -2.71
C GLY E 257 -8.66 -17.04 -3.16
N PHE E 258 -9.19 -16.92 -4.35
CA PHE E 258 -10.11 -17.89 -4.79
C PHE E 258 -9.55 -19.05 -5.54
N VAL F 23 -4.09 -18.59 -50.28
CA VAL F 23 -4.32 -17.61 -49.21
C VAL F 23 -3.53 -17.96 -47.94
N ALA F 24 -2.78 -16.96 -47.45
CA ALA F 24 -1.96 -17.07 -46.25
C ALA F 24 -2.79 -16.69 -45.04
N PHE F 25 -3.08 -17.67 -44.17
CA PHE F 25 -4.01 -17.48 -43.08
C PHE F 25 -3.28 -17.21 -41.77
N SER F 26 -3.77 -16.20 -41.04
CA SER F 26 -3.24 -15.79 -39.75
C SER F 26 -4.27 -15.88 -38.64
N GLY F 27 -5.53 -16.18 -38.98
CA GLY F 27 -6.61 -16.12 -38.04
C GLY F 27 -7.31 -14.79 -37.99
N GLY F 28 -6.67 -13.72 -38.46
CA GLY F 28 -7.28 -12.42 -38.43
C GLY F 28 -8.51 -12.32 -39.30
N ILE F 29 -9.28 -11.27 -39.05
CA ILE F 29 -10.49 -11.00 -39.83
C ILE F 29 -10.15 -10.83 -41.30
N ASP F 30 -9.03 -10.16 -41.60
CA ASP F 30 -8.66 -9.90 -42.99
C ASP F 30 -8.37 -11.21 -43.72
N SER F 31 -7.47 -12.03 -43.17
CA SER F 31 -7.18 -13.32 -43.80
C SER F 31 -8.40 -14.24 -43.78
N THR F 32 -9.31 -14.05 -42.81
CA THR F 32 -10.45 -14.94 -42.69
C THR F 32 -11.45 -14.71 -43.83
N LEU F 33 -11.76 -13.44 -44.12
CA LEU F 33 -12.73 -13.17 -45.18
C LEU F 33 -12.30 -13.73 -46.53
N VAL F 34 -10.98 -13.75 -46.78
CA VAL F 34 -10.46 -14.29 -48.04
C VAL F 34 -10.72 -15.79 -48.13
N LEU F 35 -10.53 -16.53 -47.04
CA LEU F 35 -10.70 -17.98 -47.11
C LEU F 35 -12.15 -18.36 -47.36
N LYS F 36 -13.08 -17.73 -46.64
CA LYS F 36 -14.49 -18.04 -46.82
C LYS F 36 -14.95 -17.67 -48.22
N MET F 37 -14.46 -16.54 -48.74
CA MET F 37 -14.78 -16.17 -50.10
C MET F 37 -14.10 -17.10 -51.09
N ALA F 38 -12.84 -17.47 -50.80
CA ALA F 38 -12.12 -18.38 -51.69
C ALA F 38 -12.76 -19.76 -51.71
N LEU F 39 -13.28 -20.20 -50.57
CA LEU F 39 -14.08 -21.42 -50.56
C LEU F 39 -15.35 -21.22 -51.39
N ASP F 40 -15.97 -20.04 -51.28
CA ASP F 40 -17.20 -19.75 -52.01
C ASP F 40 -16.98 -19.44 -53.49
N VAL F 41 -15.75 -19.09 -53.88
CA VAL F 41 -15.46 -18.69 -55.26
C VAL F 41 -14.71 -19.76 -56.04
N LEU F 42 -13.61 -20.29 -55.47
CA LEU F 42 -12.75 -21.22 -56.20
C LEU F 42 -12.90 -22.67 -55.78
N GLY F 43 -13.56 -22.95 -54.66
CA GLY F 43 -13.76 -24.30 -54.18
C GLY F 43 -12.68 -24.75 -53.20
N ARG F 44 -13.04 -25.76 -52.40
CA ARG F 44 -12.12 -26.23 -51.36
C ARG F 44 -10.88 -26.90 -51.94
N ASP F 45 -11.00 -27.53 -53.11
CA ASP F 45 -9.89 -28.27 -53.73
C ASP F 45 -9.00 -27.40 -54.61
N ASN F 46 -9.49 -26.25 -55.07
CA ASN F 46 -8.73 -25.34 -55.89
C ASN F 46 -8.21 -24.15 -55.09
N VAL F 47 -8.40 -24.20 -53.77
CA VAL F 47 -7.95 -23.18 -52.84
C VAL F 47 -7.23 -23.92 -51.71
N THR F 48 -6.02 -23.47 -51.39
CA THR F 48 -5.15 -24.12 -50.41
C THR F 48 -4.82 -23.16 -49.28
N ALA F 49 -5.08 -23.58 -48.05
CA ALA F 49 -4.85 -22.74 -46.89
C ALA F 49 -3.51 -23.08 -46.28
N VAL F 50 -2.72 -22.04 -45.99
CA VAL F 50 -1.39 -22.17 -45.39
C VAL F 50 -1.33 -21.32 -44.14
N VAL F 51 -0.93 -21.94 -43.02
CA VAL F 51 -0.74 -21.26 -41.75
C VAL F 51 0.72 -21.41 -41.34
N ALA F 52 1.33 -20.32 -40.91
CA ALA F 52 2.76 -20.31 -40.63
C ALA F 52 3.03 -20.51 -39.14
N ASN F 53 3.94 -21.43 -38.82
CA ASN F 53 4.56 -21.57 -37.51
C ASN F 53 5.94 -20.91 -37.59
N SER F 54 6.50 -20.63 -36.44
CA SER F 54 7.80 -20.00 -36.36
C SER F 54 8.34 -20.08 -34.98
N GLU F 55 9.53 -19.57 -34.76
CA GLU F 55 9.99 -19.48 -33.39
C GLU F 55 9.68 -18.08 -32.88
N LEU F 56 9.17 -17.20 -33.71
CA LEU F 56 8.87 -15.83 -33.29
C LEU F 56 7.43 -15.59 -32.85
N PHE F 57 6.68 -16.62 -32.79
CA PHE F 57 5.27 -16.47 -32.42
C PHE F 57 4.79 -17.64 -31.56
N THR F 58 3.91 -17.33 -30.61
CA THR F 58 3.35 -18.34 -29.71
C THR F 58 2.64 -19.43 -30.49
N ASP F 59 2.78 -20.68 -30.02
CA ASP F 59 2.11 -21.80 -30.66
C ASP F 59 0.60 -21.76 -30.44
N GLU F 60 0.15 -21.14 -29.35
CA GLU F 60 -1.29 -20.90 -29.19
C GLU F 60 -1.83 -20.17 -30.40
N GLU F 61 -1.09 -19.17 -30.88
CA GLU F 61 -1.51 -18.43 -32.07
C GLU F 61 -1.50 -19.32 -33.30
N PHE F 62 -0.47 -20.16 -33.44
CA PHE F 62 -0.41 -21.08 -34.58
C PHE F 62 -1.59 -22.05 -34.56
N ASP F 63 -1.87 -22.65 -33.39
CA ASP F 63 -2.88 -23.70 -33.31
C ASP F 63 -4.29 -23.18 -33.58
N LYS F 64 -4.60 -21.95 -33.17
CA LYS F 64 -5.94 -21.43 -33.42
C LYS F 64 -6.17 -21.10 -34.88
N ALA F 65 -5.11 -20.74 -35.60
CA ALA F 65 -5.26 -20.44 -37.03
C ALA F 65 -5.51 -21.71 -37.83
N MET F 66 -4.82 -22.80 -37.47
CA MET F 66 -5.11 -24.07 -38.14
C MET F 66 -6.52 -24.53 -37.82
N SER F 67 -6.96 -24.32 -36.57
CA SER F 67 -8.32 -24.66 -36.19
C SER F 67 -9.32 -23.69 -36.84
N LEU F 68 -8.99 -22.40 -36.90
CA LEU F 68 -9.91 -21.42 -37.50
C LEU F 68 -10.09 -21.70 -38.99
N ALA F 69 -9.09 -22.32 -39.63
CA ALA F 69 -9.24 -22.72 -41.02
C ALA F 69 -10.06 -24.00 -41.13
N GLU F 70 -9.83 -24.97 -40.22
CA GLU F 70 -10.63 -26.19 -40.20
C GLU F 70 -12.08 -25.86 -39.85
N ASN F 75 -8.89 -27.16 -46.64
CA ASN F 75 -7.78 -28.09 -46.48
C ASN F 75 -6.55 -27.24 -46.17
N VAL F 76 -6.13 -27.26 -44.91
CA VAL F 76 -5.06 -26.40 -44.40
C VAL F 76 -3.79 -27.22 -44.25
N GLN F 77 -2.65 -26.56 -44.42
CA GLN F 77 -1.35 -27.22 -44.37
C GLN F 77 -0.38 -26.31 -43.65
N GLY F 78 0.34 -26.86 -42.67
CA GLY F 78 1.31 -26.10 -41.92
C GLY F 78 2.73 -26.19 -42.46
N THR F 79 3.49 -25.12 -42.24
CA THR F 79 4.90 -25.05 -42.59
C THR F 79 5.60 -24.20 -41.54
N THR F 80 6.85 -24.56 -41.25
CA THR F 80 7.64 -23.92 -40.19
C THR F 80 8.81 -23.20 -40.84
N LEU F 81 8.94 -21.91 -40.58
CA LEU F 81 10.00 -21.08 -41.16
C LEU F 81 11.12 -20.88 -40.14
N ASP F 82 12.37 -21.06 -40.59
CA ASP F 82 13.55 -20.90 -39.73
C ASP F 82 14.01 -19.43 -39.79
N TYR F 83 13.32 -18.60 -39.02
CA TYR F 83 13.62 -17.17 -39.02
C TYR F 83 15.04 -16.87 -38.51
N LEU F 84 15.50 -17.63 -37.50
CA LEU F 84 16.81 -17.37 -36.92
C LEU F 84 17.97 -17.79 -37.81
N SER F 85 17.70 -18.50 -38.90
CA SER F 85 18.75 -18.81 -39.88
C SER F 85 19.24 -17.54 -40.55
N ASP F 86 18.32 -16.62 -40.82
CA ASP F 86 18.68 -15.32 -41.37
C ASP F 86 19.49 -14.55 -40.35
N ASP F 87 20.67 -14.08 -40.76
CA ASP F 87 21.57 -13.39 -39.84
C ASP F 87 21.05 -12.01 -39.46
N HIS F 88 20.17 -11.43 -40.28
CA HIS F 88 19.58 -10.15 -39.89
C HIS F 88 18.56 -10.34 -38.77
N ILE F 89 17.61 -11.27 -38.95
CA ILE F 89 16.66 -11.54 -37.89
C ILE F 89 17.39 -12.00 -36.64
N LYS F 90 18.43 -12.79 -36.80
CA LYS F 90 19.15 -13.32 -35.65
C LYS F 90 19.77 -12.20 -34.83
N ASN F 91 20.34 -11.20 -35.50
CA ASN F 91 20.95 -10.06 -34.81
C ASN F 91 19.95 -8.93 -34.52
N ASN F 92 18.70 -9.07 -34.96
CA ASN F 92 17.63 -8.11 -34.67
C ASN F 92 17.94 -6.71 -35.19
N THR F 93 18.28 -6.62 -36.47
CA THR F 93 18.30 -5.32 -37.11
C THR F 93 16.87 -4.78 -37.19
N PRO F 94 16.72 -3.47 -37.33
CA PRO F 94 15.37 -2.93 -37.59
C PRO F 94 14.75 -3.49 -38.86
N ASP F 95 15.56 -3.96 -39.80
CA ASP F 95 15.05 -4.61 -40.99
C ASP F 95 14.69 -6.07 -40.77
N SER F 96 14.80 -6.60 -39.55
CA SER F 96 14.47 -8.01 -39.34
C SER F 96 13.01 -8.26 -39.72
N TRP F 97 12.12 -7.33 -39.32
CA TRP F 97 10.71 -7.45 -39.68
C TRP F 97 10.55 -7.55 -41.19
N TYR F 98 11.34 -6.79 -41.94
CA TYR F 98 11.35 -6.98 -43.39
C TYR F 98 11.84 -8.37 -43.75
N TYR F 99 13.04 -8.75 -43.28
CA TYR F 99 13.61 -10.03 -43.67
C TYR F 99 12.73 -11.20 -43.27
N ALA F 100 11.97 -11.08 -42.18
CA ALA F 100 11.02 -12.12 -41.86
C ALA F 100 9.86 -12.13 -42.85
N LYS F 101 9.40 -10.94 -43.24
CA LYS F 101 8.36 -10.87 -44.27
C LYS F 101 8.89 -11.35 -45.62
N LYS F 102 10.14 -11.02 -45.96
CA LYS F 102 10.74 -11.48 -47.21
C LYS F 102 10.91 -12.99 -47.22
N MET F 103 11.42 -13.55 -46.13
CA MET F 103 11.58 -15.00 -46.01
C MET F 103 10.23 -15.72 -45.98
N PHE F 104 9.18 -15.04 -45.52
CA PHE F 104 7.85 -15.64 -45.44
C PHE F 104 7.27 -15.90 -46.84
N TYR F 105 7.25 -14.88 -47.68
CA TYR F 105 6.71 -15.04 -49.03
C TYR F 105 7.61 -15.89 -49.93
N SER F 106 8.89 -16.03 -49.59
CA SER F 106 9.75 -16.93 -50.34
C SER F 106 9.21 -18.36 -50.26
N ARG F 107 8.95 -18.82 -49.04
CA ARG F 107 8.32 -20.12 -48.85
C ARG F 107 6.93 -20.18 -49.45
N LEU F 108 6.19 -19.05 -49.41
CA LEU F 108 4.84 -19.04 -49.96
C LEU F 108 4.84 -19.34 -51.46
N ASN F 109 5.81 -18.79 -52.20
CA ASN F 109 5.91 -19.13 -53.60
C ASN F 109 6.32 -20.57 -53.83
N ASP F 110 6.98 -21.20 -52.85
CA ASP F 110 7.43 -22.59 -52.98
C ASP F 110 6.31 -23.58 -52.69
N ILE F 111 5.48 -23.32 -51.69
CA ILE F 111 4.34 -24.19 -51.41
C ILE F 111 3.35 -24.17 -52.56
N ALA F 112 3.31 -23.07 -53.31
CA ALA F 112 2.40 -22.97 -54.44
C ALA F 112 2.82 -23.88 -55.59
N ALA F 113 4.13 -24.09 -55.77
CA ALA F 113 4.58 -24.92 -56.88
C ALA F 113 4.09 -26.36 -56.78
N ASN F 114 4.17 -26.97 -55.60
CA ASN F 114 3.65 -28.32 -55.42
C ASN F 114 2.13 -28.36 -55.30
N ASN F 115 1.52 -27.30 -54.75
CA ASN F 115 0.08 -27.21 -54.57
C ASN F 115 -0.69 -26.81 -55.82
N GLY F 116 -0.02 -26.55 -56.95
CA GLY F 116 -0.69 -26.20 -58.19
C GLY F 116 -1.36 -24.84 -58.21
N VAL F 120 0.13 -16.59 -54.35
CA VAL F 120 -0.17 -16.50 -52.93
C VAL F 120 -0.95 -15.22 -52.68
N LEU F 121 -2.06 -15.33 -51.95
CA LEU F 121 -2.94 -14.21 -51.65
C LEU F 121 -2.75 -13.78 -50.20
N ASP F 122 -2.64 -12.47 -49.99
CA ASP F 122 -2.67 -11.87 -48.67
C ASP F 122 -3.89 -10.97 -48.52
N GLY F 123 -4.18 -10.60 -47.27
CA GLY F 123 -5.36 -9.82 -46.94
C GLY F 123 -5.11 -8.39 -46.52
N MET F 124 -4.16 -7.69 -47.13
CA MET F 124 -3.96 -6.30 -46.74
C MET F 124 -5.12 -5.46 -47.26
N ILE F 125 -5.52 -4.46 -46.47
CA ILE F 125 -6.72 -3.68 -46.73
C ILE F 125 -6.47 -2.20 -46.53
N LYS F 126 -5.87 -1.52 -47.52
CA LYS F 126 -5.59 -0.09 -47.45
C LYS F 126 -4.85 0.27 -46.17
N ASN F 127 -5.50 1.05 -45.30
CA ASN F 127 -4.96 1.48 -44.02
C ASN F 127 -3.59 2.15 -44.20
N LEU F 136 5.98 -5.57 -46.81
CA LEU F 136 5.43 -5.05 -48.07
C LEU F 136 6.47 -5.02 -49.22
N LYS F 137 7.58 -4.28 -49.06
CA LYS F 137 8.63 -4.23 -50.09
C LYS F 137 9.25 -5.61 -50.32
N ALA F 138 8.76 -6.58 -49.54
CA ALA F 138 9.00 -8.01 -49.69
C ALA F 138 7.78 -8.75 -50.19
N ARG F 139 6.59 -8.34 -49.76
CA ARG F 139 5.35 -8.98 -50.21
C ARG F 139 5.16 -8.82 -51.70
N SER F 140 5.36 -7.59 -52.22
CA SER F 140 5.30 -7.35 -53.65
C SER F 140 6.54 -7.87 -54.37
N GLU F 141 7.55 -8.30 -53.63
CA GLU F 141 8.76 -8.92 -54.17
C GLU F 141 8.63 -10.44 -54.26
N ALA F 142 7.40 -10.96 -54.32
CA ALA F 142 7.18 -12.41 -54.39
C ALA F 142 5.89 -12.76 -55.13
N GLY F 143 5.27 -11.81 -55.82
CA GLY F 143 4.04 -12.04 -56.55
C GLY F 143 2.85 -12.35 -55.66
N ALA F 144 2.83 -11.76 -54.47
CA ALA F 144 1.71 -11.92 -53.56
C ALA F 144 0.65 -10.89 -53.87
N ARG F 145 -0.60 -11.28 -53.70
CA ARG F 145 -1.73 -10.43 -54.02
C ARG F 145 -2.46 -10.04 -52.73
N SER F 146 -2.65 -8.74 -52.53
CA SER F 146 -3.41 -8.21 -51.38
C SER F 146 -4.76 -7.78 -51.91
N LEU F 147 -5.70 -8.72 -51.88
CA LEU F 147 -6.96 -8.51 -52.57
C LEU F 147 -7.87 -7.54 -51.82
N LEU F 148 -7.82 -7.57 -50.48
CA LEU F 148 -8.66 -6.66 -49.69
C LEU F 148 -8.31 -5.21 -49.97
N ASN F 171 -10.15 -13.79 -34.54
CA ASN F 171 -9.31 -13.53 -33.37
C ASN F 171 -9.16 -12.04 -33.13
N LYS F 172 -9.57 -11.59 -31.95
CA LYS F 172 -9.49 -10.16 -31.69
C LYS F 172 -8.16 -9.76 -31.04
N VAL F 173 -7.67 -10.55 -30.10
CA VAL F 173 -6.41 -10.23 -29.43
C VAL F 173 -5.27 -10.45 -30.41
N ALA F 174 -4.62 -9.37 -30.82
CA ALA F 174 -3.55 -9.37 -31.81
C ALA F 174 -2.19 -9.67 -31.18
N SER F 175 -1.27 -10.14 -32.03
CA SER F 175 0.06 -10.59 -31.63
C SER F 175 1.10 -9.70 -32.31
N CYS F 176 2.31 -9.72 -31.77
CA CYS F 176 3.46 -9.11 -32.41
C CYS F 176 4.61 -10.09 -32.45
N SER F 177 5.53 -9.84 -33.37
CA SER F 177 6.79 -10.59 -33.34
C SER F 177 7.48 -10.39 -32.01
N VAL F 178 7.89 -11.51 -31.41
CA VAL F 178 8.59 -11.47 -30.14
C VAL F 178 9.90 -10.71 -30.26
N SER F 179 10.30 -10.35 -31.47
CA SER F 179 11.45 -9.46 -31.60
C SER F 179 11.16 -8.08 -31.07
N SER F 180 9.88 -7.70 -30.95
CA SER F 180 9.52 -6.39 -30.44
C SER F 180 9.81 -6.23 -28.95
N ARG F 181 10.12 -7.33 -28.27
CA ARG F 181 10.51 -7.37 -26.87
C ARG F 181 12.00 -7.21 -26.69
N PHE F 182 12.79 -7.27 -27.77
CA PHE F 182 14.24 -7.16 -27.67
C PHE F 182 14.72 -5.87 -28.26
N PRO F 183 15.58 -5.14 -27.55
CA PRO F 183 16.20 -3.96 -28.13
C PRO F 183 16.92 -4.40 -29.38
N TYR F 184 17.09 -3.45 -30.30
CA TYR F 184 17.57 -3.83 -31.62
C TYR F 184 18.95 -4.48 -31.57
N GLY F 185 19.84 -3.98 -30.72
CA GLY F 185 21.16 -4.59 -30.63
C GLY F 185 21.12 -6.04 -30.14
N THR F 186 20.20 -6.35 -29.23
CA THR F 186 20.12 -7.70 -28.67
C THR F 186 19.93 -8.74 -29.77
N THR F 187 20.74 -9.79 -29.73
CA THR F 187 20.64 -10.91 -30.67
C THR F 187 19.68 -11.98 -30.13
N LEU F 188 18.84 -12.53 -31.02
CA LEU F 188 17.83 -13.51 -30.62
C LEU F 188 18.41 -14.91 -30.65
N THR F 189 18.32 -15.61 -29.51
CA THR F 189 18.62 -17.02 -29.35
C THR F 189 17.33 -17.80 -29.10
N HIS F 190 17.38 -19.11 -29.34
CA HIS F 190 16.26 -19.96 -28.96
C HIS F 190 15.95 -19.84 -27.47
N ASP F 191 17.00 -19.76 -26.66
CA ASP F 191 16.82 -19.76 -25.21
C ASP F 191 16.07 -18.52 -24.70
N ASN F 192 16.57 -17.32 -25.05
CA ASN F 192 15.96 -16.14 -24.45
C ASN F 192 14.61 -15.84 -25.08
N ILE F 193 14.42 -16.18 -26.36
CA ILE F 193 13.09 -16.03 -26.94
C ILE F 193 12.10 -16.86 -26.13
N ALA F 194 12.49 -18.09 -25.78
CA ALA F 194 11.60 -18.96 -25.02
C ALA F 194 11.26 -18.37 -23.66
N GLN F 195 12.24 -17.76 -22.99
CA GLN F 195 11.94 -17.19 -21.68
C GLN F 195 11.01 -15.99 -21.81
N VAL F 196 11.24 -15.11 -22.79
CA VAL F 196 10.37 -13.94 -22.93
C VAL F 196 8.95 -14.37 -23.18
N MET F 197 8.74 -15.32 -24.10
CA MET F 197 7.38 -15.75 -24.35
C MET F 197 6.77 -16.43 -23.13
N ALA F 198 7.59 -17.14 -22.34
CA ALA F 198 7.08 -17.80 -21.15
C ALA F 198 6.71 -16.78 -20.07
N ALA F 199 7.59 -15.82 -19.81
CA ALA F 199 7.32 -14.76 -18.84
C ALA F 199 6.04 -14.03 -19.17
N GLU F 200 5.80 -13.75 -20.46
CA GLU F 200 4.55 -13.09 -20.80
C GLU F 200 3.35 -14.00 -20.56
N LYS F 201 3.47 -15.30 -20.84
CA LYS F 201 2.33 -16.18 -20.61
C LYS F 201 1.95 -16.17 -19.13
N TYR F 202 2.95 -16.20 -18.26
CA TYR F 202 2.69 -16.18 -16.82
C TYR F 202 1.98 -14.91 -16.41
N LEU F 203 2.48 -13.77 -16.89
CA LEU F 203 1.80 -12.53 -16.62
C LEU F 203 0.36 -12.58 -17.12
N ARG F 204 0.16 -13.07 -18.34
CA ARG F 204 -1.19 -13.14 -18.87
C ARG F 204 -2.05 -14.04 -18.00
N SER F 205 -1.48 -15.11 -17.44
CA SER F 205 -2.25 -16.01 -16.61
C SER F 205 -2.65 -15.42 -15.26
N LEU F 206 -2.03 -14.32 -14.84
CA LEU F 206 -2.40 -13.69 -13.59
C LEU F 206 -3.59 -12.77 -13.75
N GLY F 207 -4.11 -12.64 -14.96
CA GLY F 207 -5.20 -11.75 -15.27
C GLY F 207 -4.78 -10.43 -15.87
N PHE F 208 -3.68 -10.41 -16.63
CA PHE F 208 -3.18 -9.22 -17.31
C PHE F 208 -3.04 -9.60 -18.77
N PRO F 209 -4.13 -9.53 -19.53
CA PRO F 209 -4.05 -9.95 -20.94
C PRO F 209 -3.14 -9.06 -21.77
N THR F 210 -2.98 -7.80 -21.38
CA THR F 210 -2.05 -6.90 -22.02
C THR F 210 -0.82 -6.80 -21.15
N VAL F 211 0.33 -7.21 -21.69
CA VAL F 211 1.59 -7.19 -20.95
C VAL F 211 2.71 -7.27 -21.97
N ARG F 212 3.86 -6.71 -21.62
CA ARG F 212 5.08 -6.88 -22.38
C ARG F 212 6.19 -7.20 -21.41
N VAL F 213 7.01 -8.21 -21.74
CA VAL F 213 8.26 -8.45 -21.05
C VAL F 213 9.38 -8.00 -21.97
N ARG F 214 10.03 -6.89 -21.66
CA ARG F 214 11.12 -6.40 -22.46
C ARG F 214 12.40 -6.98 -21.90
N PHE F 215 13.26 -7.42 -22.80
CA PHE F 215 14.48 -8.15 -22.47
C PHE F 215 15.64 -7.17 -22.46
N HIS F 216 16.35 -7.10 -21.35
CA HIS F 216 17.56 -6.29 -21.27
C HIS F 216 18.65 -7.11 -20.59
N ASN F 217 18.96 -8.24 -21.23
CA ASN F 217 19.95 -9.17 -20.74
C ASN F 217 19.61 -9.59 -19.31
N ASP F 218 20.29 -8.98 -18.35
CA ASP F 218 20.16 -9.37 -16.97
C ASP F 218 18.81 -8.97 -16.39
N ILE F 219 18.17 -7.99 -17.00
CA ILE F 219 17.01 -7.33 -16.45
C ILE F 219 15.80 -7.57 -17.33
N ALA F 220 14.72 -8.04 -16.72
CA ALA F 220 13.42 -8.00 -17.35
C ALA F 220 12.77 -6.69 -16.96
N ARG F 221 12.19 -6.02 -17.92
CA ARG F 221 11.49 -4.76 -17.69
C ARG F 221 10.05 -4.96 -18.12
N ILE F 222 9.14 -4.99 -17.16
CA ILE F 222 7.75 -5.31 -17.49
C ILE F 222 7.02 -4.02 -17.80
N GLU F 223 6.35 -3.97 -18.94
CA GLU F 223 5.47 -2.87 -19.32
C GLU F 223 4.02 -3.32 -19.13
N LEU F 224 3.35 -2.75 -18.14
CA LEU F 224 1.93 -2.98 -17.88
C LEU F 224 1.12 -1.72 -18.17
N PRO F 225 -0.19 -1.86 -18.42
CA PRO F 225 -1.08 -0.70 -18.50
C PRO F 225 -1.20 -0.02 -17.14
N GLU F 226 -0.87 1.27 -17.10
CA GLU F 226 -0.73 1.99 -15.83
C GLU F 226 -1.95 1.83 -14.95
N ALA F 227 -3.14 1.86 -15.55
CA ALA F 227 -4.33 1.63 -14.75
C ALA F 227 -4.27 0.33 -13.96
N ARG F 228 -3.38 -0.60 -14.33
CA ARG F 228 -3.37 -1.93 -13.72
C ARG F 228 -2.28 -2.11 -12.66
N ILE F 229 -1.32 -1.19 -12.57
CA ILE F 229 -0.22 -1.38 -11.64
C ILE F 229 -0.69 -1.49 -10.19
N GLY F 230 -1.82 -0.89 -9.86
CA GLY F 230 -2.31 -1.05 -8.50
C GLY F 230 -2.68 -2.49 -8.21
N ASP F 231 -3.40 -3.13 -9.13
CA ASP F 231 -3.90 -4.48 -8.92
C ASP F 231 -2.77 -5.51 -8.97
N PHE F 232 -1.58 -5.08 -9.35
CA PHE F 232 -0.45 -5.99 -9.57
C PHE F 232 0.37 -6.26 -8.34
N LEU F 233 0.32 -5.38 -7.34
CA LEU F 233 1.24 -5.50 -6.23
C LEU F 233 1.15 -6.85 -5.55
N VAL F 234 -0.04 -7.46 -5.51
CA VAL F 234 -0.20 -8.70 -4.77
C VAL F 234 0.65 -9.80 -5.40
N PHE F 235 1.03 -9.62 -6.66
CA PHE F 235 1.80 -10.59 -7.39
C PHE F 235 3.29 -10.29 -7.49
N ASN F 236 3.77 -9.19 -6.92
CA ASN F 236 5.19 -8.85 -7.06
C ASN F 236 6.07 -10.07 -6.86
N ASP F 237 6.10 -10.58 -5.63
CA ASP F 237 7.05 -11.61 -5.27
C ASP F 237 6.89 -12.83 -6.18
N ARG F 238 5.65 -13.20 -6.48
CA ARG F 238 5.46 -14.33 -7.39
C ARG F 238 6.04 -14.04 -8.76
N VAL F 239 5.77 -12.87 -9.32
CA VAL F 239 6.36 -12.52 -10.61
C VAL F 239 7.89 -12.44 -10.49
N ASN F 240 8.39 -11.93 -9.38
CA ASN F 240 9.83 -11.82 -9.22
C ASN F 240 10.49 -13.20 -9.25
N ARG F 241 9.98 -14.12 -8.43
CA ARG F 241 10.55 -15.46 -8.33
C ARG F 241 10.34 -16.24 -9.62
N GLN F 242 9.14 -16.14 -10.20
CA GLN F 242 8.82 -16.94 -11.38
C GLN F 242 9.63 -16.51 -12.60
N LEU F 243 9.85 -15.22 -12.78
CA LEU F 243 10.74 -14.79 -13.85
C LEU F 243 12.20 -14.96 -13.50
N GLN F 244 12.56 -15.04 -12.23
CA GLN F 244 13.96 -15.33 -11.96
C GLN F 244 14.30 -16.75 -12.29
N SER F 245 13.36 -17.68 -12.12
CA SER F 245 13.65 -19.04 -12.51
C SER F 245 13.65 -19.19 -14.03
N LEU F 246 13.06 -18.24 -14.73
CA LEU F 246 13.10 -18.26 -16.18
C LEU F 246 14.36 -17.63 -16.74
N GLY F 247 15.28 -17.18 -15.88
CA GLY F 247 16.59 -16.76 -16.34
C GLY F 247 16.98 -15.36 -15.97
N PHE F 248 16.01 -14.53 -15.57
CA PHE F 248 16.25 -13.12 -15.31
C PHE F 248 16.87 -12.92 -13.94
N ARG F 249 17.92 -12.09 -13.87
CA ARG F 249 18.54 -11.80 -12.59
C ARG F 249 17.76 -10.73 -11.85
N TYR F 250 17.26 -9.74 -12.57
CA TYR F 250 16.53 -8.65 -11.97
C TYR F 250 15.21 -8.52 -12.68
N VAL F 251 14.10 -8.59 -11.95
CA VAL F 251 12.77 -8.40 -12.51
C VAL F 251 12.28 -7.04 -12.06
N THR F 252 11.99 -6.16 -13.01
CA THR F 252 11.57 -4.81 -12.69
C THR F 252 10.32 -4.41 -13.46
N LEU F 253 9.70 -3.34 -12.98
CA LEU F 253 8.49 -2.79 -13.57
C LEU F 253 8.73 -1.38 -14.08
N ASP F 254 8.39 -1.13 -15.35
CA ASP F 254 8.59 0.19 -15.92
C ASP F 254 7.59 1.14 -15.31
N LEU F 255 8.10 2.17 -14.62
CA LEU F 255 7.24 3.17 -13.99
C LEU F 255 6.46 3.96 -15.02
N GLY F 256 6.86 3.87 -16.28
CA GLY F 256 6.17 4.50 -17.37
C GLY F 256 4.99 3.64 -17.64
N GLY F 257 4.83 3.14 -18.86
CA GLY F 257 3.63 2.40 -19.14
C GLY F 257 3.81 1.51 -20.33
N PHE F 258 2.72 0.85 -20.68
CA PHE F 258 2.60 0.15 -21.93
C PHE F 258 2.97 1.01 -23.16
#